data_7ZES
#
_entry.id   7ZES
#
_cell.length_a   1.00
_cell.length_b   1.00
_cell.length_c   1.00
_cell.angle_alpha   90.00
_cell.angle_beta   90.00
_cell.angle_gamma   90.00
#
_symmetry.space_group_name_H-M   'P 1'
#
loop_
_entity.id
_entity.type
_entity.pdbx_description
1 polymer 'Schlafen family member 11'
2 polymer "DNA (5'-D(P*CP*GP*CP*GP*T)-3')"
3 non-polymer 'ZINC ION'
4 non-polymer 'MAGNESIUM ION'
#
loop_
_entity_poly.entity_id
_entity_poly.type
_entity_poly.pdbx_seq_one_letter_code
_entity_poly.pdbx_strand_id
1 'polypeptide(L)'
;MADYKDDDDKGTDYKDDDDKLEVLFQGPMEANQCPLVVEPSYPDLVINVGEVTLGEENRKKLQKIQRDQEKERVMRAACA
LLNSGGGVIRMAKKVEHPVEMGLDLEQSLRELIQSSDLQAFFETKQQGRCFYIFVKSWSSGPFPEDRSVKPRLCSLSSSL
YRRSETSVRSMDSREAFCFLKTKRKPKILEEGPFHKIHKGVYQELPNSDPADPNSDPADLIFQKDYLEYGEILPFPESQL
VEFKQFSTKHFQEYVKRTIPEYVPAFANTGGGYLFIGVDDKSREVLGCAKENVDPDSLRRKIEQAIYKLPCVHFCQPQRP
ITFTLKIVNVLKRGELYGYACMIRVNPFCCAVFSEAPNSWIVEDKYVCSLTTEKWVGMMTDTDPDLLQLSEDFECQLSLS
SGPPLSRPVYSKKGLEHKKELQQLLFSVPPGYLRYTPESLWRDLISEHRGLEELINKQMQPFFRGILIFSRSWAVDLNLQ
EKPGVICDALLIAQNSTPILYTILREQDAEGQDYCTRTAFTLKQKLVNMGGYTGKVCVRAKVLCLSPESSAEALEAAVSP
MDYPASYSLAGTQHMEALLQSLVIVLLGFRSLLSDQLGCEVLNLLTAQQYEIFSRSLRKNRELFVHGLPGSGKTIMAMKI
MEKIRNVFHCEAHRILYVCENQPLRNFISDRNICRAETRKTFLRENFEHIQHIVIDEAQNFRTEDGDWYGKAKSITRRAK
GGPGILWIFLDYFQTSHLDCSGLPPLSDQYPREELTRIVRNADPIAKYLQKEMQVIRSNPSFNIPTGCLEVFPEAEWSQG
VQGTLRIKKYLTVEQIMTCVADTCRRFFDRGYSPKDVAVLVSTAKEVEHYKYELLKAMRKKRVVQLSDACDMLGDHIVLD
SVRRFSGLERSIVFGIHPRTADPAILPNVLICLASRAKQHLYIFPWGGH
;
A,B
2 'polydeoxyribonucleotide' (DC)(DG)(DC)(DG)(DT) D,E
#
# COMPACT_ATOMS: atom_id res chain seq x y z
N PRO A 35 43.93 -3.01 -3.51
CA PRO A 35 42.68 -2.53 -2.94
C PRO A 35 42.27 -1.17 -3.50
N LEU A 36 40.97 -1.00 -3.76
CA LEU A 36 40.48 0.26 -4.29
C LEU A 36 40.26 1.24 -3.15
N VAL A 37 40.73 2.48 -3.34
CA VAL A 37 40.62 3.53 -2.33
C VAL A 37 39.95 4.73 -2.97
N VAL A 38 39.00 5.32 -2.26
CA VAL A 38 38.30 6.50 -2.78
C VAL A 38 39.19 7.71 -2.65
N GLU A 39 39.41 8.40 -3.76
CA GLU A 39 40.30 9.55 -3.79
C GLU A 39 39.56 10.82 -3.39
N PRO A 40 40.08 11.58 -2.41
CA PRO A 40 39.25 12.55 -1.68
C PRO A 40 39.27 13.98 -2.19
N SER A 41 39.89 14.27 -3.33
CA SER A 41 39.92 15.63 -3.85
C SER A 41 38.63 16.04 -4.56
N TYR A 42 37.56 15.26 -4.42
CA TYR A 42 36.39 15.48 -5.24
C TYR A 42 35.13 15.61 -4.38
N PRO A 43 34.13 16.35 -4.85
CA PRO A 43 32.85 16.43 -4.12
C PRO A 43 31.94 15.27 -4.47
N ASP A 44 32.48 14.06 -4.44
CA ASP A 44 31.75 12.87 -4.86
C ASP A 44 32.60 11.66 -4.51
N LEU A 45 32.01 10.47 -4.67
CA LEU A 45 32.77 9.23 -4.53
C LEU A 45 33.44 8.93 -5.87
N VAL A 46 34.76 9.03 -5.91
CA VAL A 46 35.53 8.70 -7.10
C VAL A 46 36.45 7.55 -6.75
N ILE A 47 36.35 6.45 -7.49
CA ILE A 47 37.16 5.26 -7.26
C ILE A 47 38.07 5.10 -8.47
N ASN A 48 39.37 4.97 -8.21
CA ASN A 48 40.37 4.84 -9.26
C ASN A 48 40.75 3.37 -9.35
N VAL A 49 40.29 2.71 -10.42
CA VAL A 49 40.51 1.28 -10.59
C VAL A 49 41.77 1.04 -11.39
N GLY A 50 42.56 2.09 -11.59
CA GLY A 50 43.82 1.91 -12.29
C GLY A 50 43.64 1.81 -13.79
N GLU A 51 44.39 0.90 -14.40
CA GLU A 51 44.44 0.77 -15.85
C GLU A 51 43.58 -0.42 -16.28
N VAL A 52 42.67 -0.19 -17.21
CA VAL A 52 41.75 -1.20 -17.69
C VAL A 52 41.74 -1.16 -19.22
N THR A 53 41.78 -2.34 -19.84
CA THR A 53 41.70 -2.47 -21.29
C THR A 53 40.25 -2.36 -21.73
N LEU A 54 40.00 -1.53 -22.74
CA LEU A 54 38.64 -1.26 -23.19
C LEU A 54 38.54 -1.49 -24.68
N GLY A 55 37.32 -1.73 -25.14
CA GLY A 55 37.09 -2.10 -26.51
C GLY A 55 37.08 -3.61 -26.65
N GLU A 56 36.05 -4.16 -27.30
CA GLU A 56 35.93 -5.62 -27.35
C GLU A 56 37.08 -6.24 -28.14
N GLU A 57 37.52 -5.59 -29.21
CA GLU A 57 38.65 -6.13 -29.96
C GLU A 57 39.90 -6.20 -29.10
N ASN A 58 40.15 -5.18 -28.27
CA ASN A 58 41.32 -5.20 -27.43
C ASN A 58 41.16 -6.16 -26.26
N ARG A 59 39.94 -6.35 -25.77
CA ARG A 59 39.73 -7.25 -24.65
C ARG A 59 39.80 -8.72 -25.07
N LYS A 60 39.40 -9.03 -26.31
CA LYS A 60 39.47 -10.42 -26.77
C LYS A 60 40.92 -10.89 -26.85
N LYS A 61 41.81 -10.02 -27.34
CA LYS A 61 43.21 -10.41 -27.49
C LYS A 61 43.89 -10.70 -26.16
N LEU A 62 43.31 -10.26 -25.05
CA LEU A 62 43.94 -10.48 -23.76
C LEU A 62 43.78 -11.93 -23.32
N GLN A 63 44.58 -12.31 -22.33
CA GLN A 63 44.43 -13.61 -21.70
C GLN A 63 43.15 -13.64 -20.87
N LYS A 64 42.65 -14.84 -20.61
CA LYS A 64 41.42 -14.97 -19.85
C LYS A 64 41.58 -14.47 -18.42
N ILE A 65 42.72 -14.76 -17.79
CA ILE A 65 42.93 -14.35 -16.41
C ILE A 65 43.01 -12.83 -16.30
N GLN A 66 43.75 -12.18 -17.21
CA GLN A 66 43.84 -10.72 -17.17
C GLN A 66 42.49 -10.07 -17.44
N ARG A 67 41.76 -10.59 -18.42
CA ARG A 67 40.43 -10.06 -18.74
C ARG A 67 39.51 -10.18 -17.54
N ASP A 68 39.52 -11.35 -16.89
CA ASP A 68 38.68 -11.56 -15.72
C ASP A 68 39.08 -10.66 -14.57
N GLN A 69 40.38 -10.44 -14.35
CA GLN A 69 40.81 -9.58 -13.26
C GLN A 69 40.38 -8.14 -13.48
N GLU A 70 40.57 -7.62 -14.69
CA GLU A 70 40.14 -6.26 -14.98
C GLU A 70 38.63 -6.10 -14.84
N LYS A 71 37.88 -7.06 -15.37
CA LYS A 71 36.43 -6.99 -15.26
C LYS A 71 36.00 -7.04 -13.80
N GLU A 72 36.62 -7.91 -13.00
CA GLU A 72 36.20 -8.04 -11.61
C GLU A 72 36.54 -6.80 -10.80
N ARG A 73 37.69 -6.15 -11.08
CA ARG A 73 38.01 -4.91 -10.38
C ARG A 73 37.01 -3.81 -10.73
N VAL A 74 36.68 -3.68 -12.03
CA VAL A 74 35.70 -2.67 -12.43
C VAL A 74 34.35 -2.95 -11.78
N MET A 75 33.97 -4.23 -11.67
CA MET A 75 32.67 -4.54 -11.08
C MET A 75 32.68 -4.38 -9.57
N ARG A 76 33.81 -4.60 -8.91
CA ARG A 76 33.91 -4.25 -7.50
C ARG A 76 33.65 -2.76 -7.30
N ALA A 77 34.27 -1.93 -8.14
CA ALA A 77 34.03 -0.49 -8.03
C ALA A 77 32.57 -0.14 -8.30
N ALA A 78 31.99 -0.72 -9.34
CA ALA A 78 30.61 -0.39 -9.70
C ALA A 78 29.64 -0.83 -8.62
N CYS A 79 29.83 -2.02 -8.05
CA CYS A 79 28.97 -2.48 -6.97
C CYS A 79 29.13 -1.59 -5.74
N ALA A 80 30.36 -1.22 -5.41
CA ALA A 80 30.59 -0.36 -4.26
C ALA A 80 29.89 0.97 -4.42
N LEU A 81 29.91 1.54 -5.63
CA LEU A 81 29.25 2.82 -5.85
C LEU A 81 27.73 2.67 -5.89
N LEU A 82 27.23 1.55 -6.40
CA LEU A 82 25.79 1.32 -6.40
C LEU A 82 25.24 1.19 -4.98
N ASN A 83 26.00 0.55 -4.10
CA ASN A 83 25.54 0.34 -2.74
C ASN A 83 25.86 1.50 -1.81
N SER A 84 26.54 2.54 -2.28
CA SER A 84 27.01 3.61 -1.41
C SER A 84 26.61 4.99 -1.91
N GLY A 85 25.48 5.13 -2.58
CA GLY A 85 24.98 6.42 -2.96
C GLY A 85 25.42 6.95 -4.30
N GLY A 86 26.24 6.21 -5.04
CA GLY A 86 26.66 6.62 -6.36
C GLY A 86 28.00 7.32 -6.35
N GLY A 87 28.51 7.56 -7.56
CA GLY A 87 29.83 8.18 -7.68
C GLY A 87 30.33 8.14 -9.11
N VAL A 88 31.66 8.07 -9.22
CA VAL A 88 32.35 7.99 -10.52
C VAL A 88 33.42 6.91 -10.42
N ILE A 89 33.54 6.09 -11.46
CA ILE A 89 34.63 5.12 -11.57
C ILE A 89 35.65 5.69 -12.54
N ARG A 90 36.90 5.78 -12.09
CA ARG A 90 37.98 6.34 -12.89
C ARG A 90 38.93 5.22 -13.31
N MET A 91 39.05 5.02 -14.62
CA MET A 91 39.98 4.07 -15.18
C MET A 91 40.80 4.77 -16.24
N ALA A 92 42.09 4.44 -16.31
CA ALA A 92 42.97 5.01 -17.31
C ALA A 92 43.13 4.02 -18.46
N LYS A 93 42.72 4.41 -19.65
CA LYS A 93 42.79 3.52 -20.80
C LYS A 93 44.13 3.66 -21.51
N LYS A 94 44.45 2.65 -22.30
CA LYS A 94 45.77 2.51 -22.92
C LYS A 94 45.84 3.08 -24.32
N VAL A 95 44.78 3.75 -24.78
CA VAL A 95 44.74 4.32 -26.12
C VAL A 95 44.23 5.74 -26.01
N GLU A 96 44.26 6.46 -27.15
CA GLU A 96 43.78 7.84 -27.16
C GLU A 96 42.40 7.95 -27.80
N HIS A 97 42.15 7.18 -28.85
CA HIS A 97 40.93 7.30 -29.63
C HIS A 97 39.74 6.76 -28.85
N PRO A 98 38.52 7.23 -29.17
CA PRO A 98 37.33 6.73 -28.46
C PRO A 98 37.13 5.24 -28.67
N VAL A 99 36.80 4.54 -27.59
CA VAL A 99 36.56 3.10 -27.63
C VAL A 99 35.29 2.79 -26.85
N GLU A 100 34.67 1.66 -27.19
CA GLU A 100 33.54 1.18 -26.42
C GLU A 100 34.04 0.49 -25.15
N MET A 101 33.12 0.23 -24.23
CA MET A 101 33.50 -0.43 -22.99
C MET A 101 33.87 -1.88 -23.23
N GLY A 102 33.05 -2.60 -23.99
CA GLY A 102 33.31 -4.01 -24.24
C GLY A 102 32.14 -4.88 -23.82
N LEU A 103 31.96 -6.01 -24.49
CA LEU A 103 30.77 -6.83 -24.29
C LEU A 103 30.74 -7.48 -22.91
N ASP A 104 31.88 -7.96 -22.42
CA ASP A 104 31.88 -8.60 -21.11
C ASP A 104 31.62 -7.60 -19.98
N LEU A 105 32.17 -6.40 -20.08
CA LEU A 105 31.90 -5.38 -19.07
C LEU A 105 30.42 -4.97 -19.08
N GLU A 106 29.86 -4.78 -20.27
CA GLU A 106 28.44 -4.46 -20.39
C GLU A 106 27.58 -5.56 -19.78
N GLN A 107 27.91 -6.81 -20.10
CA GLN A 107 27.11 -7.92 -19.59
C GLN A 107 27.20 -8.04 -18.09
N SER A 108 28.39 -7.82 -17.51
CA SER A 108 28.50 -7.88 -16.06
C SER A 108 27.73 -6.74 -15.41
N LEU A 109 27.74 -5.55 -16.00
CA LEU A 109 26.93 -4.46 -15.46
C LEU A 109 25.43 -4.78 -15.54
N ARG A 110 24.99 -5.36 -16.67
CA ARG A 110 23.59 -5.76 -16.78
C ARG A 110 23.21 -6.76 -15.71
N GLU A 111 24.04 -7.78 -15.51
CA GLU A 111 23.78 -8.74 -14.46
C GLU A 111 23.81 -8.11 -13.09
N LEU A 112 24.61 -7.06 -12.89
CA LEU A 112 24.68 -6.37 -11.62
C LEU A 112 23.38 -5.64 -11.31
N ILE A 113 22.84 -4.89 -12.27
CA ILE A 113 21.58 -4.19 -12.03
C ILE A 113 20.37 -5.00 -12.47
N GLN A 114 20.58 -6.23 -12.94
CA GLN A 114 19.49 -7.15 -13.28
C GLN A 114 18.53 -6.58 -14.31
N SER A 115 19.04 -5.81 -15.26
CA SER A 115 18.21 -5.25 -16.31
C SER A 115 19.09 -4.83 -17.46
N SER A 116 18.48 -4.73 -18.64
CA SER A 116 19.16 -4.17 -19.79
C SER A 116 19.05 -2.65 -19.84
N ASP A 117 18.29 -2.05 -18.92
CA ASP A 117 18.21 -0.59 -18.81
C ASP A 117 19.50 -0.06 -18.21
N LEU A 118 20.57 -0.20 -18.99
CA LEU A 118 21.90 0.13 -18.50
C LEU A 118 22.10 1.63 -18.44
N GLN A 119 21.37 2.38 -19.26
CA GLN A 119 21.53 3.82 -19.33
C GLN A 119 21.09 4.50 -18.04
N ALA A 120 20.11 3.92 -17.34
CA ALA A 120 19.54 4.58 -16.17
C ALA A 120 20.57 4.71 -15.05
N PHE A 121 21.40 3.69 -14.86
CA PHE A 121 22.32 3.69 -13.74
C PHE A 121 23.75 4.06 -14.12
N PHE A 122 24.19 3.73 -15.32
CA PHE A 122 25.56 3.95 -15.74
C PHE A 122 25.60 4.87 -16.95
N GLU A 123 26.57 5.78 -16.95
CA GLU A 123 26.86 6.60 -18.12
C GLU A 123 28.37 6.78 -18.21
N THR A 124 28.86 6.89 -19.45
CA THR A 124 30.29 6.87 -19.71
C THR A 124 30.73 8.13 -20.42
N LYS A 125 31.87 8.66 -20.00
CA LYS A 125 32.56 9.73 -20.71
C LYS A 125 34.05 9.44 -20.69
N GLN A 126 34.74 9.89 -21.73
CA GLN A 126 36.16 9.64 -21.87
C GLN A 126 36.85 10.88 -22.39
N GLN A 127 38.02 11.18 -21.82
CA GLN A 127 38.80 12.36 -22.21
C GLN A 127 40.27 11.95 -22.26
N GLY A 128 40.84 11.95 -23.46
CA GLY A 128 42.25 11.60 -23.57
C GLY A 128 42.46 10.15 -23.21
N ARG A 129 43.25 9.92 -22.16
CA ARG A 129 43.52 8.58 -21.67
C ARG A 129 42.68 8.17 -20.47
N CYS A 130 41.66 8.94 -20.11
CA CYS A 130 40.87 8.67 -18.92
C CYS A 130 39.44 8.30 -19.33
N PHE A 131 38.89 7.27 -18.68
CA PHE A 131 37.55 6.78 -18.98
C PHE A 131 36.72 6.85 -17.71
N TYR A 132 35.55 7.46 -17.80
CA TYR A 132 34.69 7.73 -16.65
C TYR A 132 33.40 6.95 -16.78
N ILE A 133 33.00 6.27 -15.70
CA ILE A 133 31.69 5.64 -15.61
C ILE A 133 30.98 6.26 -14.42
N PHE A 134 29.86 6.94 -14.68
CA PHE A 134 29.11 7.64 -13.63
C PHE A 134 28.00 6.73 -13.14
N VAL A 135 28.09 6.32 -11.88
CA VAL A 135 27.21 5.30 -11.30
C VAL A 135 26.16 5.99 -10.46
N LYS A 136 24.89 5.68 -10.72
CA LYS A 136 23.80 6.12 -9.88
C LYS A 136 23.61 5.15 -8.72
N SER A 137 22.97 5.63 -7.67
CA SER A 137 22.70 4.79 -6.51
C SER A 137 21.60 3.77 -6.84
N TRP A 138 21.76 2.57 -6.30
CA TRP A 138 20.78 1.52 -6.54
C TRP A 138 19.46 1.84 -5.86
N SER A 139 19.47 1.84 -4.53
CA SER A 139 18.30 2.16 -3.73
C SER A 139 18.66 3.32 -2.81
N SER A 140 17.90 4.40 -2.90
CA SER A 140 18.20 5.63 -2.19
C SER A 140 17.13 5.90 -1.15
N GLY A 141 17.57 6.27 0.05
CA GLY A 141 16.65 6.65 1.11
C GLY A 141 16.57 5.62 2.21
N PRO A 142 16.13 6.05 3.39
CA PRO A 142 15.95 5.11 4.50
C PRO A 142 14.64 4.35 4.40
N PHE A 143 13.63 4.99 3.81
CA PHE A 143 12.31 4.38 3.60
C PHE A 143 11.94 4.58 2.13
N PRO A 144 12.50 3.76 1.24
CA PRO A 144 12.19 3.91 -0.18
C PRO A 144 10.75 3.51 -0.48
N GLU A 145 10.25 4.04 -1.60
CA GLU A 145 8.90 3.69 -2.03
C GLU A 145 8.80 2.22 -2.46
N ASP A 146 9.92 1.56 -2.72
CA ASP A 146 9.95 0.16 -3.10
C ASP A 146 10.60 -0.71 -2.03
N ARG A 147 10.35 -0.43 -0.76
CA ARG A 147 11.08 -1.09 0.32
C ARG A 147 10.82 -2.58 0.36
N SER A 148 9.57 -2.99 0.13
CA SER A 148 9.19 -4.39 0.18
C SER A 148 9.18 -5.06 -1.19
N VAL A 149 9.60 -4.37 -2.24
CA VAL A 149 9.55 -4.89 -3.60
C VAL A 149 10.95 -5.23 -4.12
N LYS A 150 11.85 -4.25 -4.11
CA LYS A 150 13.19 -4.41 -4.66
C LYS A 150 14.21 -4.52 -3.53
N PRO A 151 15.30 -5.24 -3.74
CA PRO A 151 16.32 -5.36 -2.70
C PRO A 151 17.11 -4.08 -2.54
N ARG A 152 17.75 -3.89 -1.38
CA ARG A 152 18.50 -2.63 -1.12
C ARG A 152 19.94 -2.76 -1.63
N LEU A 153 20.41 -3.99 -1.86
CA LEU A 153 21.80 -4.19 -2.23
C LEU A 153 21.92 -4.76 -3.64
N CYS A 154 22.88 -4.23 -4.39
CA CYS A 154 23.39 -4.91 -5.57
C CYS A 154 24.59 -5.76 -5.17
N SER A 155 24.71 -6.92 -5.79
CA SER A 155 25.80 -7.83 -5.47
C SER A 155 26.33 -8.48 -6.74
N LEU A 156 27.64 -8.75 -6.73
CA LEU A 156 28.22 -9.54 -7.81
C LEU A 156 27.68 -10.96 -7.80
N SER A 157 27.54 -11.55 -6.61
CA SER A 157 26.94 -12.86 -6.43
C SER A 157 26.50 -13.00 -4.99
N SER A 158 25.31 -13.56 -4.80
CA SER A 158 24.75 -13.73 -3.46
C SER A 158 25.23 -14.99 -2.77
N SER A 159 25.88 -15.91 -3.48
CA SER A 159 26.37 -17.18 -2.95
C SER A 159 25.26 -18.03 -2.36
N LEU A 160 24.03 -17.86 -2.82
CA LEU A 160 22.91 -18.71 -2.44
C LEU A 160 22.53 -19.55 -3.65
N TYR A 161 22.74 -20.86 -3.55
CA TYR A 161 22.35 -21.78 -4.60
C TYR A 161 21.07 -22.51 -4.21
N ARG A 162 20.39 -23.03 -5.23
CA ARG A 162 19.28 -23.94 -4.98
C ARG A 162 19.17 -24.92 -6.13
N ARG A 163 18.59 -26.08 -5.82
CA ARG A 163 18.32 -27.11 -6.81
C ARG A 163 17.16 -26.68 -7.69
N SER A 164 17.34 -26.72 -9.00
CA SER A 164 16.28 -26.43 -9.96
C SER A 164 16.14 -27.64 -10.88
N GLU A 165 15.35 -28.62 -10.43
CA GLU A 165 15.19 -29.90 -11.12
C GLU A 165 16.60 -30.51 -11.18
N THR A 166 17.15 -30.79 -12.36
CA THR A 166 18.41 -31.51 -12.47
C THR A 166 19.64 -30.60 -12.54
N SER A 167 19.55 -29.38 -12.03
CA SER A 167 20.69 -28.47 -12.07
C SER A 167 20.68 -27.59 -10.84
N VAL A 168 21.87 -27.10 -10.47
CA VAL A 168 22.06 -26.19 -9.35
C VAL A 168 22.27 -24.79 -9.88
N ARG A 169 21.42 -23.86 -9.48
CA ARG A 169 21.46 -22.49 -9.96
C ARG A 169 21.60 -21.53 -8.79
N SER A 170 22.27 -20.41 -9.05
CA SER A 170 22.46 -19.39 -8.02
C SER A 170 21.30 -18.41 -8.03
N MET A 171 20.93 -17.93 -6.84
CA MET A 171 19.88 -16.94 -6.72
C MET A 171 20.47 -15.55 -6.92
N ASP A 172 19.87 -14.77 -7.81
CA ASP A 172 20.29 -13.39 -7.95
C ASP A 172 19.80 -12.57 -6.76
N SER A 173 20.00 -11.25 -6.81
CA SER A 173 19.62 -10.41 -5.69
C SER A 173 18.12 -10.40 -5.46
N ARG A 174 17.32 -10.36 -6.53
CA ARG A 174 15.87 -10.39 -6.36
C ARG A 174 15.38 -11.74 -5.86
N GLU A 175 15.88 -12.82 -6.46
CA GLU A 175 15.50 -14.16 -6.01
C GLU A 175 15.95 -14.40 -4.58
N ALA A 176 17.17 -13.98 -4.22
CA ALA A 176 17.64 -14.14 -2.85
C ALA A 176 16.82 -13.28 -1.90
N PHE A 177 16.41 -12.10 -2.34
CA PHE A 177 15.58 -11.23 -1.50
C PHE A 177 14.26 -11.92 -1.18
N CYS A 178 13.57 -12.44 -2.20
CA CYS A 178 12.32 -13.14 -1.96
C CYS A 178 12.53 -14.42 -1.14
N PHE A 179 13.61 -15.15 -1.40
CA PHE A 179 13.91 -16.35 -0.64
C PHE A 179 14.08 -16.06 0.85
N LEU A 180 14.87 -15.04 1.17
CA LEU A 180 15.07 -14.67 2.56
C LEU A 180 13.78 -14.13 3.17
N LYS A 181 12.96 -13.45 2.35
CA LYS A 181 11.67 -12.98 2.83
C LYS A 181 10.77 -14.13 3.25
N THR A 182 10.72 -15.20 2.45
CA THR A 182 9.92 -16.36 2.83
C THR A 182 10.52 -17.11 4.00
N LYS A 183 11.85 -17.24 4.04
CA LYS A 183 12.50 -17.89 5.18
C LYS A 183 12.29 -17.12 6.47
N ARG A 184 12.06 -15.80 6.36
CA ARG A 184 11.91 -14.97 7.55
C ARG A 184 10.54 -15.17 8.20
N LYS A 185 9.52 -15.48 7.41
CA LYS A 185 8.17 -15.60 7.95
C LYS A 185 8.10 -16.76 8.94
N PRO A 186 7.42 -16.58 10.08
CA PRO A 186 7.27 -17.62 11.10
C PRO A 186 6.38 -18.78 10.66
N ASP A 216 10.47 -41.80 -0.96
CA ASP A 216 11.15 -41.69 -2.24
C ASP A 216 11.86 -42.98 -2.59
N PRO A 217 11.85 -43.36 -3.87
CA PRO A 217 12.58 -44.56 -4.30
C PRO A 217 14.08 -44.46 -4.10
N ALA A 218 14.62 -43.24 -3.97
CA ALA A 218 16.04 -43.05 -3.77
C ALA A 218 16.52 -43.50 -2.39
N ASP A 219 15.63 -43.60 -1.41
CA ASP A 219 16.02 -44.05 -0.09
C ASP A 219 16.30 -45.54 -0.07
N LEU A 220 15.67 -46.31 -0.96
CA LEU A 220 15.86 -47.76 -0.98
C LEU A 220 17.30 -48.15 -1.30
N ILE A 221 18.04 -47.28 -1.99
CA ILE A 221 19.45 -47.52 -2.26
C ILE A 221 20.25 -47.06 -1.06
N PHE A 222 19.77 -46.02 -0.39
CA PHE A 222 20.50 -45.43 0.72
C PHE A 222 20.59 -46.39 1.90
N GLN A 223 19.60 -47.26 2.08
CA GLN A 223 19.60 -48.20 3.19
C GLN A 223 20.53 -49.38 2.98
N LYS A 224 20.97 -49.61 1.75
CA LYS A 224 21.83 -50.76 1.46
C LYS A 224 23.20 -50.57 2.10
N ASP A 225 23.74 -51.64 2.65
CA ASP A 225 25.06 -51.59 3.26
C ASP A 225 26.19 -51.87 2.28
N TYR A 226 25.87 -52.38 1.10
CA TYR A 226 26.86 -52.61 0.06
C TYR A 226 26.19 -52.50 -1.30
N LEU A 227 27.00 -52.23 -2.32
CA LEU A 227 26.51 -52.05 -3.68
C LEU A 227 27.33 -52.89 -4.64
N GLU A 228 26.64 -53.52 -5.59
CA GLU A 228 27.30 -54.32 -6.61
C GLU A 228 27.86 -53.42 -7.70
N TYR A 229 29.08 -53.73 -8.14
CA TYR A 229 29.69 -52.97 -9.22
C TYR A 229 28.84 -53.07 -10.47
N GLY A 230 28.58 -51.92 -11.10
CA GLY A 230 27.77 -51.89 -12.30
C GLY A 230 26.28 -51.97 -12.08
N GLU A 231 25.82 -51.96 -10.82
CA GLU A 231 24.39 -51.96 -10.56
C GLU A 231 23.75 -50.70 -11.10
N ILE A 232 22.71 -50.85 -11.90
CA ILE A 232 22.03 -49.71 -12.50
C ILE A 232 20.92 -49.25 -11.57
N LEU A 233 20.94 -47.99 -11.20
CA LEU A 233 19.92 -47.43 -10.32
C LEU A 233 18.67 -47.09 -11.13
N PRO A 234 17.47 -47.40 -10.65
CA PRO A 234 16.27 -47.13 -11.47
C PRO A 234 15.96 -45.65 -11.64
N PHE A 235 15.96 -44.88 -10.55
CA PHE A 235 15.58 -43.49 -10.61
C PHE A 235 16.62 -42.66 -11.36
N PRO A 236 16.19 -41.60 -12.05
CA PRO A 236 17.13 -40.70 -12.71
C PRO A 236 17.61 -39.61 -11.78
N GLU A 237 18.41 -38.69 -12.33
CA GLU A 237 18.70 -37.45 -11.64
C GLU A 237 17.47 -36.56 -11.64
N SER A 238 17.18 -35.95 -10.50
CA SER A 238 15.99 -35.12 -10.37
C SER A 238 16.19 -34.17 -9.20
N GLN A 239 15.08 -33.59 -8.74
CA GLN A 239 15.11 -32.57 -7.70
C GLN A 239 15.76 -33.05 -6.41
N LEU A 240 15.80 -34.36 -6.18
CA LEU A 240 16.31 -34.88 -4.92
C LEU A 240 17.53 -35.79 -5.06
N VAL A 241 17.99 -36.07 -6.27
CA VAL A 241 19.10 -37.01 -6.47
C VAL A 241 20.13 -36.38 -7.42
N GLU A 242 21.40 -36.48 -7.05
CA GLU A 242 22.50 -36.06 -7.91
C GLU A 242 23.55 -37.14 -7.94
N PHE A 243 23.98 -37.52 -9.14
CA PHE A 243 25.00 -38.54 -9.34
C PHE A 243 26.31 -37.87 -9.71
N LYS A 244 27.34 -38.07 -8.89
CA LYS A 244 28.69 -37.58 -9.14
C LYS A 244 29.63 -38.75 -9.37
N GLN A 245 30.49 -38.62 -10.38
CA GLN A 245 31.51 -39.62 -10.69
C GLN A 245 32.78 -39.29 -9.93
N PHE A 246 33.39 -40.32 -9.33
CA PHE A 246 34.48 -40.15 -8.38
C PHE A 246 35.76 -40.74 -8.98
N SER A 247 36.79 -39.91 -9.13
CA SER A 247 38.05 -40.31 -9.73
C SER A 247 39.12 -40.39 -8.65
N THR A 248 39.95 -41.44 -8.72
CA THR A 248 40.92 -41.70 -7.66
C THR A 248 42.09 -40.73 -7.69
N LYS A 249 42.37 -40.09 -8.83
CA LYS A 249 43.51 -39.18 -8.91
C LYS A 249 43.34 -37.97 -8.00
N HIS A 250 42.15 -37.40 -7.96
CA HIS A 250 41.86 -36.25 -7.12
C HIS A 250 40.70 -36.48 -6.18
N PHE A 251 40.56 -37.70 -5.65
CA PHE A 251 39.35 -38.06 -4.91
C PHE A 251 39.17 -37.23 -3.65
N GLN A 252 40.26 -36.98 -2.92
CA GLN A 252 40.16 -36.10 -1.76
C GLN A 252 39.86 -34.67 -2.17
N GLU A 253 40.47 -34.21 -3.27
CA GLU A 253 40.22 -32.85 -3.74
C GLU A 253 38.85 -32.71 -4.38
N TYR A 254 38.39 -33.75 -5.08
CA TYR A 254 37.09 -33.70 -5.74
C TYR A 254 35.97 -33.58 -4.73
N VAL A 255 36.02 -34.38 -3.65
CA VAL A 255 34.93 -34.38 -2.69
C VAL A 255 34.89 -33.09 -1.90
N LYS A 256 36.06 -32.46 -1.69
CA LYS A 256 36.09 -31.19 -0.98
C LYS A 256 35.43 -30.09 -1.79
N ARG A 257 35.63 -30.08 -3.11
CA ARG A 257 35.02 -29.07 -3.96
C ARG A 257 33.54 -29.34 -4.22
N THR A 258 33.13 -30.62 -4.23
CA THR A 258 31.76 -30.97 -4.56
C THR A 258 30.79 -30.47 -3.49
N ILE A 259 31.20 -30.57 -2.22
CA ILE A 259 30.27 -30.30 -1.12
C ILE A 259 29.71 -28.87 -1.15
N PRO A 260 30.53 -27.81 -1.31
CA PRO A 260 29.95 -26.46 -1.28
C PRO A 260 28.97 -26.16 -2.39
N GLU A 261 28.96 -26.92 -3.48
CA GLU A 261 28.00 -26.61 -4.54
C GLU A 261 26.67 -27.31 -4.34
N TYR A 262 26.69 -28.57 -3.89
CA TYR A 262 25.45 -29.35 -3.88
C TYR A 262 24.79 -29.40 -2.50
N VAL A 263 25.56 -29.54 -1.42
CA VAL A 263 24.94 -29.58 -0.09
C VAL A 263 24.18 -28.30 0.23
N PRO A 264 24.71 -27.10 0.01
CA PRO A 264 23.87 -25.91 0.16
C PRO A 264 22.69 -25.88 -0.80
N ALA A 265 22.84 -26.41 -2.00
CA ALA A 265 21.74 -26.41 -2.95
C ALA A 265 20.60 -27.29 -2.48
N PHE A 266 20.92 -28.45 -1.88
CA PHE A 266 19.88 -29.32 -1.37
C PHE A 266 19.25 -28.74 -0.11
N ALA A 267 20.06 -28.26 0.83
CA ALA A 267 19.54 -27.80 2.10
C ALA A 267 18.58 -26.63 1.93
N ASN A 268 18.81 -25.79 0.92
CA ASN A 268 17.95 -24.63 0.72
C ASN A 268 16.61 -24.99 0.09
N THR A 269 16.49 -26.15 -0.57
CA THR A 269 15.24 -26.53 -1.23
C THR A 269 14.96 -28.00 -0.97
N GLY A 270 14.24 -28.29 0.12
CA GLY A 270 13.60 -29.56 0.30
C GLY A 270 14.51 -30.75 0.52
N GLY A 271 15.81 -30.55 0.63
CA GLY A 271 16.69 -31.68 0.86
C GLY A 271 16.90 -32.50 -0.41
N GLY A 272 17.61 -33.60 -0.23
CA GLY A 272 17.89 -34.48 -1.34
C GLY A 272 18.97 -35.48 -0.99
N TYR A 273 19.38 -36.22 -2.01
CA TYR A 273 20.39 -37.28 -1.90
C TYR A 273 21.54 -36.97 -2.85
N LEU A 274 22.76 -37.15 -2.38
CA LEU A 274 23.96 -36.94 -3.18
C LEU A 274 24.73 -38.25 -3.26
N PHE A 275 24.68 -38.88 -4.43
CA PHE A 275 25.41 -40.13 -4.65
C PHE A 275 26.73 -39.84 -5.32
N ILE A 276 27.83 -40.13 -4.63
CA ILE A 276 29.18 -39.98 -5.15
C ILE A 276 29.75 -41.37 -5.36
N GLY A 277 30.27 -41.61 -6.56
CA GLY A 277 30.63 -42.94 -6.98
C GLY A 277 29.63 -43.60 -7.90
N VAL A 278 28.73 -42.83 -8.49
CA VAL A 278 27.73 -43.32 -9.43
C VAL A 278 27.88 -42.57 -10.74
N ASP A 279 27.92 -43.30 -11.84
CA ASP A 279 28.05 -42.69 -13.15
C ASP A 279 26.77 -41.94 -13.49
N ASP A 280 26.91 -40.74 -14.05
CA ASP A 280 25.74 -39.95 -14.44
C ASP A 280 25.04 -40.55 -15.64
N LYS A 281 25.81 -40.91 -16.67
CA LYS A 281 25.23 -41.29 -17.96
C LYS A 281 24.47 -42.61 -17.88
N SER A 282 25.08 -43.62 -17.27
CA SER A 282 24.48 -44.96 -17.26
C SER A 282 23.89 -45.34 -15.92
N ARG A 283 23.97 -44.47 -14.91
CA ARG A 283 23.41 -44.67 -13.58
C ARG A 283 24.01 -45.86 -12.86
N GLU A 284 25.20 -46.30 -13.25
CA GLU A 284 25.79 -47.50 -12.65
C GLU A 284 26.66 -47.14 -11.46
N VAL A 285 26.72 -48.04 -10.48
CA VAL A 285 27.61 -47.86 -9.34
C VAL A 285 29.03 -48.21 -9.76
N LEU A 286 29.96 -47.29 -9.52
CA LEU A 286 31.36 -47.55 -9.83
C LEU A 286 32.24 -47.41 -8.59
N GLY A 287 32.01 -46.37 -7.80
CA GLY A 287 32.86 -46.13 -6.65
C GLY A 287 34.23 -45.63 -7.07
N CYS A 288 35.19 -45.79 -6.15
CA CYS A 288 36.56 -45.40 -6.40
C CYS A 288 37.48 -46.58 -6.11
N ALA A 289 38.78 -46.37 -6.32
CA ALA A 289 39.76 -47.39 -5.98
C ALA A 289 39.79 -47.60 -4.47
N LYS A 290 39.82 -48.87 -4.06
CA LYS A 290 39.80 -49.19 -2.63
C LYS A 290 41.13 -48.90 -1.97
N GLU A 291 42.23 -49.01 -2.70
CA GLU A 291 43.55 -48.83 -2.10
C GLU A 291 43.84 -47.37 -1.79
N ASN A 292 43.09 -46.45 -2.38
CA ASN A 292 43.33 -45.02 -2.22
C ASN A 292 42.43 -44.37 -1.18
N VAL A 293 41.16 -44.79 -1.10
CA VAL A 293 40.22 -44.16 -0.19
C VAL A 293 40.37 -44.75 1.20
N ASP A 294 40.49 -43.87 2.19
CA ASP A 294 40.46 -44.28 3.59
C ASP A 294 39.06 -43.99 4.13
N PRO A 295 38.28 -45.02 4.49
CA PRO A 295 36.91 -44.77 4.92
C PRO A 295 36.81 -43.86 6.15
N ASP A 296 37.75 -43.98 7.10
CA ASP A 296 37.70 -43.10 8.27
C ASP A 296 38.11 -41.68 7.91
N SER A 297 39.16 -41.52 7.11
CA SER A 297 39.62 -40.19 6.72
C SER A 297 38.60 -39.51 5.80
N LEU A 298 37.97 -40.29 4.92
CA LEU A 298 37.05 -39.71 3.94
C LEU A 298 35.86 -39.07 4.63
N ARG A 299 35.33 -39.70 5.67
CA ARG A 299 34.22 -39.11 6.41
C ARG A 299 34.61 -37.79 7.06
N ARG A 300 35.82 -37.72 7.62
CA ARG A 300 36.26 -36.52 8.30
C ARG A 300 36.34 -35.34 7.35
N LYS A 301 36.88 -35.57 6.14
CA LYS A 301 36.98 -34.50 5.17
C LYS A 301 35.60 -34.03 4.71
N ILE A 302 34.66 -34.97 4.54
CA ILE A 302 33.31 -34.61 4.15
C ILE A 302 32.62 -33.83 5.25
N GLU A 303 32.75 -34.30 6.50
CA GLU A 303 32.05 -33.66 7.61
C GLU A 303 32.54 -32.23 7.83
N GLN A 304 33.85 -32.01 7.78
CA GLN A 304 34.37 -30.66 7.98
C GLN A 304 33.97 -29.74 6.84
N ALA A 305 33.92 -30.27 5.61
CA ALA A 305 33.52 -29.46 4.47
C ALA A 305 32.07 -29.01 4.58
N ILE A 306 31.24 -29.77 5.28
CA ILE A 306 29.84 -29.38 5.47
C ILE A 306 29.71 -28.42 6.63
N TYR A 307 30.38 -28.70 7.74
CA TYR A 307 30.29 -27.84 8.91
C TYR A 307 30.97 -26.50 8.71
N LYS A 308 31.80 -26.36 7.68
CA LYS A 308 32.43 -25.09 7.37
C LYS A 308 31.56 -24.17 6.53
N LEU A 309 30.39 -24.62 6.11
CA LEU A 309 29.52 -23.80 5.28
C LEU A 309 28.86 -22.72 6.13
N PRO A 310 28.93 -21.45 5.73
CA PRO A 310 28.28 -20.40 6.51
C PRO A 310 26.76 -20.49 6.38
N CYS A 311 26.06 -20.28 7.49
CA CYS A 311 24.60 -20.34 7.50
C CYS A 311 24.07 -19.24 8.39
N VAL A 312 22.90 -18.72 8.02
CA VAL A 312 22.27 -17.59 8.71
C VAL A 312 20.89 -18.01 9.18
N HIS A 313 20.61 -17.82 10.46
CA HIS A 313 19.37 -18.26 11.07
C HIS A 313 18.44 -17.09 11.34
N PHE A 314 17.15 -17.30 11.08
CA PHE A 314 16.09 -16.34 11.39
C PHE A 314 15.18 -16.82 12.51
N CYS A 315 15.58 -17.87 13.23
CA CYS A 315 14.69 -18.55 14.14
C CYS A 315 15.47 -19.20 15.27
N GLN A 316 14.74 -19.61 16.30
CA GLN A 316 15.27 -20.41 17.39
C GLN A 316 14.54 -21.75 17.42
N PRO A 317 15.27 -22.87 17.62
CA PRO A 317 16.69 -22.83 17.95
C PRO A 317 17.58 -22.57 16.72
N GLN A 318 18.88 -22.87 16.83
CA GLN A 318 19.81 -22.67 15.74
C GLN A 318 20.67 -23.91 15.52
N ARG A 319 20.02 -25.07 15.47
CA ARG A 319 20.73 -26.31 15.25
C ARG A 319 21.47 -26.26 13.90
N PRO A 320 22.66 -26.84 13.84
CA PRO A 320 23.43 -26.78 12.58
C PRO A 320 22.77 -27.61 11.49
N ILE A 321 23.40 -27.60 10.32
CA ILE A 321 22.88 -28.34 9.19
C ILE A 321 22.88 -29.83 9.51
N THR A 322 21.83 -30.52 9.10
CA THR A 322 21.61 -31.93 9.42
C THR A 322 21.80 -32.77 8.17
N PHE A 323 22.64 -33.80 8.28
CA PHE A 323 22.88 -34.69 7.16
C PHE A 323 23.24 -36.06 7.70
N THR A 324 23.12 -37.07 6.86
CA THR A 324 23.53 -38.43 7.19
C THR A 324 24.50 -38.92 6.12
N LEU A 325 25.67 -39.36 6.55
CA LEU A 325 26.74 -39.82 5.66
C LEU A 325 26.92 -41.32 5.84
N LYS A 326 26.85 -42.06 4.74
CA LYS A 326 27.04 -43.50 4.74
C LYS A 326 28.10 -43.86 3.71
N ILE A 327 29.09 -44.64 4.13
CA ILE A 327 30.12 -45.14 3.23
C ILE A 327 29.99 -46.66 3.16
N VAL A 328 29.93 -47.18 1.94
CA VAL A 328 29.67 -48.59 1.72
C VAL A 328 30.74 -49.18 0.82
N ASN A 329 30.87 -50.51 0.88
CA ASN A 329 31.78 -51.21 0.01
C ASN A 329 31.13 -51.49 -1.33
N VAL A 330 31.89 -51.31 -2.40
CA VAL A 330 31.45 -51.64 -3.76
C VAL A 330 32.01 -53.01 -4.10
N LEU A 331 31.13 -53.94 -4.42
CA LEU A 331 31.49 -55.35 -4.59
C LEU A 331 31.53 -55.69 -6.08
N LYS A 332 32.63 -56.29 -6.51
CA LYS A 332 32.82 -56.75 -7.87
C LYS A 332 33.06 -58.25 -7.84
N ARG A 333 32.14 -59.02 -8.44
CA ARG A 333 32.21 -60.48 -8.46
C ARG A 333 32.32 -61.05 -7.05
N GLY A 334 31.63 -60.43 -6.10
CA GLY A 334 31.68 -60.85 -4.72
C GLY A 334 32.91 -60.40 -3.96
N GLU A 335 33.79 -59.62 -4.57
CA GLU A 335 35.01 -59.14 -3.95
C GLU A 335 34.99 -57.63 -3.83
N LEU A 336 35.68 -57.13 -2.80
CA LEU A 336 35.74 -55.69 -2.57
C LEU A 336 36.47 -54.98 -3.69
N TYR A 337 35.84 -53.95 -4.25
CA TYR A 337 36.43 -53.14 -5.30
C TYR A 337 36.73 -51.72 -4.86
N GLY A 338 35.82 -51.10 -4.11
CA GLY A 338 36.04 -49.73 -3.68
C GLY A 338 34.90 -49.24 -2.82
N TYR A 339 34.90 -47.93 -2.58
CA TYR A 339 33.96 -47.29 -1.68
C TYR A 339 33.07 -46.32 -2.44
N ALA A 340 31.85 -46.15 -1.95
CA ALA A 340 30.89 -45.20 -2.52
C ALA A 340 30.35 -44.30 -1.43
N CYS A 341 29.95 -43.10 -1.80
CA CYS A 341 29.50 -42.07 -0.87
C CYS A 341 28.04 -41.75 -1.16
N MET A 342 27.20 -41.82 -0.13
CA MET A 342 25.84 -41.31 -0.21
C MET A 342 25.62 -40.32 0.93
N ILE A 343 25.06 -39.17 0.59
CA ILE A 343 24.79 -38.10 1.55
C ILE A 343 23.31 -37.77 1.46
N ARG A 344 22.62 -37.87 2.59
CA ARG A 344 21.21 -37.49 2.67
C ARG A 344 21.14 -36.19 3.44
N VAL A 345 20.77 -35.11 2.77
CA VAL A 345 20.80 -33.77 3.32
C VAL A 345 19.37 -33.36 3.63
N ASN A 346 19.07 -33.20 4.92
CA ASN A 346 17.74 -32.78 5.30
C ASN A 346 17.55 -31.29 5.02
N PRO A 347 16.33 -30.86 4.73
CA PRO A 347 16.10 -29.43 4.46
C PRO A 347 16.45 -28.58 5.68
N PHE A 348 16.98 -27.40 5.41
CA PHE A 348 17.43 -26.49 6.45
C PHE A 348 16.34 -25.49 6.79
N CYS A 349 16.27 -25.13 8.07
CA CYS A 349 15.25 -24.20 8.52
C CYS A 349 15.49 -22.79 8.00
N CYS A 350 16.71 -22.49 7.56
CA CYS A 350 17.08 -21.15 7.13
C CYS A 350 18.00 -21.20 5.91
N ALA A 351 18.69 -20.11 5.62
CA ALA A 351 19.52 -19.98 4.42
C ALA A 351 20.92 -20.51 4.69
N VAL A 352 21.47 -21.25 3.73
CA VAL A 352 22.84 -21.74 3.77
C VAL A 352 23.60 -21.12 2.60
N PHE A 353 24.73 -20.49 2.90
CA PHE A 353 25.59 -19.90 1.90
C PHE A 353 26.75 -20.84 1.59
N SER A 354 27.09 -20.94 0.31
CA SER A 354 28.29 -21.70 -0.06
C SER A 354 29.55 -20.98 0.39
N GLU A 355 29.53 -19.65 0.37
CA GLU A 355 30.61 -18.83 0.90
C GLU A 355 30.03 -17.45 1.18
N ALA A 356 30.88 -16.54 1.64
CA ALA A 356 30.41 -15.21 1.97
C ALA A 356 29.88 -14.49 0.72
N PRO A 357 28.78 -13.74 0.86
CA PRO A 357 28.24 -13.01 -0.29
C PRO A 357 29.25 -12.02 -0.85
N ASN A 358 29.24 -11.89 -2.17
CA ASN A 358 30.20 -11.04 -2.88
C ASN A 358 29.53 -9.69 -3.17
N SER A 359 29.41 -8.88 -2.13
CA SER A 359 28.86 -7.54 -2.26
C SER A 359 29.79 -6.57 -1.54
N TRP A 360 29.89 -5.35 -2.08
CA TRP A 360 30.87 -4.38 -1.64
C TRP A 360 30.19 -3.07 -1.28
N ILE A 361 30.81 -2.34 -0.35
CA ILE A 361 30.29 -1.07 0.11
C ILE A 361 31.46 -0.16 0.42
N VAL A 362 31.25 1.15 0.27
CA VAL A 362 32.27 2.13 0.56
C VAL A 362 32.09 2.64 1.98
N GLU A 363 33.05 2.32 2.86
CA GLU A 363 33.04 2.85 4.22
C GLU A 363 34.31 3.66 4.42
N ASP A 364 34.17 4.85 5.01
CA ASP A 364 35.26 5.82 5.16
C ASP A 364 35.84 6.07 3.77
N LYS A 365 37.16 5.96 3.57
CA LYS A 365 37.77 6.15 2.27
C LYS A 365 38.06 4.84 1.55
N TYR A 366 37.87 3.70 2.20
CA TYR A 366 38.16 2.42 1.60
C TYR A 366 36.92 1.80 0.99
N VAL A 367 37.13 0.77 0.17
CA VAL A 367 36.06 -0.07 -0.36
C VAL A 367 36.12 -1.40 0.38
N CYS A 368 35.10 -1.69 1.17
CA CYS A 368 35.10 -2.86 2.05
C CYS A 368 33.95 -3.77 1.69
N SER A 369 34.17 -5.08 1.91
CA SER A 369 33.17 -6.08 1.56
C SER A 369 32.20 -6.30 2.71
N LEU A 370 30.97 -6.66 2.37
CA LEU A 370 29.96 -6.96 3.37
C LEU A 370 30.09 -8.39 3.85
N THR A 371 30.04 -8.59 5.16
CA THR A 371 30.09 -9.93 5.70
C THR A 371 28.75 -10.64 5.50
N THR A 372 28.74 -11.93 5.85
CA THR A 372 27.54 -12.74 5.65
C THR A 372 26.38 -12.21 6.48
N GLU A 373 26.63 -11.86 7.74
CA GLU A 373 25.56 -11.39 8.62
C GLU A 373 25.08 -10.01 8.23
N LYS A 374 26.00 -9.12 7.87
CA LYS A 374 25.62 -7.77 7.48
C LYS A 374 24.92 -7.76 6.12
N TRP A 375 25.32 -8.66 5.22
CA TRP A 375 24.63 -8.77 3.94
C TRP A 375 23.18 -9.19 4.13
N VAL A 376 22.95 -10.20 4.96
CA VAL A 376 21.60 -10.70 5.17
C VAL A 376 20.74 -9.67 5.90
N GLY A 377 21.26 -9.09 6.97
CA GLY A 377 20.54 -8.11 7.75
C GLY A 377 20.14 -6.90 6.92
N MET A 378 21.07 -6.42 6.10
CA MET A 378 20.77 -5.28 5.24
C MET A 378 19.88 -5.67 4.08
N MET A 379 19.88 -6.96 3.71
CA MET A 379 19.06 -7.42 2.59
C MET A 379 17.59 -7.52 2.99
N THR A 380 17.32 -8.01 4.20
CA THR A 380 15.95 -8.17 4.68
C THR A 380 15.36 -6.86 5.20
N ASP A 381 16.07 -6.19 6.10
CA ASP A 381 15.61 -4.92 6.66
C ASP A 381 15.52 -3.84 5.57
N VAL A 409 19.27 11.74 12.25
CA VAL A 409 17.85 11.85 12.54
C VAL A 409 17.03 11.79 11.25
N TYR A 410 16.12 10.84 11.17
CA TYR A 410 15.21 10.71 10.05
C TYR A 410 13.82 11.17 10.50
N SER A 411 13.21 12.06 9.71
CA SER A 411 11.95 12.69 10.05
C SER A 411 10.82 11.98 9.32
N LYS A 412 9.89 11.42 10.09
CA LYS A 412 8.72 10.79 9.48
C LYS A 412 7.75 11.82 8.92
N LYS A 413 7.53 12.90 9.67
CA LYS A 413 6.61 13.94 9.22
C LYS A 413 7.14 14.68 7.99
N GLY A 414 8.46 14.89 7.93
CA GLY A 414 9.04 15.55 6.78
C GLY A 414 8.91 14.74 5.51
N LEU A 415 8.86 13.41 5.64
CA LEU A 415 8.74 12.56 4.46
C LEU A 415 7.35 12.65 3.86
N GLU A 416 6.30 12.60 4.69
CA GLU A 416 4.94 12.59 4.17
C GLU A 416 4.52 13.98 3.70
N HIS A 417 4.96 15.02 4.40
CA HIS A 417 4.65 16.39 4.01
C HIS A 417 5.75 17.03 3.18
N LYS A 418 6.56 16.24 2.47
CA LYS A 418 7.70 16.81 1.76
C LYS A 418 7.26 17.71 0.62
N LYS A 419 6.15 17.37 -0.04
CA LYS A 419 5.67 18.22 -1.13
C LYS A 419 5.05 19.50 -0.59
N GLU A 420 4.31 19.40 0.50
CA GLU A 420 3.66 20.59 1.06
C GLU A 420 4.68 21.56 1.63
N LEU A 421 5.70 21.04 2.30
CA LEU A 421 6.75 21.90 2.85
C LEU A 421 7.54 22.59 1.75
N GLN A 422 7.84 21.86 0.66
CA GLN A 422 8.68 22.43 -0.39
C GLN A 422 8.00 23.62 -1.05
N GLN A 423 6.70 23.53 -1.30
CA GLN A 423 6.00 24.64 -1.94
C GLN A 423 5.87 25.82 -1.01
N LEU A 424 5.90 25.57 0.31
CA LEU A 424 5.81 26.67 1.27
C LEU A 424 7.08 27.49 1.29
N LEU A 425 8.24 26.85 1.26
CA LEU A 425 9.52 27.55 1.37
C LEU A 425 10.28 27.57 0.05
N PHE A 426 10.51 26.41 -0.56
CA PHE A 426 11.39 26.28 -1.70
C PHE A 426 10.63 26.23 -3.01
N SER A 427 9.59 27.05 -3.15
CA SER A 427 8.90 27.15 -4.42
C SER A 427 9.83 27.71 -5.49
N VAL A 428 9.82 27.08 -6.65
CA VAL A 428 10.70 27.48 -7.75
C VAL A 428 9.97 28.52 -8.59
N PRO A 429 10.51 29.72 -8.76
CA PRO A 429 9.80 30.75 -9.48
C PRO A 429 10.13 30.70 -10.96
N PRO A 430 9.13 30.71 -11.82
CA PRO A 430 9.41 30.71 -13.26
C PRO A 430 9.74 32.10 -13.79
N GLY A 431 11.00 32.31 -14.17
CA GLY A 431 11.43 33.55 -14.79
C GLY A 431 12.58 34.25 -14.09
N TYR A 432 12.68 34.17 -12.77
CA TYR A 432 13.72 34.89 -12.06
C TYR A 432 14.33 34.00 -11.00
N LEU A 433 15.56 34.31 -10.62
CA LEU A 433 16.31 33.54 -9.64
C LEU A 433 16.01 34.07 -8.25
N ARG A 434 15.37 33.25 -7.43
CA ARG A 434 14.95 33.66 -6.10
C ARG A 434 16.07 33.45 -5.09
N TYR A 435 16.20 34.40 -4.17
CA TYR A 435 17.19 34.34 -3.10
C TYR A 435 16.49 34.10 -1.78
N THR A 436 16.89 33.06 -1.07
CA THR A 436 16.32 32.73 0.23
C THR A 436 17.43 32.38 1.20
N PRO A 437 17.24 32.63 2.50
CA PRO A 437 16.14 33.42 3.07
C PRO A 437 16.36 34.90 2.84
N GLU A 438 15.30 35.64 2.52
CA GLU A 438 15.48 37.04 2.16
C GLU A 438 15.98 37.86 3.34
N SER A 439 15.54 37.52 4.56
CA SER A 439 15.98 38.26 5.73
C SER A 439 17.48 38.10 5.94
N LEU A 440 18.02 36.91 5.72
CA LEU A 440 19.45 36.68 5.90
C LEU A 440 20.25 37.27 4.76
N TRP A 441 19.69 37.27 3.55
CA TRP A 441 20.37 37.88 2.41
C TRP A 441 20.57 39.37 2.62
N ARG A 442 19.55 40.06 3.12
CA ARG A 442 19.67 41.49 3.38
C ARG A 442 20.72 41.78 4.44
N ASP A 443 20.79 40.93 5.47
CA ASP A 443 21.79 41.13 6.52
C ASP A 443 23.20 40.94 5.97
N LEU A 444 23.40 39.99 5.07
CA LEU A 444 24.74 39.70 4.57
C LEU A 444 25.27 40.86 3.72
N ILE A 445 24.46 41.38 2.81
CA ILE A 445 24.94 42.45 1.94
C ILE A 445 25.18 43.73 2.70
N SER A 446 24.56 43.90 3.87
CA SER A 446 24.80 45.11 4.67
C SER A 446 26.16 45.07 5.33
N GLU A 447 26.52 43.93 5.92
CA GLU A 447 27.79 43.84 6.66
C GLU A 447 28.99 43.90 5.73
N HIS A 448 28.89 43.28 4.56
CA HIS A 448 30.03 43.06 3.68
C HIS A 448 29.83 43.88 2.41
N ARG A 449 30.78 44.77 2.13
CA ARG A 449 30.68 45.63 0.95
C ARG A 449 31.05 44.86 -0.31
N GLY A 450 30.24 45.00 -1.35
CA GLY A 450 30.50 44.34 -2.60
C GLY A 450 30.03 42.90 -2.69
N LEU A 451 29.48 42.34 -1.61
CA LEU A 451 28.98 40.98 -1.67
C LEU A 451 27.77 40.88 -2.59
N GLU A 452 26.96 41.96 -2.66
CA GLU A 452 25.81 41.95 -3.55
C GLU A 452 26.24 41.89 -5.01
N GLU A 453 27.30 42.62 -5.36
CA GLU A 453 27.76 42.62 -6.75
C GLU A 453 28.47 41.33 -7.09
N LEU A 454 29.16 40.73 -6.13
CA LEU A 454 29.86 39.47 -6.38
C LEU A 454 28.87 38.37 -6.73
N ILE A 455 27.80 38.24 -5.94
CA ILE A 455 26.82 37.17 -6.17
C ILE A 455 26.02 37.45 -7.44
N ASN A 456 25.62 38.71 -7.64
CA ASN A 456 24.78 39.04 -8.79
C ASN A 456 25.52 38.81 -10.10
N LYS A 457 26.82 39.15 -10.15
CA LYS A 457 27.60 38.89 -11.35
C LYS A 457 27.71 37.39 -11.61
N GLN A 458 27.88 36.60 -10.55
CA GLN A 458 28.02 35.16 -10.69
C GLN A 458 26.72 34.50 -11.14
N MET A 459 25.58 35.08 -10.77
CA MET A 459 24.28 34.50 -11.10
C MET A 459 23.76 34.96 -12.45
N GLN A 460 24.55 35.71 -13.21
CA GLN A 460 24.11 36.13 -14.55
C GLN A 460 23.77 34.96 -15.47
N PRO A 461 24.54 33.87 -15.52
CA PRO A 461 24.22 32.81 -16.50
C PRO A 461 22.83 32.23 -16.36
N PHE A 462 22.31 32.11 -15.14
CA PHE A 462 21.13 31.31 -14.89
C PHE A 462 19.98 32.22 -14.48
N PHE A 463 18.83 32.09 -15.15
CA PHE A 463 17.72 32.99 -14.91
C PHE A 463 16.51 32.31 -14.25
N ARG A 464 16.63 31.05 -13.87
CA ARG A 464 15.56 30.38 -13.13
C ARG A 464 16.16 29.48 -12.06
N GLY A 465 15.52 29.45 -10.90
CA GLY A 465 15.93 28.59 -9.82
C GLY A 465 15.86 29.32 -8.50
N ILE A 466 16.46 28.71 -7.49
CA ILE A 466 16.48 29.28 -6.14
C ILE A 466 17.90 29.17 -5.60
N LEU A 467 18.35 30.24 -4.94
CA LEU A 467 19.67 30.29 -4.32
C LEU A 467 19.48 30.37 -2.81
N ILE A 468 19.91 29.34 -2.10
CA ILE A 468 19.57 29.15 -0.70
C ILE A 468 20.80 29.53 0.12
N PHE A 469 20.68 30.62 0.88
CA PHE A 469 21.81 31.14 1.63
C PHE A 469 21.88 30.57 3.03
N SER A 470 23.07 30.62 3.61
CA SER A 470 23.29 30.28 5.00
C SER A 470 24.67 30.78 5.39
N ARG A 471 24.79 31.23 6.65
CA ARG A 471 26.07 31.75 7.10
C ARG A 471 27.16 30.69 7.08
N SER A 472 26.80 29.43 7.23
CA SER A 472 27.75 28.33 7.08
C SER A 472 26.95 27.07 6.84
N TRP A 473 27.02 26.52 5.62
CA TRP A 473 26.30 25.28 5.34
C TRP A 473 26.96 24.09 6.02
N ALA A 474 28.24 24.19 6.36
CA ALA A 474 28.91 23.09 7.03
C ALA A 474 28.38 22.91 8.45
N VAL A 475 28.23 24.00 9.19
CA VAL A 475 27.74 23.88 10.56
C VAL A 475 26.27 23.49 10.56
N ASP A 476 25.54 23.78 9.48
CA ASP A 476 24.16 23.33 9.38
C ASP A 476 24.07 21.83 9.22
N LEU A 477 25.05 21.23 8.53
CA LEU A 477 25.09 19.78 8.32
C LEU A 477 25.93 19.06 9.36
N ASN A 478 26.10 19.66 10.54
CA ASN A 478 26.88 19.11 11.65
C ASN A 478 28.35 18.91 11.30
N LEU A 479 28.89 19.73 10.41
CA LEU A 479 30.33 19.75 10.17
C LEU A 479 30.95 20.90 10.97
N GLN A 480 32.27 21.01 10.88
CA GLN A 480 32.96 22.05 11.64
C GLN A 480 32.95 23.37 10.88
N GLU A 481 32.75 24.46 11.61
CA GLU A 481 32.74 25.79 11.03
C GLU A 481 34.16 26.26 10.72
N LYS A 482 34.30 26.95 9.58
CA LYS A 482 35.58 27.50 9.16
C LYS A 482 35.59 29.00 9.36
N PRO A 483 36.45 29.53 10.24
CA PRO A 483 36.58 30.99 10.33
C PRO A 483 37.10 31.57 9.02
N GLY A 484 36.64 32.77 8.71
CA GLY A 484 37.00 33.42 7.47
C GLY A 484 36.00 33.27 6.35
N VAL A 485 34.99 32.41 6.53
CA VAL A 485 33.95 32.27 5.51
C VAL A 485 32.83 33.25 5.80
N ILE A 486 32.34 33.90 4.74
CA ILE A 486 31.27 34.88 4.89
C ILE A 486 29.90 34.21 4.86
N CYS A 487 29.66 33.35 3.87
CA CYS A 487 28.39 32.64 3.78
C CYS A 487 28.60 31.42 2.89
N ASP A 488 27.53 30.64 2.76
CA ASP A 488 27.46 29.54 1.81
C ASP A 488 26.13 29.63 1.06
N ALA A 489 26.17 29.42 -0.24
CA ALA A 489 24.96 29.49 -1.04
C ALA A 489 24.85 28.24 -1.89
N LEU A 490 23.70 27.59 -1.84
CA LEU A 490 23.44 26.39 -2.62
C LEU A 490 22.52 26.75 -3.78
N LEU A 491 23.05 26.67 -5.00
CA LEU A 491 22.33 27.08 -6.18
C LEU A 491 21.66 25.88 -6.82
N ILE A 492 20.33 25.93 -6.93
CA ILE A 492 19.55 24.90 -7.62
C ILE A 492 18.82 25.61 -8.75
N ALA A 493 19.31 25.45 -9.97
CA ALA A 493 18.83 26.24 -11.09
C ALA A 493 18.55 25.33 -12.27
N GLN A 494 17.66 25.78 -13.15
CA GLN A 494 17.35 25.00 -14.34
C GLN A 494 18.53 24.96 -15.29
N ASN A 495 18.70 23.81 -15.96
CA ASN A 495 19.80 23.59 -16.88
C ASN A 495 21.15 23.78 -16.20
N SER A 496 21.25 23.34 -14.95
CA SER A 496 22.47 23.43 -14.19
C SER A 496 22.53 22.32 -13.15
N THR A 497 23.71 21.79 -12.94
CA THR A 497 23.92 20.94 -11.80
C THR A 497 23.81 21.78 -10.53
N PRO A 498 23.42 21.18 -9.42
CA PRO A 498 23.50 21.90 -8.14
C PRO A 498 24.93 22.33 -7.87
N ILE A 499 25.08 23.57 -7.38
CA ILE A 499 26.38 24.14 -7.08
C ILE A 499 26.34 24.68 -5.67
N LEU A 500 27.40 24.42 -4.91
CA LEU A 500 27.55 24.98 -3.57
C LEU A 500 28.61 26.07 -3.60
N TYR A 501 28.19 27.32 -3.45
CA TYR A 501 29.08 28.46 -3.45
C TYR A 501 29.56 28.74 -2.03
N THR A 502 30.86 28.93 -1.87
CA THR A 502 31.44 29.37 -0.61
C THR A 502 32.17 30.68 -0.84
N ILE A 503 31.78 31.71 -0.10
CA ILE A 503 32.36 33.05 -0.23
C ILE A 503 33.32 33.29 0.93
N LEU A 504 34.56 33.64 0.59
CA LEU A 504 35.61 33.87 1.57
C LEU A 504 35.97 35.35 1.57
N ARG A 505 36.24 35.89 2.76
CA ARG A 505 36.68 37.27 2.86
C ARG A 505 38.05 37.46 2.23
N GLU A 506 38.96 36.51 2.46
CA GLU A 506 40.30 36.51 1.90
C GLU A 506 40.61 35.12 1.38
N GLN A 507 41.40 35.05 0.30
CA GLN A 507 41.71 33.76 -0.30
C GLN A 507 42.47 32.88 0.68
N ASP A 508 42.17 31.59 0.63
CA ASP A 508 42.81 30.62 1.51
C ASP A 508 42.98 29.31 0.75
N ALA A 509 44.04 28.57 1.10
CA ALA A 509 44.24 27.26 0.50
C ALA A 509 43.21 26.25 0.99
N GLU A 510 42.78 26.39 2.25
CA GLU A 510 41.76 25.52 2.81
C GLU A 510 40.38 25.83 2.27
N GLY A 511 40.21 26.93 1.54
CA GLY A 511 38.89 27.31 1.08
C GLY A 511 38.26 26.29 0.15
N GLN A 512 39.07 25.72 -0.75
CA GLN A 512 38.54 24.73 -1.67
C GLN A 512 38.30 23.38 -0.99
N ASP A 513 39.13 23.02 -0.02
CA ASP A 513 38.90 21.80 0.74
C ASP A 513 37.61 21.89 1.55
N TYR A 514 37.34 23.06 2.13
CA TYR A 514 36.14 23.24 2.93
C TYR A 514 34.87 23.11 2.09
N CYS A 515 34.88 23.71 0.90
CA CYS A 515 33.70 23.64 0.04
C CYS A 515 33.52 22.25 -0.55
N THR A 516 34.62 21.56 -0.85
CA THR A 516 34.52 20.19 -1.35
C THR A 516 33.96 19.25 -0.31
N ARG A 517 34.41 19.37 0.94
CA ARG A 517 33.91 18.52 2.01
C ARG A 517 32.43 18.74 2.27
N THR A 518 31.99 20.00 2.20
CA THR A 518 30.58 20.30 2.44
C THR A 518 29.72 19.85 1.26
N ALA A 519 30.20 20.07 0.03
CA ALA A 519 29.44 19.64 -1.13
C ALA A 519 29.30 18.13 -1.19
N PHE A 520 30.35 17.42 -0.80
CA PHE A 520 30.28 15.96 -0.73
C PHE A 520 29.30 15.51 0.34
N THR A 521 29.30 16.18 1.48
CA THR A 521 28.38 15.83 2.57
C THR A 521 26.94 16.10 2.16
N LEU A 522 26.68 17.22 1.50
CA LEU A 522 25.34 17.55 1.06
C LEU A 522 24.84 16.57 0.00
N LYS A 523 25.73 16.14 -0.89
CA LYS A 523 25.33 15.21 -1.95
C LYS A 523 24.96 13.85 -1.37
N GLN A 524 25.67 13.42 -0.33
CA GLN A 524 25.38 12.12 0.28
C GLN A 524 24.09 12.17 1.09
N LYS A 525 23.82 13.29 1.75
CA LYS A 525 22.59 13.42 2.53
C LYS A 525 21.36 13.38 1.63
N LEU A 526 21.45 14.00 0.45
CA LEU A 526 20.31 14.03 -0.45
C LEU A 526 19.93 12.63 -0.92
N VAL A 527 20.84 11.67 -0.77
CA VAL A 527 20.60 10.29 -1.22
C VAL A 527 20.33 9.39 -0.03
N ASN A 528 21.27 9.34 0.91
CA ASN A 528 21.15 8.43 2.03
C ASN A 528 20.07 8.86 3.02
N MET A 529 19.72 10.15 3.04
CA MET A 529 18.75 10.68 3.98
C MET A 529 17.50 11.24 3.31
N GLY A 530 17.67 12.16 2.35
CA GLY A 530 16.53 12.71 1.65
C GLY A 530 15.91 11.77 0.65
N GLY A 531 16.58 10.68 0.31
CA GLY A 531 16.02 9.69 -0.59
C GLY A 531 15.82 10.17 -2.01
N TYR A 532 16.81 10.85 -2.58
CA TYR A 532 16.71 11.26 -3.99
C TYR A 532 17.12 10.10 -4.87
N THR A 533 16.21 9.68 -5.75
CA THR A 533 16.44 8.54 -6.63
C THR A 533 17.03 8.92 -7.98
N GLY A 534 17.17 10.20 -8.27
CA GLY A 534 17.73 10.62 -9.53
C GLY A 534 19.24 10.69 -9.50
N LYS A 535 19.80 11.21 -10.58
CA LYS A 535 21.23 11.39 -10.73
C LYS A 535 21.59 12.80 -10.25
N VAL A 536 22.34 12.88 -9.16
CA VAL A 536 22.61 14.15 -8.50
C VAL A 536 24.11 14.33 -8.34
N CYS A 537 24.58 15.54 -8.61
CA CYS A 537 25.95 15.94 -8.32
C CYS A 537 25.92 17.35 -7.75
N VAL A 538 26.89 17.66 -6.90
CA VAL A 538 27.00 18.96 -6.27
C VAL A 538 28.39 19.51 -6.57
N ARG A 539 28.45 20.53 -7.43
CA ARG A 539 29.73 21.17 -7.74
C ARG A 539 30.14 22.08 -6.59
N ALA A 540 31.40 21.96 -6.16
CA ALA A 540 31.93 22.78 -5.07
C ALA A 540 32.70 23.94 -5.68
N LYS A 541 32.24 25.15 -5.42
CA LYS A 541 32.85 26.35 -5.97
C LYS A 541 33.17 27.32 -4.83
N VAL A 542 34.27 28.05 -4.99
CA VAL A 542 34.73 29.00 -3.98
C VAL A 542 34.89 30.37 -4.62
N LEU A 543 34.35 31.39 -3.95
CA LEU A 543 34.48 32.77 -4.40
C LEU A 543 35.17 33.57 -3.31
N CYS A 544 36.04 34.48 -3.71
CA CYS A 544 36.77 35.34 -2.78
C CYS A 544 36.27 36.77 -2.93
N LEU A 545 35.87 37.38 -1.81
CA LEU A 545 35.36 38.74 -1.86
C LEU A 545 36.48 39.73 -2.16
N SER A 546 37.65 39.53 -1.58
CA SER A 546 38.78 40.42 -1.81
C SER A 546 39.40 40.14 -3.17
N PRO A 547 39.44 41.11 -4.09
CA PRO A 547 40.00 40.92 -5.43
C PRO A 547 41.52 40.72 -5.41
N VAL A 558 43.90 19.10 -9.80
CA VAL A 558 42.48 19.12 -9.46
C VAL A 558 41.71 19.92 -10.49
N SER A 559 40.72 19.28 -11.11
CA SER A 559 39.91 19.92 -12.13
C SER A 559 38.45 19.59 -11.87
N PRO A 560 37.53 20.49 -12.20
CA PRO A 560 36.10 20.17 -12.07
C PRO A 560 35.66 19.12 -13.07
N MET A 561 35.26 17.96 -12.55
CA MET A 561 34.88 16.84 -13.41
C MET A 561 33.61 17.17 -14.18
N ASP A 562 33.59 16.83 -15.46
CA ASP A 562 32.47 17.13 -16.33
C ASP A 562 31.48 15.97 -16.31
N TYR A 563 30.30 16.20 -15.72
CA TYR A 563 29.27 15.18 -15.64
C TYR A 563 28.46 15.12 -16.93
N PRO A 564 27.79 14.01 -17.18
CA PRO A 564 26.95 13.91 -18.37
C PRO A 564 25.83 14.93 -18.36
N ALA A 565 25.16 15.06 -19.51
CA ALA A 565 24.05 15.99 -19.60
C ALA A 565 22.84 15.54 -18.79
N SER A 566 22.82 14.29 -18.34
CA SER A 566 21.70 13.80 -17.55
C SER A 566 21.75 14.27 -16.11
N TYR A 567 22.89 14.77 -15.65
CA TYR A 567 23.01 15.26 -14.28
C TYR A 567 22.49 16.69 -14.12
N SER A 568 22.30 17.41 -15.21
CA SER A 568 21.75 18.75 -15.13
C SER A 568 20.26 18.70 -14.84
N LEU A 569 19.76 19.73 -14.16
CA LEU A 569 18.35 19.80 -13.80
C LEU A 569 17.56 20.26 -15.02
N ALA A 570 16.74 19.35 -15.56
CA ALA A 570 16.10 19.62 -16.84
C ALA A 570 15.02 20.68 -16.74
N GLY A 571 14.19 20.63 -15.70
CA GLY A 571 13.09 21.55 -15.61
C GLY A 571 12.46 21.53 -14.23
N THR A 572 11.19 21.94 -14.19
CA THR A 572 10.49 22.09 -12.93
C THR A 572 10.38 20.76 -12.18
N GLN A 573 10.11 19.68 -12.91
CA GLN A 573 9.91 18.39 -12.26
C GLN A 573 11.17 17.90 -11.56
N HIS A 574 12.35 18.11 -12.15
CA HIS A 574 13.59 17.67 -11.51
C HIS A 574 13.95 18.55 -10.32
N MET A 575 13.77 19.86 -10.46
CA MET A 575 14.12 20.77 -9.37
C MET A 575 13.20 20.56 -8.17
N GLU A 576 11.92 20.28 -8.42
CA GLU A 576 10.99 20.04 -7.32
C GLU A 576 11.34 18.77 -6.57
N ALA A 577 11.62 17.69 -7.29
CA ALA A 577 11.95 16.43 -6.64
C ALA A 577 13.28 16.51 -5.90
N LEU A 578 14.20 17.35 -6.39
CA LEU A 578 15.45 17.56 -5.69
C LEU A 578 15.23 18.37 -4.41
N LEU A 579 14.40 19.40 -4.48
CA LEU A 579 14.17 20.25 -3.33
C LEU A 579 13.38 19.53 -2.24
N GLN A 580 12.43 18.67 -2.65
CA GLN A 580 11.68 17.90 -1.67
C GLN A 580 12.58 16.95 -0.90
N SER A 581 13.68 16.52 -1.50
CA SER A 581 14.68 15.75 -0.79
C SER A 581 15.56 16.62 0.09
N LEU A 582 15.74 17.89 -0.29
CA LEU A 582 16.46 18.82 0.57
C LEU A 582 15.62 19.19 1.79
N VAL A 583 14.29 19.19 1.64
CA VAL A 583 13.41 19.43 2.79
C VAL A 583 13.61 18.35 3.83
N ILE A 584 13.66 17.09 3.40
CA ILE A 584 13.85 15.98 4.34
C ILE A 584 15.24 16.04 4.95
N VAL A 585 16.24 16.47 4.18
CA VAL A 585 17.61 16.55 4.70
C VAL A 585 17.71 17.63 5.77
N LEU A 586 17.09 18.77 5.53
CA LEU A 586 17.19 19.89 6.47
C LEU A 586 16.57 19.53 7.81
N LEU A 587 15.43 18.84 7.79
CA LEU A 587 14.71 18.52 9.02
C LEU A 587 15.46 17.58 9.94
N GLY A 588 16.54 16.95 9.45
CA GLY A 588 17.31 16.07 10.32
C GLY A 588 18.35 16.78 11.16
N PHE A 589 18.59 18.06 10.91
CA PHE A 589 19.62 18.82 11.62
C PHE A 589 19.02 20.07 12.25
N ARG A 590 19.81 20.68 13.13
CA ARG A 590 19.43 21.95 13.72
C ARG A 590 20.00 23.09 12.87
N SER A 591 19.12 23.93 12.33
CA SER A 591 19.55 25.07 11.53
C SER A 591 18.39 26.04 11.45
N LEU A 592 18.63 27.17 10.77
CA LEU A 592 17.57 28.16 10.61
C LEU A 592 16.48 27.64 9.69
N LEU A 593 16.86 27.12 8.53
CA LEU A 593 15.85 26.61 7.60
C LEU A 593 15.20 25.36 8.15
N SER A 594 15.94 24.55 8.89
CA SER A 594 15.34 23.40 9.56
C SER A 594 14.25 23.83 10.52
N ASP A 595 14.46 24.95 11.22
CA ASP A 595 13.45 25.46 12.14
C ASP A 595 12.29 26.10 11.41
N GLN A 596 12.54 26.71 10.24
CA GLN A 596 11.42 27.20 9.44
C GLN A 596 10.59 26.05 8.89
N LEU A 597 11.23 24.96 8.47
CA LEU A 597 10.48 23.77 8.07
C LEU A 597 9.72 23.19 9.26
N GLY A 598 10.36 23.16 10.44
CA GLY A 598 9.71 22.58 11.60
C GLY A 598 8.44 23.32 12.00
N CYS A 599 8.46 24.64 11.94
CA CYS A 599 7.26 25.41 12.24
C CYS A 599 6.15 25.12 11.26
N GLU A 600 6.49 25.00 9.97
CA GLU A 600 5.47 24.73 8.97
C GLU A 600 4.92 23.32 9.06
N VAL A 601 5.66 22.39 9.68
CA VAL A 601 5.10 21.07 9.95
C VAL A 601 4.04 21.15 11.04
N LEU A 602 4.31 21.94 12.07
CA LEU A 602 3.34 22.10 13.15
C LEU A 602 2.05 22.75 12.65
N ASN A 603 2.14 23.63 11.66
CA ASN A 603 0.94 24.21 11.06
C ASN A 603 0.24 23.19 10.17
N LEU A 604 0.97 22.22 9.65
CA LEU A 604 0.34 21.16 8.87
C LEU A 604 -0.37 20.15 9.76
N LEU A 605 0.22 19.84 10.92
CA LEU A 605 -0.43 18.93 11.85
C LEU A 605 -1.72 19.52 12.39
N THR A 606 -1.70 20.82 12.73
CA THR A 606 -2.90 21.46 13.27
C THR A 606 -4.00 21.52 12.22
N ALA A 607 -3.65 21.76 10.96
CA ALA A 607 -4.66 21.80 9.91
C ALA A 607 -5.29 20.44 9.68
N GLN A 608 -4.56 19.36 9.98
CA GLN A 608 -5.16 18.04 9.92
C GLN A 608 -6.13 17.82 11.08
N GLN A 609 -5.73 18.21 12.29
CA GLN A 609 -6.58 18.04 13.45
C GLN A 609 -7.81 18.94 13.37
N TYR A 610 -7.75 20.02 12.59
CA TYR A 610 -8.89 20.90 12.48
C TYR A 610 -9.99 20.29 11.62
N GLU A 611 -9.62 19.62 10.53
CA GLU A 611 -10.63 19.03 9.66
C GLU A 611 -11.47 17.99 10.38
N ILE A 612 -10.86 17.22 11.28
CA ILE A 612 -11.63 16.30 12.12
C ILE A 612 -12.55 17.10 13.04
N PHE A 613 -12.02 18.15 13.65
CA PHE A 613 -12.78 18.90 14.65
C PHE A 613 -13.86 19.76 13.99
N SER A 614 -13.59 20.27 12.79
CA SER A 614 -14.52 21.18 12.15
C SER A 614 -15.83 20.52 11.74
N ARG A 615 -15.90 19.19 11.77
CA ARG A 615 -17.13 18.49 11.43
C ARG A 615 -18.19 18.61 12.51
N SER A 616 -17.82 19.14 13.69
CA SER A 616 -18.76 19.28 14.79
C SER A 616 -19.63 20.52 14.69
N LEU A 617 -19.43 21.36 13.67
CA LEU A 617 -20.27 22.55 13.52
C LEU A 617 -21.68 22.21 13.09
N ARG A 618 -21.84 21.20 12.23
CA ARG A 618 -23.18 20.79 11.81
C ARG A 618 -23.90 20.03 12.91
N LYS A 619 -23.16 19.40 13.82
CA LYS A 619 -23.76 18.51 14.80
C LYS A 619 -24.12 19.20 16.11
N ASN A 620 -23.55 20.37 16.39
CA ASN A 620 -23.74 21.02 17.68
C ASN A 620 -24.09 22.49 17.48
N ARG A 621 -24.79 23.04 18.47
CA ARG A 621 -24.95 24.47 18.62
C ARG A 621 -24.27 24.97 19.89
N GLU A 622 -24.61 24.41 21.04
CA GLU A 622 -23.82 24.62 22.25
C GLU A 622 -22.85 23.46 22.40
N LEU A 623 -21.61 23.78 22.74
CA LEU A 623 -20.57 22.77 22.84
C LEU A 623 -19.51 23.24 23.82
N PHE A 624 -18.93 22.31 24.55
CA PHE A 624 -17.87 22.58 25.51
C PHE A 624 -16.62 21.84 25.08
N VAL A 625 -15.64 22.56 24.54
CA VAL A 625 -14.45 21.97 23.97
C VAL A 625 -13.39 21.95 25.07
N HIS A 626 -12.91 20.79 25.41
CA HIS A 626 -11.96 20.66 26.54
C HIS A 626 -10.61 20.29 25.98
N GLY A 627 -9.82 21.27 25.61
CA GLY A 627 -8.54 21.07 24.95
C GLY A 627 -7.40 20.87 25.93
N LEU A 628 -6.38 20.16 25.48
CA LEU A 628 -5.17 19.96 26.25
C LEU A 628 -4.17 21.05 25.95
N PRO A 629 -3.18 21.25 26.82
CA PRO A 629 -2.13 22.24 26.52
C PRO A 629 -1.35 21.86 25.27
N GLY A 630 -1.20 22.82 24.37
CA GLY A 630 -0.53 22.56 23.12
C GLY A 630 -1.35 21.81 22.10
N SER A 631 -2.65 21.67 22.31
CA SER A 631 -3.52 20.97 21.39
C SER A 631 -4.01 21.84 20.24
N GLY A 632 -3.65 23.12 20.23
CA GLY A 632 -4.10 24.01 19.18
C GLY A 632 -5.45 24.64 19.41
N LYS A 633 -5.92 24.69 20.66
CA LYS A 633 -7.26 25.15 20.99
C LYS A 633 -7.58 26.52 20.42
N THR A 634 -6.70 27.49 20.64
CA THR A 634 -6.95 28.84 20.15
C THR A 634 -6.92 28.90 18.63
N ILE A 635 -6.11 28.06 17.99
CA ILE A 635 -6.04 28.06 16.53
C ILE A 635 -7.34 27.53 15.95
N MET A 636 -7.95 26.52 16.58
CA MET A 636 -9.24 26.03 16.12
C MET A 636 -10.32 27.10 16.26
N ALA A 637 -10.26 27.86 17.35
CA ALA A 637 -11.28 28.89 17.58
C ALA A 637 -11.27 29.92 16.47
N MET A 638 -10.09 30.36 16.04
CA MET A 638 -10.00 31.30 14.93
C MET A 638 -10.47 30.65 13.64
N LYS A 639 -10.12 29.38 13.43
CA LYS A 639 -10.53 28.68 12.23
C LYS A 639 -12.04 28.43 12.23
N ILE A 640 -12.61 28.08 13.38
CA ILE A 640 -14.05 27.88 13.48
C ILE A 640 -14.79 29.17 13.18
N MET A 641 -14.33 30.28 13.76
CA MET A 641 -15.03 31.55 13.59
C MET A 641 -15.05 31.98 12.13
N GLU A 642 -14.06 31.57 11.35
CA GLU A 642 -14.12 31.74 9.91
C GLU A 642 -15.15 30.80 9.30
N LYS A 643 -15.21 29.56 9.77
CA LYS A 643 -16.17 28.60 9.25
C LYS A 643 -17.60 29.03 9.55
N ILE A 644 -17.86 29.53 10.75
CA ILE A 644 -19.20 29.99 11.10
C ILE A 644 -19.63 31.10 10.14
N ARG A 645 -18.70 31.99 9.78
CA ARG A 645 -18.98 33.01 8.79
C ARG A 645 -19.35 32.41 7.45
N ASN A 646 -18.64 31.37 7.03
CA ASN A 646 -18.88 30.78 5.72
C ASN A 646 -20.14 29.94 5.70
N VAL A 647 -20.43 29.20 6.78
CA VAL A 647 -21.54 28.27 6.77
C VAL A 647 -22.87 29.00 6.97
N PHE A 648 -22.94 29.87 7.98
CA PHE A 648 -24.18 30.57 8.28
C PHE A 648 -24.32 31.90 7.56
N HIS A 649 -23.31 32.32 6.79
CA HIS A 649 -23.35 33.53 5.98
C HIS A 649 -23.56 34.79 6.81
N CYS A 650 -23.27 34.73 8.11
CA CYS A 650 -23.37 35.91 8.96
C CYS A 650 -22.14 36.80 8.78
N GLU A 651 -22.33 38.11 8.99
CA GLU A 651 -21.23 39.04 8.86
C GLU A 651 -20.29 38.94 10.06
N ALA A 652 -19.14 39.59 9.93
CA ALA A 652 -18.10 39.46 10.95
C ALA A 652 -18.56 40.01 12.30
N HIS A 653 -19.27 41.14 12.31
CA HIS A 653 -19.70 41.73 13.57
C HIS A 653 -20.81 40.93 14.24
N ARG A 654 -21.37 39.93 13.58
CA ARG A 654 -22.36 39.05 14.20
C ARG A 654 -21.75 37.99 15.09
N ILE A 655 -20.46 37.69 14.93
CA ILE A 655 -19.77 36.70 15.73
C ILE A 655 -18.99 37.42 16.82
N LEU A 656 -19.10 36.95 18.05
CA LEU A 656 -18.46 37.60 19.19
C LEU A 656 -17.46 36.65 19.82
N TYR A 657 -16.23 37.10 19.97
CA TYR A 657 -15.18 36.34 20.64
C TYR A 657 -14.88 37.00 21.97
N VAL A 658 -14.91 36.20 23.05
CA VAL A 658 -14.72 36.70 24.39
C VAL A 658 -13.52 35.99 25.01
N CYS A 659 -12.59 36.77 25.56
CA CYS A 659 -11.39 36.23 26.18
C CYS A 659 -11.11 37.00 27.46
N GLU A 660 -10.33 36.40 28.34
CA GLU A 660 -10.05 37.03 29.63
C GLU A 660 -9.01 38.13 29.54
N ASN A 661 -8.02 38.00 28.64
CA ASN A 661 -6.89 38.90 28.60
C ASN A 661 -6.97 39.85 27.42
N GLN A 662 -6.23 40.95 27.51
CA GLN A 662 -6.22 42.01 26.51
C GLN A 662 -5.32 41.71 25.31
N PRO A 663 -4.09 41.23 25.49
CA PRO A 663 -3.24 40.98 24.31
C PRO A 663 -3.86 39.99 23.33
N LEU A 664 -4.53 38.96 23.84
CA LEU A 664 -5.20 38.01 22.95
C LEU A 664 -6.37 38.66 22.23
N ARG A 665 -7.07 39.57 22.90
CA ARG A 665 -8.17 40.28 22.27
C ARG A 665 -7.69 41.09 21.06
N ASN A 666 -6.58 41.81 21.23
CA ASN A 666 -6.05 42.62 20.14
C ASN A 666 -5.59 41.74 18.98
N PHE A 667 -4.97 40.61 19.30
CA PHE A 667 -4.51 39.70 18.26
C PHE A 667 -5.67 39.19 17.41
N ILE A 668 -6.79 38.86 18.07
CA ILE A 668 -7.96 38.40 17.33
C ILE A 668 -8.58 39.53 16.53
N SER A 669 -8.63 40.73 17.09
CA SER A 669 -9.22 41.86 16.38
C SER A 669 -8.44 42.18 15.11
N ASP A 670 -7.11 42.13 15.18
CA ASP A 670 -6.29 42.40 14.01
C ASP A 670 -6.53 41.40 12.89
N ARG A 671 -6.94 40.17 13.22
CA ARG A 671 -7.26 39.18 12.20
C ARG A 671 -8.54 39.49 11.45
N ASN A 672 -9.37 40.40 11.96
CA ASN A 672 -10.61 40.83 11.32
C ASN A 672 -11.57 39.66 11.12
N ILE A 673 -11.46 38.63 11.97
CA ILE A 673 -12.38 37.51 11.89
C ILE A 673 -13.76 37.92 12.39
N CYS A 674 -13.83 38.69 13.47
CA CYS A 674 -15.09 38.97 14.14
C CYS A 674 -14.89 40.13 15.10
N ARG A 675 -15.90 40.36 15.93
CA ARG A 675 -15.74 41.24 17.06
C ARG A 675 -15.12 40.47 18.23
N ALA A 676 -14.09 41.05 18.83
CA ALA A 676 -13.42 40.41 19.96
C ALA A 676 -13.49 41.34 21.16
N GLU A 677 -13.91 40.81 22.30
CA GLU A 677 -14.06 41.61 23.50
C GLU A 677 -13.50 40.83 24.69
N THR A 678 -13.14 41.56 25.73
CA THR A 678 -12.71 40.96 26.98
C THR A 678 -13.96 40.61 27.82
N ARG A 679 -13.77 39.76 28.83
CA ARG A 679 -14.88 39.38 29.69
C ARG A 679 -15.51 40.60 30.36
N LYS A 680 -14.67 41.50 30.89
CA LYS A 680 -15.18 42.69 31.55
C LYS A 680 -15.95 43.57 30.57
N THR A 681 -15.44 43.72 29.34
CA THR A 681 -16.17 44.44 28.32
C THR A 681 -17.47 43.72 27.95
N PHE A 682 -17.43 42.39 27.94
CA PHE A 682 -18.61 41.61 27.58
C PHE A 682 -19.74 41.82 28.60
N LEU A 683 -19.40 41.87 29.88
CA LEU A 683 -20.43 41.99 30.90
C LEU A 683 -20.97 43.42 31.00
N ARG A 684 -20.20 44.39 30.50
CA ARG A 684 -20.64 45.78 30.61
C ARG A 684 -21.49 46.21 29.42
N GLU A 685 -20.94 46.14 28.22
CA GLU A 685 -21.62 46.66 27.04
C GLU A 685 -22.82 45.81 26.68
N ASN A 686 -23.58 46.29 25.69
CA ASN A 686 -24.75 45.60 25.19
C ASN A 686 -24.43 44.96 23.85
N PHE A 687 -24.89 43.73 23.66
CA PHE A 687 -24.57 42.93 22.48
C PHE A 687 -25.84 42.35 21.86
N GLU A 688 -26.85 43.21 21.66
CA GLU A 688 -28.13 42.73 21.12
C GLU A 688 -27.97 42.17 19.72
N HIS A 689 -27.02 42.70 18.94
CA HIS A 689 -26.94 42.34 17.53
C HIS A 689 -26.11 41.08 17.28
N ILE A 690 -25.59 40.45 18.33
CA ILE A 690 -24.76 39.27 18.18
C ILE A 690 -25.62 38.04 17.97
N GLN A 691 -25.20 37.18 17.04
CA GLN A 691 -25.86 35.90 16.79
C GLN A 691 -25.12 34.73 17.42
N HIS A 692 -23.80 34.68 17.28
CA HIS A 692 -22.99 33.57 17.77
C HIS A 692 -21.93 34.10 18.72
N ILE A 693 -21.62 33.33 19.75
CA ILE A 693 -20.63 33.71 20.75
C ILE A 693 -19.63 32.58 20.89
N VAL A 694 -18.35 32.89 20.78
CA VAL A 694 -17.27 31.93 21.00
C VAL A 694 -16.45 32.44 22.18
N ILE A 695 -16.22 31.57 23.15
CA ILE A 695 -15.53 31.91 24.38
C ILE A 695 -14.28 31.05 24.49
N ASP A 696 -13.14 31.68 24.75
CA ASP A 696 -11.89 30.96 24.85
C ASP A 696 -11.22 31.29 26.18
N GLU A 697 -10.42 30.35 26.67
CA GLU A 697 -9.81 30.43 28.00
C GLU A 697 -10.86 30.64 29.07
N ALA A 698 -11.98 29.93 28.97
CA ALA A 698 -13.08 30.12 29.92
C ALA A 698 -12.72 29.66 31.31
N GLN A 699 -11.74 28.77 31.46
CA GLN A 699 -11.38 28.31 32.80
C GLN A 699 -10.70 29.42 33.61
N ASN A 700 -10.23 30.46 32.93
CA ASN A 700 -9.61 31.60 33.60
C ASN A 700 -10.59 32.74 33.87
N PHE A 701 -11.85 32.61 33.46
CA PHE A 701 -12.84 33.64 33.73
C PHE A 701 -13.12 33.70 35.24
N ARG A 702 -13.85 34.73 35.65
CA ARG A 702 -14.20 34.88 37.05
C ARG A 702 -15.62 35.43 37.17
N THR A 703 -16.24 35.15 38.32
CA THR A 703 -17.61 35.59 38.57
C THR A 703 -17.69 36.95 39.26
N GLU A 704 -16.55 37.55 39.60
CA GLU A 704 -16.57 38.77 40.40
C GLU A 704 -17.26 39.92 39.68
N ASP A 705 -17.22 39.94 38.36
CA ASP A 705 -17.87 41.01 37.60
C ASP A 705 -19.33 40.74 37.33
N GLY A 706 -19.71 39.51 37.09
CA GLY A 706 -21.09 39.14 36.79
C GLY A 706 -21.16 37.73 36.24
N ASP A 707 -22.39 37.25 36.07
CA ASP A 707 -22.62 35.90 35.57
C ASP A 707 -22.54 35.93 34.04
N TRP A 708 -21.34 35.65 33.53
CA TRP A 708 -21.13 35.70 32.08
C TRP A 708 -21.81 34.52 31.38
N TYR A 709 -21.82 33.35 32.01
CA TYR A 709 -22.38 32.17 31.35
C TYR A 709 -23.88 32.32 31.11
N GLY A 710 -24.61 32.84 32.08
CA GLY A 710 -26.02 33.11 31.86
C GLY A 710 -26.24 34.16 30.80
N LYS A 711 -25.40 35.20 30.79
CA LYS A 711 -25.50 36.22 29.75
C LYS A 711 -25.21 35.65 28.37
N ALA A 712 -24.24 34.75 28.29
CA ALA A 712 -23.89 34.14 27.00
C ALA A 712 -25.05 33.32 26.45
N LYS A 713 -25.73 32.56 27.32
CA LYS A 713 -26.88 31.78 26.89
C LYS A 713 -28.00 32.69 26.40
N SER A 714 -28.27 33.77 27.12
CA SER A 714 -29.39 34.63 26.79
C SER A 714 -29.24 35.25 25.41
N ILE A 715 -28.03 35.72 25.09
CA ILE A 715 -27.81 36.36 23.80
C ILE A 715 -27.97 35.36 22.66
N THR A 716 -27.43 34.15 22.84
CA THR A 716 -27.46 33.15 21.78
C THR A 716 -28.83 32.49 21.61
N ARG A 717 -29.52 32.22 22.72
CA ARG A 717 -30.79 31.49 22.63
C ARG A 717 -31.93 32.35 22.09
N ARG A 718 -31.81 33.67 22.15
CA ARG A 718 -32.79 34.57 21.56
C ARG A 718 -32.40 35.02 20.16
N ALA A 719 -31.44 34.34 19.53
CA ALA A 719 -31.02 34.70 18.19
C ALA A 719 -32.09 34.32 17.16
N LYS A 720 -31.86 34.72 15.91
CA LYS A 720 -32.83 34.48 14.86
C LYS A 720 -32.89 33.01 14.48
N GLY A 721 -31.73 32.34 14.43
CA GLY A 721 -31.69 30.94 14.07
C GLY A 721 -31.81 30.00 15.26
N GLY A 722 -32.82 30.21 16.09
CA GLY A 722 -32.99 29.43 17.29
C GLY A 722 -31.81 29.57 18.22
N PRO A 723 -31.38 28.48 18.83
CA PRO A 723 -30.17 28.52 19.66
C PRO A 723 -28.91 28.66 18.80
N GLY A 724 -28.33 29.85 18.78
CA GLY A 724 -27.14 30.08 17.99
C GLY A 724 -25.92 29.41 18.59
N ILE A 725 -24.82 29.49 17.83
CA ILE A 725 -23.58 28.85 18.26
C ILE A 725 -23.09 29.48 19.56
N LEU A 726 -22.91 28.65 20.58
CA LEU A 726 -22.28 29.07 21.83
C LEU A 726 -21.26 27.99 22.17
N TRP A 727 -20.05 28.14 21.64
CA TRP A 727 -18.97 27.20 21.86
C TRP A 727 -18.04 27.76 22.92
N ILE A 728 -17.69 26.94 23.90
CA ILE A 728 -16.81 27.34 24.99
C ILE A 728 -15.55 26.52 24.89
N PHE A 729 -14.43 27.16 24.58
CA PHE A 729 -13.13 26.52 24.55
C PHE A 729 -12.46 26.72 25.89
N LEU A 730 -11.94 25.64 26.47
CA LEU A 730 -11.42 25.71 27.81
C LEU A 730 -10.39 24.60 28.02
N ASP A 731 -9.52 24.80 29.02
CA ASP A 731 -8.43 23.87 29.29
C ASP A 731 -8.16 23.95 30.79
N TYR A 732 -8.61 22.93 31.53
CA TYR A 732 -8.48 22.96 32.98
C TYR A 732 -7.04 22.78 33.45
N PHE A 733 -6.15 22.30 32.59
CA PHE A 733 -4.75 22.19 32.98
C PHE A 733 -4.09 23.57 33.12
N GLN A 734 -4.62 24.58 32.45
CA GLN A 734 -4.05 25.93 32.46
C GLN A 734 -4.82 26.85 33.38
N THR A 735 -5.28 26.34 34.52
CA THR A 735 -6.04 27.15 35.47
C THR A 735 -5.08 28.03 36.26
N SER A 736 -5.12 29.33 36.00
CA SER A 736 -4.16 30.26 36.61
C SER A 736 -4.69 30.94 37.87
N HIS A 737 -5.92 30.62 38.30
CA HIS A 737 -6.50 31.31 39.45
C HIS A 737 -7.33 30.32 40.25
N LEU A 738 -7.60 30.70 41.51
CA LEU A 738 -8.29 29.83 42.44
C LEU A 738 -9.74 30.23 42.68
N ASP A 739 -10.24 31.26 42.01
CA ASP A 739 -11.62 31.66 42.20
C ASP A 739 -12.57 30.77 41.41
N CYS A 740 -13.83 31.17 41.38
CA CYS A 740 -14.85 30.46 40.62
C CYS A 740 -14.85 30.95 39.17
N SER A 741 -14.76 30.02 38.23
CA SER A 741 -14.70 30.40 36.82
C SER A 741 -16.06 30.81 36.27
N GLY A 742 -17.14 30.37 36.91
CA GLY A 742 -18.48 30.65 36.42
C GLY A 742 -19.02 29.66 35.42
N LEU A 743 -18.26 28.63 35.07
CA LEU A 743 -18.73 27.62 34.16
C LEU A 743 -19.81 26.77 34.84
N PRO A 744 -20.73 26.18 34.08
CA PRO A 744 -21.67 25.24 34.66
C PRO A 744 -20.96 23.99 35.13
N PRO A 745 -21.55 23.25 36.08
CA PRO A 745 -20.85 22.08 36.63
C PRO A 745 -20.47 21.08 35.56
N LEU A 746 -19.50 20.22 35.89
CA LEU A 746 -18.92 19.33 34.89
C LEU A 746 -19.96 18.43 34.25
N SER A 747 -20.97 18.03 35.01
CA SER A 747 -22.04 17.20 34.45
C SER A 747 -22.91 17.96 33.47
N ASP A 748 -22.96 19.28 33.58
CA ASP A 748 -23.78 20.09 32.68
C ASP A 748 -23.00 20.55 31.45
N GLN A 749 -21.68 20.32 31.42
CA GLN A 749 -20.86 20.72 30.28
C GLN A 749 -20.93 19.69 29.17
N TYR A 750 -22.10 19.63 28.54
CA TYR A 750 -22.36 18.74 27.41
C TYR A 750 -23.11 19.49 26.32
N PRO A 751 -22.93 19.10 25.05
CA PRO A 751 -22.03 18.06 24.55
C PRO A 751 -20.57 18.45 24.67
N ARG A 752 -19.66 17.52 24.38
CA ARG A 752 -18.24 17.78 24.54
C ARG A 752 -17.47 17.43 23.29
N GLU A 753 -16.37 18.15 23.08
CA GLU A 753 -15.32 17.76 22.15
C GLU A 753 -14.00 17.89 22.89
N GLU A 754 -13.08 16.98 22.61
CA GLU A 754 -11.80 16.97 23.31
C GLU A 754 -10.67 17.00 22.30
N LEU A 755 -9.75 17.94 22.47
CA LEU A 755 -8.55 18.04 21.65
C LEU A 755 -7.41 17.47 22.47
N THR A 756 -7.00 16.26 22.15
CA THR A 756 -6.00 15.54 22.94
C THR A 756 -4.63 15.48 22.30
N ARG A 757 -4.53 15.59 20.98
CA ARG A 757 -3.25 15.49 20.30
C ARG A 757 -2.51 16.82 20.37
N ILE A 758 -1.28 16.79 20.87
CA ILE A 758 -0.45 17.98 20.99
C ILE A 758 0.18 18.29 19.64
N VAL A 759 -0.41 19.23 18.91
CA VAL A 759 0.08 19.55 17.56
C VAL A 759 0.68 20.93 17.46
N ARG A 760 1.03 21.56 18.58
CA ARG A 760 1.44 22.94 18.58
C ARG A 760 2.81 23.18 19.19
N ASN A 761 3.49 22.13 19.67
CA ASN A 761 4.81 22.28 20.26
C ASN A 761 5.74 21.21 19.72
N ALA A 762 7.04 21.53 19.71
CA ALA A 762 8.05 20.58 19.24
C ALA A 762 8.22 19.44 20.23
N ASP A 763 8.96 18.42 19.81
CA ASP A 763 9.03 17.19 20.60
C ASP A 763 9.58 17.37 22.01
N PRO A 764 10.72 18.04 22.24
CA PRO A 764 11.14 18.25 23.64
C PRO A 764 10.16 19.07 24.44
N ILE A 765 9.48 20.03 23.81
CA ILE A 765 8.47 20.82 24.51
C ILE A 765 7.25 19.97 24.82
N ALA A 766 6.79 19.19 23.83
CA ALA A 766 5.60 18.38 24.02
C ALA A 766 5.81 17.32 25.09
N LYS A 767 6.99 16.70 25.11
CA LYS A 767 7.28 15.71 26.14
C LYS A 767 7.31 16.36 27.52
N TYR A 768 7.69 17.64 27.58
CA TYR A 768 7.72 18.33 28.87
C TYR A 768 6.31 18.62 29.38
N LEU A 769 5.39 18.96 28.47
CA LEU A 769 4.02 19.25 28.89
C LEU A 769 3.37 18.03 29.52
N GLN A 770 3.55 16.86 28.90
CA GLN A 770 2.94 15.64 29.43
C GLN A 770 3.51 15.29 30.81
N LYS A 771 4.81 15.52 31.01
CA LYS A 771 5.41 15.28 32.32
C LYS A 771 4.80 16.17 33.38
N GLU A 772 4.59 17.45 33.05
CA GLU A 772 3.98 18.36 34.01
C GLU A 772 2.48 18.13 34.15
N MET A 773 1.83 17.64 33.10
CA MET A 773 0.41 17.31 33.19
C MET A 773 0.17 16.19 34.19
N GLN A 774 1.07 15.22 34.25
CA GLN A 774 0.93 14.12 35.20
C GLN A 774 1.03 14.60 36.64
N VAL A 775 1.83 15.63 36.90
CA VAL A 775 1.98 16.13 38.26
C VAL A 775 0.66 16.71 38.76
N ILE A 776 -0.02 17.49 37.92
CA ILE A 776 -1.29 18.08 38.33
C ILE A 776 -2.36 17.02 38.55
N ARG A 777 -2.33 15.96 37.73
CA ARG A 777 -3.28 14.86 37.93
C ARG A 777 -3.15 14.27 39.32
N SER A 778 -1.92 14.15 39.83
CA SER A 778 -1.71 13.65 41.18
C SER A 778 -2.18 14.63 42.24
N ASN A 779 -2.05 15.93 42.01
CA ASN A 779 -2.42 16.92 43.01
C ASN A 779 -3.19 18.07 42.37
N PRO A 780 -4.43 17.85 41.94
CA PRO A 780 -5.19 18.94 41.31
C PRO A 780 -5.58 20.00 42.33
N SER A 781 -5.80 21.21 41.83
CA SER A 781 -6.28 22.30 42.67
C SER A 781 -7.70 22.02 43.12
N PHE A 782 -8.08 22.60 44.26
CA PHE A 782 -9.40 22.31 44.83
C PHE A 782 -10.52 22.89 43.99
N ASN A 783 -10.28 24.01 43.30
CA ASN A 783 -11.34 24.66 42.53
C ASN A 783 -11.72 23.89 41.28
N ILE A 784 -10.82 23.10 40.72
CA ILE A 784 -11.13 22.37 39.48
C ILE A 784 -12.08 21.22 39.79
N PRO A 785 -13.09 20.99 38.96
CA PRO A 785 -13.97 19.83 39.17
C PRO A 785 -13.20 18.52 39.09
N THR A 786 -13.71 17.51 39.79
CA THR A 786 -12.97 16.27 40.01
C THR A 786 -12.65 15.54 38.71
N GLY A 787 -13.61 15.48 37.78
CA GLY A 787 -13.43 14.70 36.57
C GLY A 787 -12.66 15.38 35.46
N CYS A 788 -12.15 16.59 35.69
CA CYS A 788 -11.49 17.33 34.63
C CYS A 788 -10.14 16.75 34.27
N LEU A 789 -9.35 16.35 35.27
CA LEU A 789 -7.94 16.04 35.05
C LEU A 789 -7.69 14.64 34.52
N GLU A 790 -8.74 13.82 34.36
CA GLU A 790 -8.58 12.48 33.83
C GLU A 790 -8.59 12.42 32.31
N VAL A 791 -8.53 13.57 31.63
CA VAL A 791 -8.41 13.59 30.18
C VAL A 791 -6.95 13.32 29.82
N PHE A 792 -6.72 12.36 28.94
CA PHE A 792 -5.37 11.97 28.58
C PHE A 792 -5.10 12.24 27.10
N PRO A 793 -3.85 12.52 26.75
CA PRO A 793 -3.52 12.76 25.33
C PRO A 793 -3.62 11.48 24.52
N GLU A 794 -3.25 11.60 23.25
CA GLU A 794 -3.29 10.45 22.35
C GLU A 794 -2.38 9.34 22.86
N ALA A 795 -2.80 8.09 22.64
CA ALA A 795 -2.09 6.95 23.18
C ALA A 795 -0.62 6.94 22.76
N GLU A 796 -0.36 7.15 21.47
CA GLU A 796 0.98 7.33 20.95
C GLU A 796 0.95 8.42 19.90
N TRP A 797 1.67 9.51 20.14
CA TRP A 797 1.65 10.65 19.25
C TRP A 797 2.97 11.39 19.37
N SER A 798 3.60 11.64 18.22
CA SER A 798 4.80 12.45 18.17
C SER A 798 4.72 13.34 16.94
N GLN A 799 5.10 14.61 17.11
CA GLN A 799 5.01 15.58 16.03
C GLN A 799 6.10 15.41 14.99
N GLY A 800 7.19 14.71 15.31
CA GLY A 800 8.29 14.61 14.38
C GLY A 800 9.01 15.93 14.14
N VAL A 801 8.82 16.91 15.02
CA VAL A 801 9.44 18.22 14.92
C VAL A 801 10.36 18.37 16.12
N GLN A 802 11.64 18.59 15.86
CA GLN A 802 12.62 18.68 16.93
C GLN A 802 12.79 20.12 17.40
N GLY A 803 12.99 20.28 18.71
CA GLY A 803 13.14 21.58 19.31
C GLY A 803 14.13 21.56 20.45
N THR A 804 14.10 22.58 21.31
CA THR A 804 15.08 22.71 22.38
C THR A 804 14.37 23.15 23.66
N LEU A 805 14.68 22.48 24.76
CA LEU A 805 14.19 22.88 26.08
C LEU A 805 15.34 22.76 27.06
N ARG A 806 15.76 23.89 27.62
CA ARG A 806 16.89 23.93 28.54
C ARG A 806 16.49 24.69 29.80
N ILE A 807 16.85 24.15 30.95
CA ILE A 807 16.51 24.74 32.24
C ILE A 807 17.81 25.10 32.96
N LYS A 808 17.94 26.37 33.33
CA LYS A 808 19.14 26.88 33.99
C LYS A 808 18.71 27.43 35.35
N LYS A 809 19.34 26.94 36.41
CA LYS A 809 18.86 27.19 37.76
C LYS A 809 19.99 27.68 38.67
N TYR A 810 19.59 28.38 39.73
CA TYR A 810 20.45 29.03 40.72
C TYR A 810 21.25 30.19 40.16
N LEU A 811 21.03 30.57 38.90
CA LEU A 811 21.66 31.76 38.37
C LEU A 811 21.01 33.01 38.94
N THR A 812 21.82 34.02 39.21
CA THR A 812 21.28 35.30 39.66
C THR A 812 20.72 36.06 38.46
N VAL A 813 20.05 37.18 38.76
CA VAL A 813 19.33 37.91 37.72
C VAL A 813 20.30 38.37 36.63
N GLU A 814 21.46 38.90 37.03
CA GLU A 814 22.44 39.34 36.04
C GLU A 814 22.94 38.16 35.21
N GLN A 815 23.18 37.02 35.85
CA GLN A 815 23.61 35.83 35.11
C GLN A 815 22.49 35.32 34.21
N ILE A 816 21.25 35.34 34.70
CA ILE A 816 20.11 34.94 33.86
C ILE A 816 19.97 35.88 32.68
N MET A 817 20.05 37.18 32.93
CA MET A 817 19.70 38.12 31.87
C MET A 817 20.84 38.24 30.85
N THR A 818 22.05 37.83 31.23
CA THR A 818 23.14 37.74 30.27
C THR A 818 22.93 36.57 29.32
N CYS A 819 22.53 35.41 29.85
CA CYS A 819 22.27 34.26 29.00
C CYS A 819 21.13 34.52 28.04
N VAL A 820 20.13 35.29 28.47
CA VAL A 820 19.04 35.69 27.58
C VAL A 820 19.59 36.55 26.45
N ALA A 821 20.43 37.53 26.78
CA ALA A 821 20.99 38.40 25.76
C ALA A 821 21.95 37.67 24.84
N ASP A 822 22.79 36.81 25.41
CA ASP A 822 23.76 36.06 24.60
C ASP A 822 23.05 35.10 23.66
N THR A 823 22.04 34.39 24.15
CA THR A 823 21.33 33.42 23.32
C THR A 823 20.57 34.10 22.20
N CYS A 824 19.95 35.24 22.48
CA CYS A 824 19.25 35.98 21.43
C CYS A 824 20.21 36.41 20.33
N ARG A 825 21.40 36.86 20.73
CA ARG A 825 22.38 37.31 19.75
C ARG A 825 22.82 36.16 18.83
N ARG A 826 23.06 34.99 19.42
CA ARG A 826 23.42 33.83 18.60
C ARG A 826 22.30 33.47 17.64
N PHE A 827 21.05 33.50 18.11
CA PHE A 827 19.92 33.25 17.23
C PHE A 827 19.82 34.33 16.16
N PHE A 828 19.99 35.59 16.55
CA PHE A 828 19.87 36.68 15.59
C PHE A 828 20.98 36.64 14.56
N ASP A 829 22.19 36.23 14.96
CA ASP A 829 23.29 36.12 14.01
C ASP A 829 23.00 35.07 12.94
N ARG A 830 22.45 33.93 13.34
CA ARG A 830 22.12 32.86 12.41
C ARG A 830 21.02 33.25 11.43
N GLY A 831 20.30 34.34 11.68
CA GLY A 831 19.29 34.83 10.77
C GLY A 831 17.89 34.92 11.33
N TYR A 832 17.68 34.49 12.58
CA TYR A 832 16.36 34.60 13.18
C TYR A 832 16.00 36.06 13.40
N SER A 833 14.71 36.34 13.30
CA SER A 833 14.23 37.70 13.48
C SER A 833 13.74 37.90 14.91
N PRO A 834 13.81 39.13 15.43
CA PRO A 834 13.38 39.36 16.82
C PRO A 834 11.94 39.02 17.09
N LYS A 835 11.07 39.07 16.09
CA LYS A 835 9.66 38.77 16.29
C LYS A 835 9.41 37.29 16.56
N ASP A 836 10.46 36.49 16.66
CA ASP A 836 10.35 35.09 17.05
C ASP A 836 10.77 34.85 18.50
N VAL A 837 10.97 35.91 19.28
CA VAL A 837 11.46 35.80 20.64
C VAL A 837 10.47 36.42 21.59
N ALA A 838 10.30 35.80 22.76
CA ALA A 838 9.48 36.34 23.82
C ALA A 838 10.12 36.03 25.16
N VAL A 839 10.07 37.01 26.07
CA VAL A 839 10.57 36.87 27.42
C VAL A 839 9.40 37.03 28.37
N LEU A 840 9.02 35.95 29.03
CA LEU A 840 7.82 35.92 29.86
C LEU A 840 8.23 35.89 31.32
N VAL A 841 7.71 36.83 32.10
CA VAL A 841 7.98 36.90 33.51
C VAL A 841 6.72 36.46 34.27
N SER A 842 6.85 36.31 35.58
CA SER A 842 5.76 35.76 36.38
C SER A 842 4.56 36.71 36.42
N THR A 843 4.79 37.98 36.73
CA THR A 843 3.71 38.92 37.00
C THR A 843 3.94 40.20 36.22
N ALA A 844 2.83 40.86 35.87
CA ALA A 844 2.91 42.11 35.12
C ALA A 844 3.54 43.24 35.92
N LYS A 845 3.41 43.21 37.26
CA LYS A 845 4.12 44.20 38.07
C LYS A 845 5.62 43.98 38.04
N GLU A 846 6.05 42.76 37.74
CA GLU A 846 7.47 42.43 37.67
C GLU A 846 8.05 42.71 36.29
N VAL A 847 7.23 43.14 35.33
CA VAL A 847 7.72 43.46 33.99
C VAL A 847 8.68 44.64 34.05
N GLU A 848 8.31 45.69 34.77
CA GLU A 848 9.10 46.91 34.75
C GLU A 848 10.46 46.71 35.40
N HIS A 849 10.55 45.82 36.39
CA HIS A 849 11.83 45.49 37.00
C HIS A 849 12.77 44.84 35.98
N TYR A 850 12.27 43.87 35.22
CA TYR A 850 13.12 43.13 34.30
C TYR A 850 13.30 43.84 32.97
N LYS A 851 12.39 44.74 32.58
CA LYS A 851 12.57 45.44 31.31
C LYS A 851 13.81 46.33 31.36
N TYR A 852 14.04 47.00 32.48
CA TYR A 852 15.26 47.79 32.63
C TYR A 852 16.49 46.89 32.65
N GLU A 853 16.39 45.73 33.30
CA GLU A 853 17.53 44.82 33.36
C GLU A 853 17.89 44.28 31.98
N LEU A 854 16.89 43.94 31.17
CA LEU A 854 17.16 43.44 29.83
C LEU A 854 17.82 44.51 28.97
N LEU A 855 17.25 45.71 28.95
CA LEU A 855 17.84 46.79 28.17
C LEU A 855 19.26 47.12 28.63
N LYS A 856 19.55 46.87 29.91
CA LYS A 856 20.89 47.16 30.43
C LYS A 856 21.92 46.22 29.85
N ALA A 857 21.61 44.92 29.77
CA ALA A 857 22.60 43.95 29.33
C ALA A 857 22.45 43.62 27.85
N MET A 858 21.23 43.72 27.31
CA MET A 858 20.99 43.36 25.92
C MET A 858 21.26 44.53 24.97
N ARG A 859 21.50 45.73 25.50
CA ARG A 859 21.92 46.85 24.66
C ARG A 859 23.26 46.56 24.01
N LYS A 860 24.11 45.76 24.67
CA LYS A 860 25.42 45.44 24.11
C LYS A 860 25.29 44.65 22.82
N LYS A 861 24.11 44.09 22.55
CA LYS A 861 23.84 43.33 21.35
C LYS A 861 23.20 44.17 20.25
N ARG A 862 23.35 45.50 20.32
CA ARG A 862 23.06 46.42 19.22
C ARG A 862 21.56 46.60 18.98
N VAL A 863 20.71 46.15 19.90
CA VAL A 863 19.29 46.43 19.84
C VAL A 863 18.81 46.82 21.24
N VAL A 864 18.03 47.90 21.29
CA VAL A 864 17.60 48.48 22.56
C VAL A 864 16.06 48.57 22.55
N GLN A 865 15.42 47.67 21.81
CA GLN A 865 13.97 47.76 21.63
C GLN A 865 13.26 46.55 22.22
N LEU A 866 12.16 46.82 22.92
CA LEU A 866 11.27 45.79 23.43
C LEU A 866 9.82 46.21 23.19
N SER A 867 8.93 45.24 23.26
CA SER A 867 7.50 45.46 23.07
C SER A 867 6.71 44.72 24.13
N ASP A 868 5.47 45.15 24.35
CA ASP A 868 4.57 44.39 25.21
C ASP A 868 3.70 43.46 24.38
N ALA A 869 3.02 42.54 25.06
CA ALA A 869 2.22 41.55 24.36
C ALA A 869 1.04 42.16 23.63
N CYS A 870 0.65 43.39 23.96
CA CYS A 870 -0.44 44.05 23.24
C CYS A 870 -0.07 44.36 21.81
N ASP A 871 1.22 44.41 21.49
CA ASP A 871 1.71 44.62 20.12
C ASP A 871 2.45 43.36 19.69
N MET A 872 1.88 42.65 18.71
CA MET A 872 2.46 41.41 18.21
C MET A 872 2.96 41.53 16.78
N LEU A 873 2.63 42.62 16.08
CA LEU A 873 3.08 42.83 14.72
C LEU A 873 4.44 43.52 14.64
N GLY A 874 4.80 44.30 15.65
CA GLY A 874 6.10 44.93 15.65
C GLY A 874 7.22 43.91 15.72
N ASP A 875 8.29 44.18 14.99
CA ASP A 875 9.46 43.28 14.94
C ASP A 875 10.38 43.60 16.11
N HIS A 876 9.91 43.25 17.30
CA HIS A 876 10.64 43.48 18.53
C HIS A 876 10.38 42.34 19.50
N ILE A 877 11.31 42.16 20.44
CA ILE A 877 11.14 41.12 21.45
C ILE A 877 9.99 41.50 22.38
N VAL A 878 9.07 40.56 22.58
CA VAL A 878 7.93 40.80 23.44
C VAL A 878 8.27 40.38 24.86
N LEU A 879 8.17 41.32 25.79
CA LEU A 879 8.38 41.05 27.21
C LEU A 879 7.08 41.36 27.95
N ASP A 880 6.56 40.38 28.68
CA ASP A 880 5.31 40.55 29.40
C ASP A 880 5.17 39.40 30.40
N SER A 881 4.02 39.36 31.06
CA SER A 881 3.76 38.34 32.05
C SER A 881 3.26 37.05 31.40
N VAL A 882 3.37 35.94 32.12
CA VAL A 882 2.93 34.66 31.59
C VAL A 882 1.42 34.66 31.35
N ARG A 883 0.66 35.14 32.35
CA ARG A 883 -0.79 35.13 32.26
C ARG A 883 -1.28 36.05 31.14
N ARG A 884 -0.59 37.17 30.95
CA ARG A 884 -1.02 38.13 29.93
C ARG A 884 -0.71 37.63 28.53
N PHE A 885 0.16 36.64 28.41
CA PHE A 885 0.55 36.12 27.10
C PHE A 885 -0.29 34.92 26.66
N SER A 886 -1.31 34.55 27.43
CA SER A 886 -2.13 33.39 27.10
C SER A 886 -2.87 33.62 25.80
N GLY A 887 -2.98 32.56 25.00
CA GLY A 887 -3.57 32.63 23.69
C GLY A 887 -2.58 32.92 22.57
N LEU A 888 -1.39 33.39 22.91
CA LEU A 888 -0.34 33.72 21.96
C LEU A 888 0.81 32.73 22.08
N GLU A 889 1.71 32.74 21.10
CA GLU A 889 2.86 31.86 21.14
C GLU A 889 3.97 32.39 20.25
N ARG A 890 5.21 32.05 20.62
CA ARG A 890 6.41 32.47 19.91
C ARG A 890 7.30 31.26 19.72
N SER A 891 8.15 31.32 18.68
CA SER A 891 9.07 30.22 18.43
C SER A 891 10.06 30.05 19.57
N ILE A 892 10.59 31.16 20.10
CA ILE A 892 11.57 31.12 21.16
C ILE A 892 11.01 31.88 22.35
N VAL A 893 10.98 31.23 23.51
CA VAL A 893 10.40 31.80 24.72
C VAL A 893 11.38 31.63 25.86
N PHE A 894 11.61 32.72 26.59
CA PHE A 894 12.42 32.69 27.81
C PHE A 894 11.49 32.90 29.00
N GLY A 895 11.51 31.95 29.93
CA GLY A 895 10.72 32.05 31.14
C GLY A 895 11.62 32.34 32.32
N ILE A 896 11.42 33.49 32.95
CA ILE A 896 12.30 33.97 34.01
C ILE A 896 11.52 33.94 35.33
N HIS A 897 12.01 33.13 36.27
CA HIS A 897 11.50 33.02 37.63
C HIS A 897 9.97 32.84 37.66
N PRO A 898 9.48 31.67 37.28
CA PRO A 898 8.05 31.40 37.44
C PRO A 898 7.69 31.32 38.91
N ARG A 899 6.71 32.13 39.32
CA ARG A 899 6.38 32.26 40.73
C ARG A 899 4.88 32.51 40.87
N THR A 900 4.33 32.11 42.01
CA THR A 900 2.93 32.32 42.31
C THR A 900 2.74 32.35 43.81
N ALA A 901 1.61 32.91 44.24
CA ALA A 901 1.32 33.00 45.67
C ALA A 901 0.90 31.67 46.27
N ASP A 902 0.48 30.71 45.44
CA ASP A 902 0.03 29.41 45.93
C ASP A 902 0.70 28.30 45.13
N PRO A 903 1.46 27.42 45.80
CA PRO A 903 2.12 26.33 45.05
C PRO A 903 1.15 25.38 44.35
N ALA A 904 -0.12 25.33 44.77
CA ALA A 904 -1.10 24.53 44.06
C ALA A 904 -1.31 25.00 42.64
N ILE A 905 -1.04 26.28 42.37
CA ILE A 905 -1.14 26.80 41.01
C ILE A 905 0.20 26.70 40.28
N LEU A 906 1.30 26.54 41.00
CA LEU A 906 2.63 26.62 40.39
C LEU A 906 2.82 25.63 39.25
N PRO A 907 2.41 24.36 39.34
CA PRO A 907 2.43 23.51 38.15
C PRO A 907 1.67 24.10 36.97
N ASN A 908 0.54 24.77 37.22
CA ASN A 908 -0.23 25.33 36.11
C ASN A 908 0.52 26.46 35.41
N VAL A 909 1.37 27.18 36.14
CA VAL A 909 2.11 28.28 35.53
C VAL A 909 3.13 27.76 34.52
N LEU A 910 3.85 26.71 34.88
CA LEU A 910 4.84 26.14 33.97
C LEU A 910 4.19 25.57 32.72
N ILE A 911 3.06 24.89 32.87
CA ILE A 911 2.34 24.39 31.70
C ILE A 911 1.83 25.55 30.85
N CYS A 912 1.30 26.59 31.50
CA CYS A 912 0.89 27.77 30.75
C CYS A 912 2.08 28.42 30.06
N LEU A 913 3.22 28.46 30.74
CA LEU A 913 4.43 29.02 30.14
C LEU A 913 5.02 28.11 29.07
N ALA A 914 5.18 26.82 29.40
CA ALA A 914 5.89 25.92 28.49
C ALA A 914 5.13 25.74 27.19
N SER A 915 3.81 25.77 27.24
CA SER A 915 3.01 25.62 26.03
C SER A 915 3.13 26.82 25.10
N ARG A 916 3.69 27.94 25.58
CA ARG A 916 3.75 29.13 24.74
C ARG A 916 4.86 29.03 23.71
N ALA A 917 5.86 28.19 23.95
CA ALA A 917 7.06 28.09 23.11
C ALA A 917 6.86 27.00 22.08
N LYS A 918 6.80 27.38 20.80
CA LYS A 918 6.62 26.38 19.76
C LYS A 918 7.83 25.47 19.64
N GLN A 919 9.04 26.02 19.61
CA GLN A 919 10.20 25.18 19.36
C GLN A 919 11.28 25.28 20.44
N HIS A 920 11.62 26.48 20.87
CA HIS A 920 12.71 26.69 21.81
C HIS A 920 12.16 27.29 23.10
N LEU A 921 12.55 26.71 24.23
CA LEU A 921 12.10 27.17 25.53
C LEU A 921 13.26 27.16 26.50
N TYR A 922 13.44 28.27 27.21
CA TYR A 922 14.47 28.38 28.25
C TYR A 922 13.79 28.87 29.52
N ILE A 923 13.95 28.12 30.61
CA ILE A 923 13.30 28.42 31.87
C ILE A 923 14.37 28.65 32.93
N PHE A 924 14.18 29.68 33.75
CA PHE A 924 15.10 30.00 34.84
C PHE A 924 14.33 30.06 36.14
N PRO A 925 14.02 28.93 36.76
CA PRO A 925 13.19 28.94 37.97
C PRO A 925 13.95 29.45 39.18
N TRP A 926 13.19 29.68 40.25
CA TRP A 926 13.79 30.09 41.52
C TRP A 926 14.67 28.98 42.09
N GLY A 927 15.70 29.39 42.82
CA GLY A 927 16.62 28.46 43.44
C GLY A 927 16.91 28.79 44.89
N PRO B 35 -1.73 -27.92 -34.19
CA PRO B 35 -2.29 -27.07 -33.14
C PRO B 35 -2.66 -27.86 -31.90
N LEU B 36 -2.38 -27.29 -30.72
CA LEU B 36 -2.70 -27.94 -29.47
C LEU B 36 -4.15 -27.71 -29.11
N VAL B 37 -4.85 -28.77 -28.72
CA VAL B 37 -6.27 -28.70 -28.37
C VAL B 37 -6.43 -29.30 -26.98
N VAL B 38 -7.21 -28.63 -26.14
CA VAL B 38 -7.45 -29.10 -24.78
C VAL B 38 -8.44 -30.26 -24.83
N GLU B 39 -8.04 -31.40 -24.26
CA GLU B 39 -8.87 -32.59 -24.28
C GLU B 39 -9.87 -32.58 -23.13
N PRO B 40 -11.16 -32.74 -23.41
CA PRO B 40 -12.21 -32.34 -22.45
C PRO B 40 -12.73 -33.42 -21.52
N SER B 41 -12.12 -34.60 -21.47
CA SER B 41 -12.59 -35.64 -20.57
C SER B 41 -12.13 -35.45 -19.13
N TYR B 42 -11.59 -34.29 -18.79
CA TYR B 42 -10.94 -34.13 -17.50
C TYR B 42 -11.49 -32.93 -16.74
N PRO B 43 -11.45 -32.97 -15.40
CA PRO B 43 -11.87 -31.80 -14.61
C PRO B 43 -10.75 -30.80 -14.46
N ASP B 44 -10.09 -30.47 -15.56
CA ASP B 44 -8.91 -29.60 -15.54
C ASP B 44 -8.54 -29.28 -16.98
N LEU B 45 -7.60 -28.37 -17.15
CA LEU B 45 -7.03 -28.10 -18.46
C LEU B 45 -5.92 -29.10 -18.72
N VAL B 46 -6.13 -30.01 -19.67
CA VAL B 46 -5.14 -30.98 -20.07
C VAL B 46 -4.82 -30.74 -21.53
N ILE B 47 -3.54 -30.50 -21.83
CA ILE B 47 -3.07 -30.24 -23.19
C ILE B 47 -2.19 -31.40 -23.60
N ASN B 48 -2.50 -32.00 -24.74
CA ASN B 48 -1.76 -33.15 -25.25
C ASN B 48 -0.82 -32.65 -26.34
N VAL B 49 0.48 -32.60 -26.02
CA VAL B 49 1.47 -32.05 -26.94
C VAL B 49 2.05 -33.17 -27.80
N GLY B 50 1.44 -34.34 -27.75
CA GLY B 50 1.91 -35.43 -28.58
C GLY B 50 3.15 -36.09 -28.02
N GLU B 51 4.07 -36.43 -28.92
CA GLU B 51 5.26 -37.18 -28.56
C GLU B 51 6.46 -36.24 -28.43
N VAL B 52 7.16 -36.33 -27.31
CA VAL B 52 8.30 -35.47 -27.03
C VAL B 52 9.44 -36.35 -26.52
N THR B 53 10.65 -36.07 -27.01
CA THR B 53 11.85 -36.78 -26.56
C THR B 53 12.33 -36.17 -25.25
N LEU B 54 12.63 -37.02 -24.28
CA LEU B 54 12.98 -36.58 -22.94
C LEU B 54 14.30 -37.22 -22.52
N GLY B 55 14.97 -36.58 -21.57
CA GLY B 55 16.29 -37.01 -21.17
C GLY B 55 17.34 -36.26 -21.97
N GLU B 56 18.33 -35.68 -21.29
CA GLU B 56 19.30 -34.85 -21.99
C GLU B 56 20.13 -35.67 -22.97
N GLU B 57 20.48 -36.90 -22.60
CA GLU B 57 21.23 -37.75 -23.53
C GLU B 57 20.44 -38.01 -24.80
N ASN B 58 19.13 -38.24 -24.68
CA ASN B 58 18.32 -38.50 -25.86
C ASN B 58 18.04 -37.23 -26.65
N ARG B 59 17.98 -36.08 -25.97
CA ARG B 59 17.71 -34.83 -26.68
C ARG B 59 18.94 -34.33 -27.42
N LYS B 60 20.14 -34.59 -26.89
CA LYS B 60 21.36 -34.16 -27.57
C LYS B 60 21.51 -34.85 -28.92
N LYS B 61 21.20 -36.15 -28.97
CA LYS B 61 21.36 -36.91 -30.20
C LYS B 61 20.43 -36.44 -31.31
N LEU B 62 19.40 -35.67 -30.98
CA LEU B 62 18.46 -35.23 -31.99
C LEU B 62 19.06 -34.09 -32.82
N GLN B 63 18.42 -33.85 -33.95
CA GLN B 63 18.77 -32.69 -34.76
C GLN B 63 18.33 -31.41 -34.07
N LYS B 64 18.96 -30.29 -34.44
CA LYS B 64 18.64 -29.02 -33.81
C LYS B 64 17.21 -28.60 -34.11
N ILE B 65 16.75 -28.80 -35.34
CA ILE B 65 15.40 -28.39 -35.71
C ILE B 65 14.35 -29.20 -34.95
N GLN B 66 14.52 -30.51 -34.86
CA GLN B 66 13.57 -31.35 -34.13
C GLN B 66 13.56 -31.00 -32.65
N ARG B 67 14.75 -30.82 -32.07
CA ARG B 67 14.84 -30.45 -30.66
C ARG B 67 14.14 -29.13 -30.39
N ASP B 68 14.37 -28.15 -31.26
CA ASP B 68 13.73 -26.85 -31.11
C ASP B 68 12.22 -26.94 -31.27
N GLN B 69 11.74 -27.75 -32.21
CA GLN B 69 10.30 -27.86 -32.41
C GLN B 69 9.63 -28.51 -31.20
N GLU B 70 10.20 -29.58 -30.67
CA GLU B 70 9.63 -30.21 -29.49
C GLU B 70 9.63 -29.27 -28.30
N LYS B 71 10.75 -28.58 -28.08
CA LYS B 71 10.83 -27.64 -26.97
C LYS B 71 9.81 -26.52 -27.13
N GLU B 72 9.66 -26.00 -28.34
CA GLU B 72 8.73 -24.89 -28.54
C GLU B 72 7.29 -25.32 -28.36
N ARG B 73 6.93 -26.54 -28.78
CA ARG B 73 5.58 -27.02 -28.55
C ARG B 73 5.29 -27.18 -27.06
N VAL B 74 6.24 -27.78 -26.33
CA VAL B 74 6.06 -27.93 -24.88
C VAL B 74 5.93 -26.57 -24.21
N MET B 75 6.70 -25.58 -24.67
CA MET B 75 6.64 -24.26 -24.04
C MET B 75 5.38 -23.51 -24.43
N ARG B 76 4.85 -23.73 -25.63
CA ARG B 76 3.54 -23.19 -25.95
C ARG B 76 2.49 -23.72 -24.99
N ALA B 77 2.52 -25.03 -24.73
CA ALA B 77 1.56 -25.60 -23.77
C ALA B 77 1.76 -25.02 -22.37
N ALA B 78 3.01 -24.93 -21.92
CA ALA B 78 3.27 -24.44 -20.57
C ALA B 78 2.86 -22.98 -20.42
N CYS B 79 3.14 -22.14 -21.41
CA CYS B 79 2.72 -20.75 -21.35
C CYS B 79 1.21 -20.64 -21.37
N ALA B 80 0.54 -21.44 -22.20
CA ALA B 80 -0.92 -21.40 -22.26
C ALA B 80 -1.52 -21.77 -20.93
N LEU B 81 -0.95 -22.76 -20.24
CA LEU B 81 -1.50 -23.15 -18.94
C LEU B 81 -1.16 -22.14 -17.86
N LEU B 82 0.02 -21.51 -17.94
CA LEU B 82 0.36 -20.49 -16.97
C LEU B 82 -0.56 -19.27 -17.07
N ASN B 83 -0.94 -18.91 -18.29
CA ASN B 83 -1.78 -17.74 -18.49
C ASN B 83 -3.27 -18.06 -18.37
N SER B 84 -3.66 -19.31 -18.17
CA SER B 84 -5.07 -19.70 -18.19
C SER B 84 -5.48 -20.48 -16.96
N GLY B 85 -4.89 -20.21 -15.80
CA GLY B 85 -5.34 -20.80 -14.57
C GLY B 85 -4.72 -22.12 -14.19
N GLY B 86 -3.80 -22.65 -15.01
CA GLY B 86 -3.12 -23.88 -14.68
C GLY B 86 -3.76 -25.09 -15.32
N GLY B 87 -3.06 -26.22 -15.20
CA GLY B 87 -3.54 -27.44 -15.81
C GLY B 87 -2.50 -28.54 -15.77
N VAL B 88 -2.56 -29.41 -16.78
CA VAL B 88 -1.62 -30.51 -16.95
C VAL B 88 -1.16 -30.55 -18.39
N ILE B 89 0.13 -30.74 -18.61
CA ILE B 89 0.68 -30.96 -19.95
C ILE B 89 0.92 -32.46 -20.10
N ARG B 90 0.35 -33.04 -21.15
CA ARG B 90 0.43 -34.48 -21.38
C ARG B 90 1.30 -34.73 -22.62
N MET B 91 2.41 -35.44 -22.42
CA MET B 91 3.30 -35.82 -23.50
C MET B 91 3.56 -37.32 -23.41
N ALA B 92 3.64 -37.97 -24.56
CA ALA B 92 3.92 -39.39 -24.60
C ALA B 92 5.40 -39.59 -24.92
N LYS B 93 6.12 -40.23 -24.01
CA LYS B 93 7.55 -40.42 -24.19
C LYS B 93 7.83 -41.73 -24.91
N LYS B 94 9.02 -41.84 -25.47
CA LYS B 94 9.40 -42.93 -26.36
C LYS B 94 10.10 -44.07 -25.65
N VAL B 95 10.19 -44.02 -24.32
CA VAL B 95 10.86 -45.06 -23.54
C VAL B 95 9.96 -45.43 -22.38
N GLU B 96 10.34 -46.50 -21.67
CA GLU B 96 9.55 -46.94 -20.52
C GLU B 96 10.18 -46.51 -19.20
N HIS B 97 11.50 -46.55 -19.11
CA HIS B 97 12.20 -46.28 -17.86
C HIS B 97 12.13 -44.79 -17.51
N PRO B 98 12.25 -44.46 -16.23
CA PRO B 98 12.19 -43.04 -15.83
C PRO B 98 13.32 -42.23 -16.44
N VAL B 99 12.99 -41.03 -16.91
CA VAL B 99 13.95 -40.12 -17.52
C VAL B 99 13.74 -38.72 -16.95
N GLU B 100 14.79 -37.92 -17.00
CA GLU B 100 14.67 -36.51 -16.64
C GLU B 100 14.07 -35.75 -17.82
N MET B 101 13.64 -34.52 -17.55
CA MET B 101 13.05 -33.71 -18.60
C MET B 101 14.09 -33.27 -19.62
N GLY B 102 15.24 -32.78 -19.15
CA GLY B 102 16.27 -32.32 -20.05
C GLY B 102 16.66 -30.88 -19.80
N LEU B 103 17.92 -30.55 -20.05
CA LEU B 103 18.44 -29.23 -19.68
C LEU B 103 17.81 -28.10 -20.48
N ASP B 104 17.57 -28.28 -21.78
CA ASP B 104 16.97 -27.19 -22.55
C ASP B 104 15.52 -26.93 -22.14
N LEU B 105 14.76 -27.99 -21.86
CA LEU B 105 13.39 -27.80 -21.39
C LEU B 105 13.35 -27.10 -20.03
N GLU B 106 14.22 -27.52 -19.11
CA GLU B 106 14.31 -26.87 -17.81
C GLU B 106 14.66 -25.40 -17.97
N GLN B 107 15.65 -25.10 -18.82
CA GLN B 107 16.07 -23.72 -18.99
C GLN B 107 14.97 -22.87 -19.60
N SER B 108 14.24 -23.40 -20.57
CA SER B 108 13.14 -22.64 -21.15
C SER B 108 12.04 -22.40 -20.13
N LEU B 109 11.75 -23.38 -19.28
CA LEU B 109 10.76 -23.15 -18.22
C LEU B 109 11.24 -22.09 -17.23
N ARG B 110 12.51 -22.13 -16.86
CA ARG B 110 13.06 -21.12 -15.97
C ARG B 110 12.93 -19.72 -16.58
N GLU B 111 13.30 -19.59 -17.85
CA GLU B 111 13.14 -18.31 -18.53
C GLU B 111 11.68 -17.90 -18.63
N LEU B 112 10.77 -18.86 -18.72
CA LEU B 112 9.34 -18.56 -18.79
C LEU B 112 8.84 -17.96 -17.48
N ILE B 113 9.18 -18.57 -16.34
CA ILE B 113 8.74 -18.03 -15.06
C ILE B 113 9.76 -17.08 -14.45
N GLN B 114 10.86 -16.80 -15.15
CA GLN B 114 11.86 -15.81 -14.73
C GLN B 114 12.42 -16.10 -13.34
N SER B 115 12.59 -17.37 -13.01
CA SER B 115 13.16 -17.74 -11.72
C SER B 115 13.65 -19.16 -11.79
N SER B 116 14.58 -19.50 -10.90
CA SER B 116 15.01 -20.87 -10.74
C SER B 116 14.10 -21.65 -9.80
N ASP B 117 13.15 -20.99 -9.16
CA ASP B 117 12.15 -21.66 -8.32
C ASP B 117 11.17 -22.42 -9.20
N LEU B 118 11.70 -23.45 -9.84
CA LEU B 118 10.93 -24.19 -10.83
C LEU B 118 9.91 -25.09 -10.17
N GLN B 119 10.18 -25.50 -8.93
CA GLN B 119 9.30 -26.42 -8.22
C GLN B 119 7.95 -25.78 -7.90
N ALA B 120 7.92 -24.46 -7.70
CA ALA B 120 6.69 -23.81 -7.27
C ALA B 120 5.61 -23.90 -8.34
N PHE B 121 5.98 -23.76 -9.61
CA PHE B 121 4.99 -23.70 -10.67
C PHE B 121 4.85 -25.00 -11.44
N PHE B 122 5.91 -25.79 -11.57
CA PHE B 122 5.90 -27.00 -12.37
C PHE B 122 6.24 -28.20 -11.50
N GLU B 123 5.53 -29.30 -11.73
CA GLU B 123 5.87 -30.58 -11.12
C GLU B 123 5.60 -31.68 -12.14
N THR B 124 6.42 -32.73 -12.08
CA THR B 124 6.42 -33.75 -13.11
C THR B 124 6.12 -35.12 -12.50
N LYS B 125 5.30 -35.89 -13.21
CA LYS B 125 5.07 -37.29 -12.91
C LYS B 125 5.02 -38.06 -14.22
N GLN B 126 5.44 -39.32 -14.17
CA GLN B 126 5.51 -40.16 -15.35
C GLN B 126 5.00 -41.56 -15.01
N GLN B 127 4.23 -42.14 -15.92
CA GLN B 127 3.66 -43.47 -15.74
C GLN B 127 3.75 -44.21 -17.06
N GLY B 128 4.58 -45.23 -17.12
CA GLY B 128 4.69 -45.99 -18.36
C GLY B 128 5.29 -45.14 -19.45
N ARG B 129 4.52 -44.92 -20.51
CA ARG B 129 4.94 -44.09 -21.64
C ARG B 129 4.39 -42.67 -21.59
N CYS B 130 3.78 -42.24 -20.49
CA CYS B 130 3.16 -40.93 -20.43
C CYS B 130 3.91 -40.07 -19.41
N PHE B 131 4.14 -38.81 -19.77
CA PHE B 131 4.87 -37.86 -18.94
C PHE B 131 3.96 -36.67 -18.66
N TYR B 132 3.82 -36.31 -17.39
CA TYR B 132 2.90 -35.26 -16.95
C TYR B 132 3.69 -34.11 -16.36
N ILE B 133 3.34 -32.89 -16.78
CA ILE B 133 3.86 -31.67 -16.16
C ILE B 133 2.66 -30.91 -15.63
N PHE B 134 2.59 -30.72 -14.32
CA PHE B 134 1.46 -30.05 -13.69
C PHE B 134 1.81 -28.58 -13.50
N VAL B 135 1.09 -27.71 -14.20
CA VAL B 135 1.41 -26.28 -14.27
C VAL B 135 0.48 -25.53 -13.34
N LYS B 136 1.07 -24.71 -12.47
CA LYS B 136 0.30 -23.79 -11.65
C LYS B 136 0.05 -22.50 -12.42
N SER B 137 -0.97 -21.75 -11.99
CA SER B 137 -1.27 -20.49 -12.63
C SER B 137 -0.22 -19.44 -12.27
N TRP B 138 0.07 -18.57 -13.22
CA TRP B 138 1.07 -17.52 -12.98
C TRP B 138 0.53 -16.48 -12.02
N SER B 139 -0.49 -15.74 -12.44
CA SER B 139 -1.14 -14.74 -11.60
C SER B 139 -2.61 -15.07 -11.53
N SER B 140 -3.11 -15.24 -10.31
CA SER B 140 -4.47 -15.69 -10.08
C SER B 140 -5.29 -14.58 -9.43
N GLY B 141 -6.51 -14.38 -9.94
CA GLY B 141 -7.41 -13.42 -9.36
C GLY B 141 -7.60 -12.19 -10.22
N PRO B 142 -8.71 -11.49 -10.02
CA PRO B 142 -8.94 -10.24 -10.76
C PRO B 142 -8.20 -9.07 -10.15
N PHE B 143 -8.00 -9.11 -8.83
CA PHE B 143 -7.27 -8.07 -8.10
C PHE B 143 -6.22 -8.77 -7.24
N PRO B 144 -5.11 -9.18 -7.85
CA PRO B 144 -4.07 -9.87 -7.08
C PRO B 144 -3.38 -8.92 -6.11
N GLU B 145 -2.78 -9.51 -5.08
CA GLU B 145 -2.03 -8.71 -4.10
C GLU B 145 -0.78 -8.09 -4.71
N ASP B 146 -0.32 -8.60 -5.86
CA ASP B 146 0.85 -8.06 -6.55
C ASP B 146 0.48 -7.41 -7.87
N ARG B 147 -0.64 -6.69 -7.92
CA ARG B 147 -1.15 -6.19 -9.19
C ARG B 147 -0.19 -5.20 -9.84
N SER B 148 0.41 -4.32 -9.05
CA SER B 148 1.30 -3.29 -9.56
C SER B 148 2.77 -3.69 -9.49
N VAL B 149 3.08 -4.92 -9.09
CA VAL B 149 4.45 -5.37 -8.91
C VAL B 149 4.86 -6.36 -10.00
N LYS B 150 4.11 -7.45 -10.15
CA LYS B 150 4.44 -8.50 -11.09
C LYS B 150 3.49 -8.46 -12.29
N PRO B 151 3.95 -8.86 -13.46
CA PRO B 151 3.08 -8.86 -14.64
C PRO B 151 2.05 -9.96 -14.58
N ARG B 152 0.95 -9.81 -15.33
CA ARG B 152 -0.15 -10.81 -15.28
C ARG B 152 0.12 -11.93 -16.29
N LEU B 153 1.00 -11.70 -17.27
CA LEU B 153 1.21 -12.66 -18.33
C LEU B 153 2.62 -13.23 -18.29
N CYS B 154 2.73 -14.54 -18.49
CA CYS B 154 3.98 -15.15 -18.89
C CYS B 154 4.04 -15.23 -20.41
N SER B 155 5.23 -15.02 -20.96
CA SER B 155 5.40 -15.03 -22.41
C SER B 155 6.70 -15.72 -22.77
N LEU B 156 6.68 -16.39 -23.92
CA LEU B 156 7.92 -16.93 -24.47
C LEU B 156 8.87 -15.82 -24.86
N SER B 157 8.35 -14.75 -25.46
CA SER B 157 9.12 -13.58 -25.79
C SER B 157 8.17 -12.41 -25.98
N SER B 158 8.55 -11.25 -25.45
CA SER B 158 7.71 -10.06 -25.54
C SER B 158 7.90 -9.28 -26.83
N SER B 159 8.94 -9.60 -27.61
CA SER B 159 9.25 -8.92 -28.87
C SER B 159 9.49 -7.43 -28.68
N LEU B 160 9.91 -7.01 -27.49
CA LEU B 160 10.31 -5.64 -27.23
C LEU B 160 11.82 -5.61 -27.03
N TYR B 161 12.53 -4.97 -27.96
CA TYR B 161 13.97 -4.82 -27.86
C TYR B 161 14.32 -3.42 -27.40
N ARG B 162 15.52 -3.28 -26.86
CA ARG B 162 16.07 -1.95 -26.59
C ARG B 162 17.58 -2.00 -26.71
N ARG B 163 18.15 -0.83 -26.98
CA ARG B 163 19.60 -0.67 -27.05
C ARG B 163 20.17 -0.67 -25.65
N SER B 164 21.17 -1.51 -25.40
CA SER B 164 21.87 -1.54 -24.12
C SER B 164 23.36 -1.31 -24.40
N GLU B 165 23.73 -0.04 -24.49
CA GLU B 165 25.09 0.38 -24.87
C GLU B 165 25.31 -0.20 -26.27
N THR B 166 26.31 -1.06 -26.47
CA THR B 166 26.68 -1.52 -27.81
C THR B 166 25.99 -2.82 -28.22
N SER B 167 24.84 -3.15 -27.63
CA SER B 167 24.13 -4.37 -27.98
C SER B 167 22.63 -4.16 -27.87
N VAL B 168 21.88 -4.96 -28.62
CA VAL B 168 20.42 -4.93 -28.61
C VAL B 168 19.92 -6.13 -27.82
N ARG B 169 19.15 -5.87 -26.77
CA ARG B 169 18.65 -6.90 -25.88
C ARG B 169 17.14 -6.85 -25.82
N SER B 170 16.53 -8.03 -25.62
CA SER B 170 15.08 -8.11 -25.51
C SER B 170 14.65 -7.91 -24.08
N MET B 171 13.48 -7.29 -23.91
CA MET B 171 12.91 -7.09 -22.58
C MET B 171 12.12 -8.33 -22.18
N ASP B 172 12.39 -8.88 -21.01
CA ASP B 172 11.56 -9.97 -20.51
C ASP B 172 10.21 -9.43 -20.06
N SER B 173 9.40 -10.30 -19.46
CA SER B 173 8.06 -9.88 -19.05
C SER B 173 8.10 -8.81 -17.96
N ARG B 174 9.01 -8.93 -16.99
CA ARG B 174 9.12 -7.92 -15.95
C ARG B 174 9.64 -6.60 -16.49
N GLU B 175 10.71 -6.67 -17.30
CA GLU B 175 11.26 -5.46 -17.91
C GLU B 175 10.25 -4.80 -18.83
N ALA B 176 9.54 -5.60 -19.64
CA ALA B 176 8.52 -5.03 -20.52
C ALA B 176 7.37 -4.45 -19.72
N PHE B 177 7.02 -5.09 -18.60
CA PHE B 177 5.97 -4.55 -17.74
C PHE B 177 6.34 -3.17 -17.22
N CYS B 178 7.54 -3.03 -16.67
CA CYS B 178 7.98 -1.73 -16.18
C CYS B 178 8.12 -0.71 -17.31
N PHE B 179 8.60 -1.14 -18.47
CA PHE B 179 8.75 -0.25 -19.61
C PHE B 179 7.41 0.30 -20.04
N LEU B 180 6.40 -0.56 -20.18
CA LEU B 180 5.08 -0.11 -20.57
C LEU B 180 4.46 0.74 -19.46
N LYS B 181 4.78 0.45 -18.21
CA LYS B 181 4.30 1.26 -17.10
C LYS B 181 4.84 2.68 -17.19
N THR B 182 6.12 2.86 -17.52
CA THR B 182 6.67 4.20 -17.66
C THR B 182 6.17 4.89 -18.92
N LYS B 183 6.05 4.15 -20.03
CA LYS B 183 5.50 4.73 -21.25
C LYS B 183 4.05 5.15 -21.07
N ARG B 184 3.34 4.51 -20.14
CA ARG B 184 1.92 4.80 -19.94
C ARG B 184 1.72 6.11 -19.19
N LYS B 185 2.66 6.49 -18.34
CA LYS B 185 2.49 7.69 -17.54
C LYS B 185 2.47 8.93 -18.44
N PRO B 186 1.60 9.90 -18.17
CA PRO B 186 1.49 11.13 -18.96
C PRO B 186 2.70 12.05 -18.79
N ASP B 216 25.46 15.48 -31.15
CA ASP B 216 26.27 14.27 -31.19
C ASP B 216 27.25 14.31 -32.36
N PRO B 217 28.46 13.82 -32.15
CA PRO B 217 29.44 13.76 -33.25
C PRO B 217 29.02 12.88 -34.40
N ALA B 218 28.07 11.97 -34.18
CA ALA B 218 27.58 11.08 -35.22
C ALA B 218 26.76 11.79 -36.27
N ASP B 219 26.19 12.95 -35.95
CA ASP B 219 25.42 13.70 -36.93
C ASP B 219 26.30 14.33 -37.99
N LEU B 220 27.55 14.66 -37.65
CA LEU B 220 28.44 15.30 -38.59
C LEU B 220 28.73 14.43 -39.81
N ILE B 221 28.61 13.11 -39.67
CA ILE B 221 28.77 12.20 -40.81
C ILE B 221 27.45 12.12 -41.54
N PHE B 222 26.35 12.24 -40.80
CA PHE B 222 25.02 12.08 -41.40
C PHE B 222 24.71 13.20 -42.38
N GLN B 223 25.24 14.40 -42.14
CA GLN B 223 24.97 15.54 -43.02
C GLN B 223 25.75 15.47 -44.33
N LYS B 224 26.78 14.64 -44.40
CA LYS B 224 27.58 14.55 -45.61
C LYS B 224 26.77 13.95 -46.76
N ASP B 225 26.96 14.50 -47.97
CA ASP B 225 26.25 13.97 -49.13
C ASP B 225 27.02 12.88 -49.84
N TYR B 226 28.32 12.71 -49.54
CA TYR B 226 29.11 11.64 -50.10
C TYR B 226 30.19 11.25 -49.10
N LEU B 227 30.68 10.03 -49.24
CA LEU B 227 31.69 9.50 -48.33
C LEU B 227 32.84 8.89 -49.12
N GLU B 228 34.05 9.07 -48.62
CA GLU B 228 35.23 8.51 -49.25
C GLU B 228 35.41 7.06 -48.83
N TYR B 229 35.77 6.21 -49.79
CA TYR B 229 36.03 4.81 -49.49
C TYR B 229 37.18 4.71 -48.50
N GLY B 230 36.99 3.90 -47.47
CA GLY B 230 38.00 3.71 -46.45
C GLY B 230 38.08 4.82 -45.42
N GLU B 231 37.19 5.79 -45.46
CA GLU B 231 37.18 6.85 -44.45
C GLU B 231 36.89 6.26 -43.08
N ILE B 232 37.76 6.56 -42.12
CA ILE B 232 37.59 6.02 -40.77
C ILE B 232 36.77 7.00 -39.94
N LEU B 233 35.66 6.51 -39.40
CA LEU B 233 34.79 7.34 -38.58
C LEU B 233 35.38 7.48 -37.18
N PRO B 234 35.37 8.67 -36.58
CA PRO B 234 36.01 8.82 -35.26
C PRO B 234 35.26 8.13 -34.14
N PHE B 235 33.95 8.32 -34.05
CA PHE B 235 33.18 7.77 -32.95
C PHE B 235 33.07 6.24 -33.04
N PRO B 236 33.00 5.56 -31.91
CA PRO B 236 32.81 4.11 -31.91
C PRO B 236 31.33 3.74 -31.95
N GLU B 237 31.08 2.44 -31.88
CA GLU B 237 29.73 1.97 -31.63
C GLU B 237 29.35 2.25 -30.18
N SER B 238 28.13 2.75 -29.98
CA SER B 238 27.67 3.14 -28.65
C SER B 238 26.15 3.13 -28.64
N GLN B 239 25.60 3.77 -27.61
CA GLN B 239 24.16 3.79 -27.39
C GLN B 239 23.39 4.37 -28.56
N LEU B 240 24.03 5.17 -29.41
CA LEU B 240 23.32 5.85 -30.49
C LEU B 240 23.80 5.49 -31.89
N VAL B 241 24.86 4.67 -32.02
CA VAL B 241 25.43 4.37 -33.32
C VAL B 241 25.62 2.86 -33.45
N GLU B 242 25.23 2.31 -34.59
CA GLU B 242 25.47 0.91 -34.92
C GLU B 242 26.04 0.80 -36.32
N PHE B 243 27.13 0.07 -36.46
CA PHE B 243 27.79 -0.16 -37.75
C PHE B 243 27.48 -1.56 -38.24
N LYS B 244 26.85 -1.66 -39.39
CA LYS B 244 26.57 -2.94 -40.05
C LYS B 244 27.31 -3.00 -41.38
N GLN B 245 27.88 -4.16 -41.68
CA GLN B 245 28.57 -4.40 -42.93
C GLN B 245 27.58 -4.93 -43.97
N PHE B 246 27.66 -4.40 -45.19
CA PHE B 246 26.68 -4.63 -46.23
C PHE B 246 27.32 -5.44 -47.35
N SER B 247 26.76 -6.62 -47.62
CA SER B 247 27.28 -7.53 -48.63
C SER B 247 26.37 -7.55 -49.84
N THR B 248 26.95 -7.54 -51.04
CA THR B 248 26.16 -7.43 -52.27
C THR B 248 25.41 -8.71 -52.61
N LYS B 249 25.84 -9.86 -52.09
CA LYS B 249 25.18 -11.12 -52.43
C LYS B 249 23.75 -11.15 -51.92
N HIS B 250 23.52 -10.69 -50.69
CA HIS B 250 22.19 -10.66 -50.10
C HIS B 250 21.78 -9.28 -49.65
N PHE B 251 22.16 -8.23 -50.38
CA PHE B 251 22.00 -6.87 -49.89
C PHE B 251 20.53 -6.50 -49.70
N GLN B 252 19.66 -6.91 -50.62
CA GLN B 252 18.23 -6.68 -50.41
C GLN B 252 17.70 -7.50 -49.25
N GLU B 253 18.17 -8.74 -49.10
CA GLU B 253 17.71 -9.59 -48.01
C GLU B 253 18.31 -9.16 -46.68
N TYR B 254 19.56 -8.70 -46.70
CA TYR B 254 20.23 -8.28 -45.46
C TYR B 254 19.53 -7.08 -44.85
N VAL B 255 19.21 -6.07 -45.68
CA VAL B 255 18.62 -4.84 -45.15
C VAL B 255 17.21 -5.08 -44.66
N LYS B 256 16.49 -6.04 -45.26
CA LYS B 256 15.14 -6.35 -44.80
C LYS B 256 15.16 -6.99 -43.42
N ARG B 257 16.14 -7.85 -43.16
CA ARG B 257 16.25 -8.49 -41.85
C ARG B 257 16.83 -7.56 -40.79
N THR B 258 17.70 -6.63 -41.19
CA THR B 258 18.36 -5.76 -40.22
C THR B 258 17.36 -4.82 -39.55
N ILE B 259 16.41 -4.30 -40.31
CA ILE B 259 15.52 -3.26 -39.80
C ILE B 259 14.73 -3.70 -38.56
N PRO B 260 14.07 -4.86 -38.54
CA PRO B 260 13.28 -5.23 -37.35
C PRO B 260 14.09 -5.39 -36.08
N GLU B 261 15.39 -5.59 -36.15
CA GLU B 261 16.15 -5.75 -34.91
C GLU B 261 16.62 -4.42 -34.35
N TYR B 262 17.07 -3.50 -35.21
CA TYR B 262 17.73 -2.29 -34.71
C TYR B 262 16.80 -1.08 -34.66
N VAL B 263 15.95 -0.88 -35.67
CA VAL B 263 15.05 0.27 -35.64
C VAL B 263 14.11 0.24 -34.45
N PRO B 264 13.45 -0.87 -34.11
CA PRO B 264 12.71 -0.90 -32.84
C PRO B 264 13.59 -0.71 -31.62
N ALA B 265 14.82 -1.19 -31.65
CA ALA B 265 15.71 -1.03 -30.51
C ALA B 265 16.06 0.42 -30.29
N PHE B 266 16.29 1.18 -31.36
CA PHE B 266 16.59 2.60 -31.22
C PHE B 266 15.35 3.39 -30.81
N ALA B 267 14.22 3.14 -31.46
CA ALA B 267 13.02 3.93 -31.20
C ALA B 267 12.56 3.80 -29.76
N ASN B 268 12.78 2.63 -29.15
CA ASN B 268 12.33 2.43 -27.78
C ASN B 268 13.22 3.12 -26.75
N THR B 269 14.46 3.45 -27.11
CA THR B 269 15.40 4.08 -26.15
C THR B 269 16.16 5.20 -26.85
N GLY B 270 15.61 6.41 -26.80
CA GLY B 270 16.36 7.62 -27.08
C GLY B 270 16.81 7.80 -28.51
N GLY B 271 16.41 6.93 -29.43
CA GLY B 271 16.83 7.12 -30.80
C GLY B 271 18.28 6.72 -31.03
N GLY B 272 18.73 6.97 -32.24
CA GLY B 272 20.10 6.64 -32.60
C GLY B 272 20.31 6.70 -34.09
N TYR B 273 21.50 6.29 -34.50
CA TYR B 273 21.91 6.28 -35.90
C TYR B 273 22.28 4.86 -36.30
N LEU B 274 21.84 4.45 -37.49
CA LEU B 274 22.15 3.13 -38.04
C LEU B 274 22.90 3.33 -39.35
N PHE B 275 24.20 3.04 -39.34
CA PHE B 275 25.02 3.16 -40.53
C PHE B 275 25.14 1.80 -41.20
N ILE B 276 24.65 1.70 -42.43
CA ILE B 276 24.74 0.47 -43.22
C ILE B 276 25.78 0.69 -44.30
N GLY B 277 26.73 -0.22 -44.40
CA GLY B 277 27.86 -0.05 -45.28
C GLY B 277 29.13 0.41 -44.59
N VAL B 278 29.22 0.30 -43.28
CA VAL B 278 30.39 0.70 -42.51
C VAL B 278 30.91 -0.52 -41.77
N ASP B 279 32.21 -0.78 -41.87
CA ASP B 279 32.83 -1.93 -41.23
C ASP B 279 32.80 -1.71 -39.71
N ASP B 280 32.45 -2.77 -38.97
CA ASP B 280 32.42 -2.67 -37.51
C ASP B 280 33.82 -2.58 -36.94
N LYS B 281 34.73 -3.45 -37.40
CA LYS B 281 36.04 -3.59 -36.76
C LYS B 281 36.91 -2.35 -36.96
N SER B 282 37.02 -1.86 -38.18
CA SER B 282 37.92 -0.75 -38.49
C SER B 282 37.21 0.57 -38.66
N ARG B 283 35.88 0.61 -38.54
CA ARG B 283 35.06 1.82 -38.65
C ARG B 283 35.17 2.49 -40.01
N GLU B 284 35.57 1.77 -41.05
CA GLU B 284 35.78 2.39 -42.35
C GLU B 284 34.51 2.32 -43.20
N VAL B 285 34.32 3.32 -44.06
CA VAL B 285 33.22 3.30 -45.00
C VAL B 285 33.55 2.36 -46.15
N LEU B 286 32.66 1.41 -46.42
CA LEU B 286 32.86 0.50 -47.54
C LEU B 286 31.70 0.57 -48.53
N GLY B 287 30.48 0.59 -48.02
CA GLY B 287 29.32 0.57 -48.90
C GLY B 287 29.14 -0.79 -49.55
N CYS B 288 28.40 -0.78 -50.66
CA CYS B 288 28.14 -1.99 -51.42
C CYS B 288 28.53 -1.77 -52.87
N ALA B 289 28.37 -2.81 -53.68
CA ALA B 289 28.61 -2.68 -55.11
C ALA B 289 27.59 -1.74 -55.72
N LYS B 290 28.06 -0.84 -56.60
CA LYS B 290 27.17 0.14 -57.20
C LYS B 290 26.28 -0.48 -58.27
N GLU B 291 26.76 -1.51 -58.95
CA GLU B 291 26.00 -2.10 -60.04
C GLU B 291 24.80 -2.90 -59.54
N ASN B 292 24.81 -3.28 -58.27
CA ASN B 292 23.75 -4.12 -57.72
C ASN B 292 22.68 -3.33 -56.99
N VAL B 293 23.05 -2.25 -56.30
CA VAL B 293 22.10 -1.49 -55.51
C VAL B 293 21.37 -0.49 -56.38
N ASP B 294 20.04 -0.48 -56.29
CA ASP B 294 19.22 0.54 -56.93
C ASP B 294 18.84 1.56 -55.87
N PRO B 295 19.33 2.80 -55.97
CA PRO B 295 19.02 3.78 -54.91
C PRO B 295 17.54 4.04 -54.72
N ASP B 296 16.75 4.05 -55.79
CA ASP B 296 15.32 4.27 -55.64
C ASP B 296 14.63 3.05 -55.04
N SER B 297 14.98 1.85 -55.51
CA SER B 297 14.37 0.64 -54.97
C SER B 297 14.80 0.39 -53.53
N LEU B 298 16.05 0.71 -53.21
CA LEU B 298 16.58 0.43 -51.88
C LEU B 298 15.83 1.21 -50.82
N ARG B 299 15.50 2.47 -51.09
CA ARG B 299 14.73 3.27 -50.15
C ARG B 299 13.35 2.67 -49.91
N ARG B 300 12.71 2.20 -50.99
CA ARG B 300 11.37 1.65 -50.86
C ARG B 300 11.36 0.42 -49.96
N LYS B 301 12.34 -0.46 -50.12
CA LYS B 301 12.41 -1.65 -49.29
C LYS B 301 12.66 -1.28 -47.83
N ILE B 302 13.51 -0.28 -47.58
CA ILE B 302 13.78 0.14 -46.21
C ILE B 302 12.54 0.77 -45.60
N GLU B 303 11.86 1.64 -46.35
CA GLU B 303 10.71 2.35 -45.79
C GLU B 303 9.58 1.39 -45.44
N GLN B 304 9.30 0.42 -46.30
CA GLN B 304 8.22 -0.52 -46.01
C GLN B 304 8.58 -1.40 -44.81
N ALA B 305 9.85 -1.77 -44.69
CA ALA B 305 10.27 -2.62 -43.58
C ALA B 305 10.12 -1.90 -42.25
N ILE B 306 10.14 -0.56 -42.27
CA ILE B 306 9.96 0.21 -41.05
C ILE B 306 8.49 0.43 -40.76
N TYR B 307 7.71 0.75 -41.79
CA TYR B 307 6.29 1.02 -41.61
C TYR B 307 5.49 -0.24 -41.30
N LYS B 308 6.06 -1.41 -41.55
CA LYS B 308 5.38 -2.66 -41.20
C LYS B 308 5.60 -3.09 -39.76
N LEU B 309 6.40 -2.35 -39.00
CA LEU B 309 6.65 -2.71 -37.62
C LEU B 309 5.43 -2.40 -36.77
N PRO B 310 4.92 -3.35 -35.98
CA PRO B 310 3.76 -3.07 -35.14
C PRO B 310 4.13 -2.16 -33.98
N CYS B 311 3.26 -1.21 -33.68
CA CYS B 311 3.50 -0.25 -32.61
C CYS B 311 2.19 -0.01 -31.86
N VAL B 312 2.32 0.24 -30.56
CA VAL B 312 1.18 0.40 -29.68
C VAL B 312 1.27 1.74 -28.97
N HIS B 313 0.23 2.56 -29.09
CA HIS B 313 0.22 3.92 -28.57
C HIS B 313 -0.59 4.01 -27.29
N PHE B 314 -0.09 4.80 -26.34
CA PHE B 314 -0.80 5.13 -25.11
C PHE B 314 -1.19 6.60 -25.04
N CYS B 315 -1.17 7.29 -26.18
CA CYS B 315 -1.26 8.74 -26.17
C CYS B 315 -1.93 9.22 -27.46
N GLN B 316 -2.28 10.50 -27.45
CA GLN B 316 -2.73 11.22 -28.64
C GLN B 316 -1.82 12.43 -28.85
N PRO B 317 -1.36 12.68 -30.10
CA PRO B 317 -1.84 11.93 -31.27
C PRO B 317 -1.20 10.55 -31.40
N GLN B 318 -1.26 9.95 -32.60
CA GLN B 318 -0.68 8.64 -32.85
C GLN B 318 0.15 8.66 -34.12
N ARG B 319 1.01 9.66 -34.26
CA ARG B 319 1.87 9.76 -35.43
C ARG B 319 2.75 8.52 -35.53
N PRO B 320 3.01 8.04 -36.75
CA PRO B 320 3.81 6.83 -36.90
C PRO B 320 5.26 7.07 -36.51
N ILE B 321 6.06 6.01 -36.64
CA ILE B 321 7.47 6.10 -36.31
C ILE B 321 8.15 7.09 -37.24
N THR B 322 9.05 7.90 -36.69
CA THR B 322 9.71 8.97 -37.41
C THR B 322 11.17 8.61 -37.63
N PHE B 323 11.62 8.70 -38.88
CA PHE B 323 13.00 8.41 -39.22
C PHE B 323 13.39 9.22 -40.45
N THR B 324 14.69 9.37 -40.65
CA THR B 324 15.23 10.02 -41.83
C THR B 324 16.22 9.07 -42.50
N LEU B 325 16.00 8.82 -43.78
CA LEU B 325 16.83 7.90 -44.56
C LEU B 325 17.60 8.69 -45.60
N LYS B 326 18.91 8.52 -45.61
CA LYS B 326 19.79 9.19 -46.57
C LYS B 326 20.65 8.14 -47.25
N ILE B 327 20.69 8.19 -48.58
CA ILE B 327 21.53 7.30 -49.37
C ILE B 327 22.56 8.15 -50.08
N VAL B 328 23.83 7.78 -49.93
CA VAL B 328 24.93 8.60 -50.43
C VAL B 328 25.83 7.76 -51.32
N ASN B 329 26.60 8.43 -52.15
CA ASN B 329 27.58 7.75 -53.00
C ASN B 329 28.89 7.57 -52.25
N VAL B 330 29.46 6.38 -52.35
CA VAL B 330 30.77 6.07 -51.78
C VAL B 330 31.80 6.25 -52.90
N LEU B 331 32.76 7.14 -52.67
CA LEU B 331 33.71 7.54 -53.70
C LEU B 331 35.06 6.89 -53.44
N LYS B 332 35.60 6.26 -54.48
CA LYS B 332 36.92 5.65 -54.43
C LYS B 332 37.81 6.34 -55.47
N ARG B 333 38.88 6.98 -54.99
CA ARG B 333 39.80 7.71 -55.87
C ARG B 333 39.07 8.75 -56.71
N GLY B 334 38.05 9.38 -56.13
CA GLY B 334 37.25 10.35 -56.84
C GLY B 334 36.21 9.77 -57.79
N GLU B 335 36.08 8.45 -57.84
CA GLU B 335 35.12 7.79 -58.71
C GLU B 335 34.09 7.04 -57.89
N LEU B 336 32.89 6.92 -58.45
CA LEU B 336 31.80 6.23 -57.76
C LEU B 336 32.11 4.76 -57.56
N TYR B 337 31.96 4.28 -56.33
CA TYR B 337 32.17 2.87 -56.00
C TYR B 337 30.90 2.17 -55.57
N GLY B 338 30.06 2.82 -54.76
CA GLY B 338 28.85 2.19 -54.30
C GLY B 338 28.06 3.14 -53.42
N TYR B 339 27.05 2.57 -52.75
CA TYR B 339 26.10 3.33 -51.95
C TYR B 339 26.18 2.90 -50.49
N ALA B 340 25.88 3.83 -49.60
CA ALA B 340 25.81 3.57 -48.17
C ALA B 340 24.49 4.09 -47.63
N CYS B 341 24.02 3.46 -46.55
CA CYS B 341 22.74 3.77 -45.94
C CYS B 341 22.97 4.34 -44.55
N MET B 342 22.37 5.49 -44.26
CA MET B 342 22.34 6.03 -42.92
C MET B 342 20.89 6.28 -42.52
N ILE B 343 20.52 5.81 -41.33
CA ILE B 343 19.17 5.94 -40.82
C ILE B 343 19.25 6.65 -39.47
N ARG B 344 18.55 7.77 -39.35
CA ARG B 344 18.38 8.43 -38.06
C ARG B 344 16.99 8.16 -37.55
N VAL B 345 16.89 7.44 -36.44
CA VAL B 345 15.61 7.02 -35.88
C VAL B 345 15.33 7.88 -34.66
N ASN B 346 14.30 8.72 -34.75
CA ASN B 346 13.96 9.55 -33.61
C ASN B 346 13.26 8.70 -32.53
N PRO B 347 13.40 9.07 -31.26
CA PRO B 347 12.74 8.30 -30.21
C PRO B 347 11.22 8.31 -30.39
N PHE B 348 10.61 7.18 -30.06
CA PHE B 348 9.18 7.00 -30.25
C PHE B 348 8.43 7.34 -28.98
N CYS B 349 7.22 7.88 -29.15
CA CYS B 349 6.42 8.28 -27.99
C CYS B 349 5.93 7.07 -27.20
N CYS B 350 5.92 5.89 -27.83
CA CYS B 350 5.36 4.69 -27.20
C CYS B 350 6.20 3.46 -27.55
N ALA B 351 5.63 2.28 -27.37
CA ALA B 351 6.36 1.01 -27.55
C ALA B 351 6.28 0.57 -28.99
N VAL B 352 7.40 0.09 -29.53
CA VAL B 352 7.48 -0.50 -30.86
C VAL B 352 7.88 -1.95 -30.73
N PHE B 353 7.10 -2.84 -31.34
CA PHE B 353 7.37 -4.27 -31.33
C PHE B 353 8.03 -4.66 -32.64
N SER B 354 9.03 -5.53 -32.56
CA SER B 354 9.62 -6.07 -33.78
C SER B 354 8.64 -6.99 -34.50
N GLU B 355 7.82 -7.70 -33.74
CA GLU B 355 6.74 -8.53 -34.27
C GLU B 355 5.75 -8.76 -33.14
N ALA B 356 4.71 -9.54 -33.43
CA ALA B 356 3.68 -9.77 -32.44
C ALA B 356 4.26 -10.51 -31.23
N PRO B 357 3.83 -10.17 -30.02
CA PRO B 357 4.34 -10.85 -28.83
C PRO B 357 4.00 -12.34 -28.86
N ASN B 358 4.92 -13.15 -28.36
CA ASN B 358 4.79 -14.61 -28.39
C ASN B 358 4.27 -15.08 -27.04
N SER B 359 2.98 -14.86 -26.81
CA SER B 359 2.32 -15.31 -25.60
C SER B 359 1.03 -16.02 -25.99
N TRP B 360 0.66 -17.04 -25.22
CA TRP B 360 -0.43 -17.92 -25.56
C TRP B 360 -1.43 -18.00 -24.42
N ILE B 361 -2.69 -18.26 -24.78
CA ILE B 361 -3.76 -18.37 -23.81
C ILE B 361 -4.74 -19.42 -24.30
N VAL B 362 -5.42 -20.08 -23.36
CA VAL B 362 -6.41 -21.10 -23.68
C VAL B 362 -7.78 -20.46 -23.70
N GLU B 363 -8.39 -20.39 -24.89
CA GLU B 363 -9.75 -19.91 -25.03
C GLU B 363 -10.60 -21.03 -25.60
N ASP B 364 -11.77 -21.25 -25.01
CA ASP B 364 -12.66 -22.38 -25.35
C ASP B 364 -11.84 -23.66 -25.22
N LYS B 365 -11.82 -24.53 -26.23
CA LYS B 365 -11.02 -25.75 -26.17
C LYS B 365 -9.70 -25.64 -26.90
N TYR B 366 -9.44 -24.53 -27.59
CA TYR B 366 -8.22 -24.36 -28.35
C TYR B 366 -7.18 -23.58 -27.55
N VAL B 367 -5.94 -23.62 -28.03
CA VAL B 367 -4.86 -22.79 -27.52
C VAL B 367 -4.60 -21.70 -28.55
N CYS B 368 -4.87 -20.46 -28.18
CA CYS B 368 -4.82 -19.34 -29.11
C CYS B 368 -3.80 -18.31 -28.63
N SER B 369 -3.18 -17.63 -29.59
CA SER B 369 -2.14 -16.65 -29.29
C SER B 369 -2.75 -15.28 -29.02
N LEU B 370 -2.09 -14.51 -28.18
CA LEU B 370 -2.52 -13.15 -27.88
C LEU B 370 -1.99 -12.19 -28.94
N THR B 371 -2.87 -11.32 -29.43
CA THR B 371 -2.46 -10.32 -30.40
C THR B 371 -1.67 -9.21 -29.72
N THR B 372 -1.12 -8.31 -30.53
CA THR B 372 -0.28 -7.24 -30.00
C THR B 372 -1.08 -6.32 -29.08
N GLU B 373 -2.31 -5.97 -29.48
CA GLU B 373 -3.11 -5.05 -28.68
C GLU B 373 -3.62 -5.72 -27.40
N LYS B 374 -4.03 -6.98 -27.50
CA LYS B 374 -4.53 -7.69 -26.33
C LYS B 374 -3.39 -8.01 -25.36
N TRP B 375 -2.20 -8.28 -25.88
CA TRP B 375 -1.05 -8.51 -25.01
C TRP B 375 -0.72 -7.26 -24.20
N VAL B 376 -0.69 -6.10 -24.85
CA VAL B 376 -0.34 -4.86 -24.17
C VAL B 376 -1.43 -4.49 -23.16
N GLY B 377 -2.68 -4.52 -23.57
CA GLY B 377 -3.79 -4.16 -22.72
C GLY B 377 -3.86 -5.03 -21.47
N MET B 378 -3.67 -6.34 -21.65
CA MET B 378 -3.68 -7.24 -20.51
C MET B 378 -2.41 -7.13 -19.68
N MET B 379 -1.32 -6.64 -20.28
CA MET B 379 -0.07 -6.50 -19.56
C MET B 379 -0.10 -5.30 -18.62
N THR B 380 -0.67 -4.19 -19.07
CA THR B 380 -0.75 -2.97 -18.26
C THR B 380 -1.88 -3.02 -17.24
N ASP B 381 -3.09 -3.33 -17.70
CA ASP B 381 -4.25 -3.40 -16.81
C ASP B 381 -4.09 -4.53 -15.80
N VAL B 409 -19.51 -11.57 -12.04
CA VAL B 409 -19.59 -10.57 -10.98
C VAL B 409 -18.45 -10.75 -9.98
N TYR B 410 -17.67 -9.70 -9.79
CA TYR B 410 -16.60 -9.69 -8.81
C TYR B 410 -17.03 -8.81 -7.63
N SER B 411 -16.89 -9.35 -6.42
CA SER B 411 -17.37 -8.72 -5.21
C SER B 411 -16.20 -8.04 -4.51
N LYS B 412 -16.30 -6.72 -4.35
CA LYS B 412 -15.28 -5.98 -3.62
C LYS B 412 -15.36 -6.25 -2.12
N LYS B 413 -16.58 -6.28 -1.59
CA LYS B 413 -16.76 -6.51 -0.15
C LYS B 413 -16.35 -7.93 0.24
N GLY B 414 -16.62 -8.91 -0.64
CA GLY B 414 -16.24 -10.27 -0.34
C GLY B 414 -14.75 -10.46 -0.29
N LEU B 415 -14.00 -9.64 -1.03
CA LEU B 415 -12.54 -9.76 -1.05
C LEU B 415 -11.94 -9.28 0.26
N GLU B 416 -12.40 -8.13 0.76
CA GLU B 416 -11.81 -7.56 1.96
C GLU B 416 -12.25 -8.31 3.21
N HIS B 417 -13.51 -8.76 3.24
CA HIS B 417 -14.03 -9.53 4.36
C HIS B 417 -13.94 -11.03 4.14
N LYS B 418 -13.02 -11.51 3.30
CA LYS B 418 -13.01 -12.92 2.97
C LYS B 418 -12.63 -13.78 4.18
N LYS B 419 -11.75 -13.27 5.05
CA LYS B 419 -11.38 -14.04 6.23
C LYS B 419 -12.50 -14.03 7.27
N GLU B 420 -13.17 -12.90 7.43
CA GLU B 420 -14.25 -12.82 8.42
C GLU B 420 -15.45 -13.67 8.01
N LEU B 421 -15.78 -13.65 6.71
CA LEU B 421 -16.88 -14.46 6.22
C LEU B 421 -16.59 -15.95 6.35
N GLN B 422 -15.35 -16.36 6.05
CA GLN B 422 -15.03 -17.77 6.06
C GLN B 422 -15.17 -18.37 7.45
N GLN B 423 -14.71 -17.65 8.48
CA GLN B 423 -14.82 -18.18 9.84
C GLN B 423 -16.27 -18.19 10.31
N LEU B 424 -17.11 -17.34 9.72
CA LEU B 424 -18.52 -17.33 10.09
C LEU B 424 -19.25 -18.56 9.59
N LEU B 425 -19.00 -18.96 8.35
CA LEU B 425 -19.70 -20.08 7.73
C LEU B 425 -18.82 -21.32 7.58
N PHE B 426 -17.66 -21.17 6.96
CA PHE B 426 -16.83 -22.31 6.56
C PHE B 426 -15.68 -22.54 7.54
N SER B 427 -15.95 -22.39 8.83
CA SER B 427 -14.94 -22.71 9.83
C SER B 427 -14.59 -24.19 9.77
N VAL B 428 -13.30 -24.49 9.77
CA VAL B 428 -12.82 -25.86 9.66
C VAL B 428 -12.74 -26.45 11.07
N PRO B 429 -13.46 -27.53 11.37
CA PRO B 429 -13.47 -28.06 12.71
C PRO B 429 -12.34 -29.06 12.91
N PRO B 430 -11.56 -28.92 13.97
CA PRO B 430 -10.49 -29.90 14.22
C PRO B 430 -11.01 -31.16 14.91
N GLY B 431 -11.00 -32.28 14.19
CA GLY B 431 -11.37 -33.57 14.75
C GLY B 431 -12.50 -34.27 14.04
N TYR B 432 -13.48 -33.55 13.52
CA TYR B 432 -14.62 -34.20 12.90
C TYR B 432 -14.97 -33.52 11.59
N LEU B 433 -15.63 -34.27 10.71
CA LEU B 433 -15.99 -33.78 9.38
C LEU B 433 -17.36 -33.11 9.46
N ARG B 434 -17.37 -31.81 9.22
CA ARG B 434 -18.59 -31.01 9.35
C ARG B 434 -19.39 -31.04 8.07
N TYR B 435 -20.72 -31.10 8.21
CA TYR B 435 -21.63 -31.09 7.07
C TYR B 435 -22.40 -29.78 7.06
N THR B 436 -22.34 -29.06 5.95
CA THR B 436 -23.05 -27.79 5.79
C THR B 436 -23.73 -27.77 4.43
N PRO B 437 -24.85 -27.05 4.30
CA PRO B 437 -25.63 -26.46 5.40
C PRO B 437 -26.42 -27.53 6.15
N GLU B 438 -26.48 -27.44 7.47
CA GLU B 438 -27.11 -28.50 8.24
C GLU B 438 -28.60 -28.61 7.95
N SER B 439 -29.26 -27.47 7.72
CA SER B 439 -30.69 -27.50 7.42
C SER B 439 -30.96 -28.23 6.12
N LEU B 440 -30.11 -28.02 5.10
CA LEU B 440 -30.33 -28.70 3.83
C LEU B 440 -29.93 -30.17 3.90
N TRP B 441 -28.92 -30.50 4.72
CA TRP B 441 -28.54 -31.89 4.89
C TRP B 441 -29.67 -32.70 5.51
N ARG B 442 -30.34 -32.14 6.52
CA ARG B 442 -31.45 -32.86 7.15
C ARG B 442 -32.59 -33.10 6.17
N ASP B 443 -32.87 -32.12 5.31
CA ASP B 443 -33.94 -32.28 4.33
C ASP B 443 -33.60 -33.37 3.33
N LEU B 444 -32.34 -33.45 2.90
CA LEU B 444 -31.96 -34.42 1.89
C LEU B 444 -32.10 -35.85 2.39
N ILE B 445 -31.63 -36.13 3.60
CA ILE B 445 -31.71 -37.50 4.11
C ILE B 445 -33.14 -37.91 4.41
N SER B 446 -34.05 -36.96 4.58
CA SER B 446 -35.45 -37.31 4.84
C SER B 446 -36.13 -37.78 3.56
N GLU B 447 -35.92 -37.07 2.45
CA GLU B 447 -36.61 -37.41 1.21
C GLU B 447 -36.10 -38.72 0.62
N HIS B 448 -34.79 -38.96 0.71
CA HIS B 448 -34.15 -40.06 0.00
C HIS B 448 -33.67 -41.08 1.02
N ARG B 449 -34.13 -42.32 0.88
CA ARG B 449 -33.76 -43.37 1.81
C ARG B 449 -32.36 -43.90 1.50
N GLY B 450 -31.54 -44.05 2.52
CA GLY B 450 -30.20 -44.56 2.36
C GLY B 450 -29.16 -43.53 1.93
N LEU B 451 -29.57 -42.29 1.69
CA LEU B 451 -28.59 -41.25 1.34
C LEU B 451 -27.66 -40.96 2.50
N GLU B 452 -28.17 -41.07 3.73
CA GLU B 452 -27.31 -40.85 4.90
C GLU B 452 -26.23 -41.90 5.00
N GLU B 453 -26.56 -43.15 4.71
CA GLU B 453 -25.57 -44.22 4.80
C GLU B 453 -24.59 -44.18 3.63
N LEU B 454 -25.06 -43.74 2.46
CA LEU B 454 -24.18 -43.63 1.31
C LEU B 454 -23.07 -42.62 1.54
N ILE B 455 -23.44 -41.43 2.04
CA ILE B 455 -22.46 -40.37 2.27
C ILE B 455 -21.54 -40.74 3.44
N ASN B 456 -22.12 -41.27 4.51
CA ASN B 456 -21.32 -41.57 5.70
C ASN B 456 -20.29 -42.66 5.43
N LYS B 457 -20.65 -43.67 4.64
CA LYS B 457 -19.68 -44.70 4.27
C LYS B 457 -18.55 -44.11 3.43
N GLN B 458 -18.90 -43.20 2.51
CA GLN B 458 -17.89 -42.60 1.64
C GLN B 458 -16.97 -41.67 2.41
N MET B 459 -17.45 -41.06 3.49
CA MET B 459 -16.65 -40.12 4.26
C MET B 459 -15.82 -40.79 5.34
N GLN B 460 -15.83 -42.12 5.42
CA GLN B 460 -15.00 -42.81 6.40
C GLN B 460 -13.51 -42.47 6.30
N PRO B 461 -12.90 -42.40 5.12
CA PRO B 461 -11.44 -42.18 5.08
C PRO B 461 -10.98 -40.91 5.78
N PHE B 462 -11.77 -39.83 5.72
CA PHE B 462 -11.28 -38.51 6.10
C PHE B 462 -12.01 -38.03 7.35
N PHE B 463 -11.25 -37.63 8.36
CA PHE B 463 -11.85 -37.27 9.65
C PHE B 463 -11.75 -35.79 9.98
N ARG B 464 -11.27 -34.96 9.06
CA ARG B 464 -11.27 -33.52 9.27
C ARG B 464 -11.60 -32.79 7.98
N GLY B 465 -12.37 -31.72 8.09
CA GLY B 465 -12.71 -30.91 6.95
C GLY B 465 -14.16 -30.51 7.00
N ILE B 466 -14.66 -30.02 5.88
CA ILE B 466 -16.04 -29.59 5.75
C ILE B 466 -16.60 -30.11 4.43
N LEU B 467 -17.83 -30.61 4.48
CA LEU B 467 -18.53 -31.12 3.30
C LEU B 467 -19.71 -30.21 3.01
N ILE B 468 -19.66 -29.52 1.88
CA ILE B 468 -20.57 -28.42 1.59
C ILE B 468 -21.61 -28.93 0.61
N PHE B 469 -22.85 -29.04 1.08
CA PHE B 469 -23.92 -29.60 0.26
C PHE B 469 -24.64 -28.54 -0.55
N SER B 470 -25.29 -29.00 -1.61
CA SER B 470 -26.17 -28.17 -2.43
C SER B 470 -26.99 -29.09 -3.32
N ARG B 471 -28.25 -28.71 -3.55
CA ARG B 471 -29.10 -29.53 -4.39
C ARG B 471 -28.57 -29.65 -5.81
N SER B 472 -27.85 -28.66 -6.29
CA SER B 472 -27.18 -28.75 -7.59
C SER B 472 -26.09 -27.70 -7.61
N TRP B 473 -24.82 -28.13 -7.58
CA TRP B 473 -23.73 -27.17 -7.64
C TRP B 473 -23.60 -26.55 -9.02
N ALA B 474 -24.10 -27.23 -10.06
CA ALA B 474 -24.02 -26.68 -11.40
C ALA B 474 -24.91 -25.46 -11.54
N VAL B 475 -26.15 -25.53 -11.05
CA VAL B 475 -27.04 -24.39 -11.17
C VAL B 475 -26.60 -23.25 -10.26
N ASP B 476 -25.84 -23.56 -9.21
CA ASP B 476 -25.28 -22.50 -8.37
C ASP B 476 -24.20 -21.73 -9.10
N LEU B 477 -23.44 -22.40 -9.96
CA LEU B 477 -22.38 -21.78 -10.74
C LEU B 477 -22.84 -21.32 -12.11
N ASN B 478 -24.15 -21.09 -12.28
CA ASN B 478 -24.76 -20.66 -13.54
C ASN B 478 -24.58 -21.67 -14.66
N LEU B 479 -24.49 -22.96 -14.33
CA LEU B 479 -24.53 -24.00 -15.35
C LEU B 479 -25.95 -24.57 -15.44
N GLN B 480 -26.15 -25.50 -16.36
CA GLN B 480 -27.48 -26.07 -16.55
C GLN B 480 -27.72 -27.22 -15.55
N GLU B 481 -28.93 -27.25 -15.00
CA GLU B 481 -29.32 -28.29 -14.07
C GLU B 481 -29.58 -29.61 -14.80
N LYS B 482 -29.16 -30.71 -14.16
CA LYS B 482 -29.37 -32.04 -14.70
C LYS B 482 -30.48 -32.75 -13.93
N PRO B 483 -31.59 -33.09 -14.56
CA PRO B 483 -32.60 -33.90 -13.88
C PRO B 483 -32.04 -35.28 -13.55
N GLY B 484 -32.49 -35.81 -12.41
CA GLY B 484 -32.00 -37.09 -11.93
C GLY B 484 -30.91 -37.00 -10.90
N VAL B 485 -30.35 -35.81 -10.66
CA VAL B 485 -29.34 -35.65 -9.63
C VAL B 485 -30.02 -35.31 -8.31
N ILE B 486 -29.55 -35.94 -7.23
CA ILE B 486 -30.12 -35.72 -5.91
C ILE B 486 -29.50 -34.52 -5.23
N CYS B 487 -28.17 -34.45 -5.22
CA CYS B 487 -27.46 -33.33 -4.61
C CYS B 487 -26.04 -33.29 -5.18
N ASP B 488 -25.30 -32.27 -4.76
CA ASP B 488 -23.87 -32.17 -5.00
C ASP B 488 -23.18 -31.80 -3.69
N ALA B 489 -22.05 -32.44 -3.43
CA ALA B 489 -21.29 -32.17 -2.22
C ALA B 489 -19.84 -31.90 -2.58
N LEU B 490 -19.31 -30.80 -2.08
CA LEU B 490 -17.92 -30.43 -2.31
C LEU B 490 -17.13 -30.70 -1.04
N LEU B 491 -16.23 -31.67 -1.10
CA LEU B 491 -15.47 -32.11 0.06
C LEU B 491 -14.14 -31.40 0.10
N ILE B 492 -13.88 -30.65 1.17
CA ILE B 492 -12.61 -29.99 1.41
C ILE B 492 -12.08 -30.55 2.73
N ALA B 493 -11.12 -31.46 2.65
CA ALA B 493 -10.68 -32.21 3.81
C ALA B 493 -9.17 -32.20 3.88
N GLN B 494 -8.64 -32.39 5.09
CA GLN B 494 -7.21 -32.43 5.28
C GLN B 494 -6.62 -33.68 4.65
N ASN B 495 -5.42 -33.54 4.09
CA ASN B 495 -4.73 -34.64 3.41
C ASN B 495 -5.56 -35.20 2.28
N SER B 496 -6.26 -34.33 1.55
CA SER B 496 -7.07 -34.72 0.42
C SER B 496 -7.18 -33.57 -0.56
N THR B 497 -7.17 -33.91 -1.84
CA THR B 497 -7.54 -32.94 -2.83
C THR B 497 -9.03 -32.61 -2.68
N PRO B 498 -9.45 -31.42 -3.07
CA PRO B 498 -10.89 -31.14 -3.13
C PRO B 498 -11.57 -32.12 -4.07
N ILE B 499 -12.74 -32.61 -3.64
CA ILE B 499 -13.52 -33.57 -4.41
C ILE B 499 -14.93 -33.04 -4.53
N LEU B 500 -15.51 -33.14 -5.72
CA LEU B 500 -16.90 -32.79 -5.94
C LEU B 500 -17.71 -34.06 -6.13
N TYR B 501 -18.55 -34.38 -5.15
CA TYR B 501 -19.40 -35.56 -5.20
C TYR B 501 -20.72 -35.21 -5.85
N THR B 502 -21.15 -36.04 -6.80
CA THR B 502 -22.48 -35.94 -7.39
C THR B 502 -23.23 -37.23 -7.14
N ILE B 503 -24.39 -37.13 -6.51
CA ILE B 503 -25.20 -38.29 -6.15
C ILE B 503 -26.38 -38.37 -7.11
N LEU B 504 -26.52 -39.51 -7.78
CA LEU B 504 -27.57 -39.76 -8.75
C LEU B 504 -28.55 -40.79 -8.21
N ARG B 505 -29.84 -40.58 -8.48
CA ARG B 505 -30.85 -41.55 -8.07
C ARG B 505 -30.67 -42.87 -8.82
N GLU B 506 -30.38 -42.79 -10.12
CA GLU B 506 -30.15 -43.96 -10.96
C GLU B 506 -28.92 -43.70 -11.81
N GLN B 507 -28.18 -44.76 -12.13
CA GLN B 507 -26.96 -44.60 -12.91
C GLN B 507 -27.26 -44.04 -14.30
N ASP B 508 -26.36 -43.20 -14.77
CA ASP B 508 -26.50 -42.57 -16.08
C ASP B 508 -25.13 -42.38 -16.71
N ALA B 509 -25.07 -42.46 -18.04
CA ALA B 509 -23.81 -42.19 -18.73
C ALA B 509 -23.44 -40.72 -18.65
N GLU B 510 -24.43 -39.84 -18.64
CA GLU B 510 -24.18 -38.40 -18.51
C GLU B 510 -23.75 -38.00 -17.11
N GLY B 511 -23.85 -38.92 -16.14
CA GLY B 511 -23.55 -38.55 -14.76
C GLY B 511 -22.11 -38.13 -14.57
N GLN B 512 -21.17 -38.83 -15.23
CA GLN B 512 -19.77 -38.48 -15.09
C GLN B 512 -19.41 -37.23 -15.88
N ASP B 513 -20.05 -37.02 -17.03
CA ASP B 513 -19.82 -35.80 -17.78
C ASP B 513 -20.31 -34.59 -17.00
N TYR B 514 -21.46 -34.70 -16.33
CA TYR B 514 -22.01 -33.58 -15.58
C TYR B 514 -21.10 -33.20 -14.41
N CYS B 515 -20.57 -34.19 -13.69
CA CYS B 515 -19.71 -33.90 -12.55
C CYS B 515 -18.36 -33.37 -13.00
N THR B 516 -17.85 -33.85 -14.14
CA THR B 516 -16.59 -33.33 -14.67
C THR B 516 -16.72 -31.87 -15.10
N ARG B 517 -17.83 -31.53 -15.76
CA ARG B 517 -18.03 -30.16 -16.20
C ARG B 517 -18.15 -29.21 -15.02
N THR B 518 -18.82 -29.65 -13.96
CA THR B 518 -18.99 -28.79 -12.79
C THR B 518 -17.69 -28.67 -12.00
N ALA B 519 -16.96 -29.77 -11.86
CA ALA B 519 -15.68 -29.72 -11.15
C ALA B 519 -14.67 -28.85 -11.88
N PHE B 520 -14.68 -28.90 -13.21
CA PHE B 520 -13.81 -28.03 -13.99
C PHE B 520 -14.20 -26.57 -13.83
N THR B 521 -15.51 -26.29 -13.81
CA THR B 521 -15.97 -24.92 -13.65
C THR B 521 -15.62 -24.39 -12.27
N LEU B 522 -15.78 -25.21 -11.23
CA LEU B 522 -15.46 -24.78 -9.88
C LEU B 522 -13.97 -24.54 -9.72
N LYS B 523 -13.13 -25.37 -10.35
CA LYS B 523 -11.69 -25.20 -10.24
C LYS B 523 -11.22 -23.92 -10.90
N GLN B 524 -11.85 -23.54 -12.01
CA GLN B 524 -11.47 -22.32 -12.71
C GLN B 524 -11.93 -21.08 -11.95
N LYS B 525 -13.11 -21.15 -11.33
CA LYS B 525 -13.60 -20.01 -10.56
C LYS B 525 -12.71 -19.72 -9.36
N LEU B 526 -12.21 -20.77 -8.71
CA LEU B 526 -11.37 -20.58 -7.53
C LEU B 526 -10.08 -19.85 -7.88
N VAL B 527 -9.73 -19.81 -9.16
CA VAL B 527 -8.49 -19.17 -9.61
C VAL B 527 -8.79 -17.84 -10.28
N ASN B 528 -9.61 -17.89 -11.32
CA ASN B 528 -9.89 -16.69 -12.10
C ASN B 528 -10.75 -15.69 -11.34
N MET B 529 -11.52 -16.15 -10.35
CA MET B 529 -12.44 -15.30 -9.61
C MET B 529 -12.10 -15.20 -8.14
N GLY B 530 -11.97 -16.34 -7.45
CA GLY B 530 -11.61 -16.31 -6.04
C GLY B 530 -10.17 -15.98 -5.78
N GLY B 531 -9.32 -16.00 -6.80
CA GLY B 531 -7.93 -15.62 -6.63
C GLY B 531 -7.12 -16.55 -5.76
N TYR B 532 -7.24 -17.86 -5.96
CA TYR B 532 -6.42 -18.80 -5.22
C TYR B 532 -5.06 -18.93 -5.89
N THR B 533 -3.99 -18.62 -5.15
CA THR B 533 -2.65 -18.64 -5.68
C THR B 533 -1.94 -19.97 -5.49
N GLY B 534 -2.55 -20.92 -4.81
CA GLY B 534 -1.93 -22.21 -4.60
C GLY B 534 -2.20 -23.18 -5.73
N LYS B 535 -1.78 -24.42 -5.52
CA LYS B 535 -1.98 -25.49 -6.47
C LYS B 535 -3.28 -26.21 -6.10
N VAL B 536 -4.28 -26.11 -6.98
CA VAL B 536 -5.62 -26.60 -6.68
C VAL B 536 -6.08 -27.55 -7.77
N CYS B 537 -6.69 -28.65 -7.37
CA CYS B 537 -7.36 -29.56 -8.28
C CYS B 537 -8.68 -29.98 -7.65
N VAL B 538 -9.66 -30.29 -8.50
CA VAL B 538 -10.98 -30.70 -8.04
C VAL B 538 -11.30 -32.04 -8.70
N ARG B 539 -11.29 -33.11 -7.91
CA ARG B 539 -11.63 -34.43 -8.44
C ARG B 539 -13.14 -34.53 -8.60
N ALA B 540 -13.57 -35.01 -9.77
CA ALA B 540 -15.00 -35.19 -10.06
C ALA B 540 -15.37 -36.64 -9.80
N LYS B 541 -16.27 -36.86 -8.85
CA LYS B 541 -16.69 -38.20 -8.47
C LYS B 541 -18.21 -38.28 -8.53
N VAL B 542 -18.71 -39.46 -8.91
CA VAL B 542 -20.14 -39.70 -9.06
C VAL B 542 -20.53 -40.89 -8.20
N LEU B 543 -21.59 -40.73 -7.43
CA LEU B 543 -22.14 -41.80 -6.61
C LEU B 543 -23.59 -42.06 -7.04
N CYS B 544 -23.98 -43.32 -7.07
CA CYS B 544 -25.33 -43.71 -7.44
C CYS B 544 -26.03 -44.27 -6.20
N LEU B 545 -27.22 -43.71 -5.92
CA LEU B 545 -27.97 -44.16 -4.75
C LEU B 545 -28.52 -45.56 -4.95
N SER B 546 -29.00 -45.86 -6.14
CA SER B 546 -29.54 -47.18 -6.43
C SER B 546 -28.40 -48.18 -6.64
N PRO B 547 -28.32 -49.25 -5.82
CA PRO B 547 -27.26 -50.25 -5.95
C PRO B 547 -27.37 -51.07 -7.23
N VAL B 558 -10.78 -43.37 -19.78
CA VAL B 558 -10.85 -42.30 -18.81
C VAL B 558 -10.45 -42.82 -17.43
N SER B 559 -9.43 -42.19 -16.84
CA SER B 559 -8.93 -42.60 -15.54
C SER B 559 -8.73 -41.37 -14.68
N PRO B 560 -8.91 -41.46 -13.37
CA PRO B 560 -8.62 -40.31 -12.49
C PRO B 560 -7.13 -40.03 -12.43
N MET B 561 -6.73 -38.87 -12.94
CA MET B 561 -5.32 -38.51 -12.99
C MET B 561 -4.76 -38.32 -11.60
N ASP B 562 -3.56 -38.84 -11.38
CA ASP B 562 -2.91 -38.79 -10.06
C ASP B 562 -2.06 -37.53 -9.98
N TYR B 563 -2.48 -36.58 -9.13
CA TYR B 563 -1.77 -35.34 -8.94
C TYR B 563 -0.63 -35.52 -7.95
N PRO B 564 0.37 -34.63 -7.97
CA PRO B 564 1.46 -34.73 -7.01
C PRO B 564 0.98 -34.57 -5.58
N ALA B 565 1.87 -34.85 -4.64
CA ALA B 565 1.52 -34.72 -3.22
C ALA B 565 1.34 -33.27 -2.82
N SER B 566 1.79 -32.32 -3.65
CA SER B 566 1.65 -30.91 -3.31
C SER B 566 0.24 -30.38 -3.54
N TYR B 567 -0.59 -31.12 -4.29
CA TYR B 567 -1.95 -30.69 -4.53
C TYR B 567 -2.90 -31.05 -3.40
N SER B 568 -2.49 -31.94 -2.50
CA SER B 568 -3.31 -32.28 -1.34
C SER B 568 -3.29 -31.15 -0.33
N LEU B 569 -4.38 -31.00 0.41
CA LEU B 569 -4.50 -29.95 1.42
C LEU B 569 -3.72 -30.38 2.66
N ALA B 570 -2.65 -29.68 2.96
CA ALA B 570 -1.74 -30.13 4.01
C ALA B 570 -2.33 -29.98 5.40
N GLY B 571 -2.97 -28.84 5.67
CA GLY B 571 -3.46 -28.60 7.02
C GLY B 571 -4.40 -27.43 7.05
N THR B 572 -4.51 -26.83 8.24
CA THR B 572 -5.48 -25.76 8.44
C THR B 572 -5.20 -24.56 7.56
N GLN B 573 -3.92 -24.21 7.38
CA GLN B 573 -3.58 -23.03 6.60
C GLN B 573 -3.99 -23.15 5.15
N HIS B 574 -3.84 -24.33 4.54
CA HIS B 574 -4.23 -24.52 3.15
C HIS B 574 -5.75 -24.55 3.00
N MET B 575 -6.44 -25.24 3.91
CA MET B 575 -7.90 -25.33 3.82
C MET B 575 -8.55 -23.97 4.02
N GLU B 576 -8.00 -23.16 4.92
CA GLU B 576 -8.56 -21.83 5.15
C GLU B 576 -8.39 -20.95 3.93
N ALA B 577 -7.19 -20.95 3.34
CA ALA B 577 -6.95 -20.11 2.16
C ALA B 577 -7.77 -20.57 0.96
N LEU B 578 -8.04 -21.87 0.88
CA LEU B 578 -8.90 -22.38 -0.18
C LEU B 578 -10.35 -21.96 0.04
N LEU B 579 -10.82 -22.04 1.28
CA LEU B 579 -12.21 -21.70 1.57
C LEU B 579 -12.46 -20.21 1.43
N GLN B 580 -11.48 -19.39 1.79
CA GLN B 580 -11.63 -17.95 1.63
C GLN B 580 -11.76 -17.56 0.17
N SER B 581 -11.18 -18.35 -0.73
CA SER B 581 -11.39 -18.16 -2.16
C SER B 581 -12.73 -18.69 -2.61
N LEU B 582 -13.27 -19.70 -1.92
CA LEU B 582 -14.61 -20.17 -2.22
C LEU B 582 -15.66 -19.16 -1.76
N VAL B 583 -15.35 -18.41 -0.70
CA VAL B 583 -16.25 -17.35 -0.24
C VAL B 583 -16.40 -16.30 -1.34
N ILE B 584 -15.29 -15.90 -1.95
CA ILE B 584 -15.34 -14.90 -3.01
C ILE B 584 -16.04 -15.46 -4.23
N VAL B 585 -15.87 -16.75 -4.52
CA VAL B 585 -16.51 -17.35 -5.68
C VAL B 585 -18.02 -17.40 -5.49
N LEU B 586 -18.47 -17.78 -4.29
CA LEU B 586 -19.90 -17.90 -4.04
C LEU B 586 -20.62 -16.57 -4.19
N LEU B 587 -20.00 -15.49 -3.71
CA LEU B 587 -20.64 -14.18 -3.72
C LEU B 587 -20.85 -13.64 -5.12
N GLY B 588 -20.25 -14.24 -6.15
CA GLY B 588 -20.46 -13.77 -7.50
C GLY B 588 -21.71 -14.33 -8.16
N PHE B 589 -22.37 -15.30 -7.55
CA PHE B 589 -23.52 -15.96 -8.14
C PHE B 589 -24.71 -15.90 -7.19
N ARG B 590 -25.87 -16.25 -7.71
CA ARG B 590 -27.07 -16.37 -6.90
C ARG B 590 -27.22 -17.81 -6.42
N SER B 591 -27.21 -18.00 -5.10
CA SER B 591 -27.38 -19.34 -4.54
C SER B 591 -27.76 -19.18 -3.08
N LEU B 592 -27.98 -20.31 -2.40
CA LEU B 592 -28.29 -20.26 -0.98
C LEU B 592 -27.09 -19.81 -0.16
N LEU B 593 -25.94 -20.42 -0.39
CA LEU B 593 -24.76 -20.05 0.37
C LEU B 593 -24.28 -18.66 0.00
N SER B 594 -24.48 -18.26 -1.26
CA SER B 594 -24.19 -16.89 -1.65
C SER B 594 -25.04 -15.92 -0.86
N ASP B 595 -26.31 -16.27 -0.62
CA ASP B 595 -27.19 -15.40 0.15
C ASP B 595 -26.85 -15.41 1.64
N GLN B 596 -26.39 -16.54 2.16
CA GLN B 596 -25.92 -16.56 3.54
C GLN B 596 -24.66 -15.72 3.70
N LEU B 597 -23.74 -15.77 2.73
CA LEU B 597 -22.60 -14.88 2.75
C LEU B 597 -23.04 -13.43 2.63
N GLY B 598 -24.01 -13.16 1.76
CA GLY B 598 -24.45 -11.79 1.56
C GLY B 598 -25.03 -11.16 2.81
N CYS B 599 -25.83 -11.93 3.56
CA CYS B 599 -26.37 -11.42 4.81
C CYS B 599 -25.26 -11.11 5.81
N GLU B 600 -24.25 -11.99 5.90
CA GLU B 600 -23.17 -11.76 6.84
C GLU B 600 -22.28 -10.60 6.44
N VAL B 601 -22.27 -10.22 5.16
CA VAL B 601 -21.57 -9.00 4.76
C VAL B 601 -22.30 -7.77 5.28
N LEU B 602 -23.62 -7.78 5.19
CA LEU B 602 -24.41 -6.66 5.68
C LEU B 602 -24.25 -6.47 7.18
N ASN B 603 -24.07 -7.57 7.92
CA ASN B 603 -23.80 -7.45 9.34
C ASN B 603 -22.38 -6.98 9.60
N LEU B 604 -21.47 -7.19 8.66
CA LEU B 604 -20.12 -6.67 8.80
C LEU B 604 -20.06 -5.18 8.50
N LEU B 605 -20.83 -4.72 7.50
CA LEU B 605 -20.89 -3.30 7.19
C LEU B 605 -21.49 -2.51 8.35
N THR B 606 -22.57 -3.04 8.95
CA THR B 606 -23.20 -2.34 10.05
C THR B 606 -22.28 -2.26 11.26
N ALA B 607 -21.52 -3.32 11.54
CA ALA B 607 -20.60 -3.30 12.66
C ALA B 607 -19.48 -2.30 12.45
N GLN B 608 -19.13 -2.01 11.20
CA GLN B 608 -18.17 -0.94 10.93
C GLN B 608 -18.78 0.42 11.18
N GLN B 609 -20.01 0.65 10.71
CA GLN B 609 -20.67 1.93 10.90
C GLN B 609 -21.00 2.17 12.37
N TYR B 610 -21.10 1.11 13.16
CA TYR B 610 -21.39 1.29 14.58
C TYR B 610 -20.19 1.83 15.34
N GLU B 611 -18.99 1.34 15.04
CA GLU B 611 -17.81 1.81 15.75
C GLU B 611 -17.59 3.30 15.58
N ILE B 612 -17.88 3.84 14.40
CA ILE B 612 -17.84 5.29 14.21
C ILE B 612 -18.90 5.95 15.07
N PHE B 613 -20.11 5.39 15.06
CA PHE B 613 -21.24 6.02 15.75
C PHE B 613 -21.11 5.87 17.26
N SER B 614 -20.56 4.75 17.72
CA SER B 614 -20.50 4.48 19.15
C SER B 614 -19.59 5.43 19.90
N ARG B 615 -18.76 6.21 19.20
CA ARG B 615 -17.89 7.17 19.86
C ARG B 615 -18.64 8.37 20.40
N SER B 616 -19.93 8.51 20.05
CA SER B 616 -20.73 9.65 20.49
C SER B 616 -21.30 9.47 21.88
N LEU B 617 -21.07 8.33 22.52
CA LEU B 617 -21.59 8.12 23.88
C LEU B 617 -20.84 8.95 24.91
N ARG B 618 -19.53 9.11 24.74
CA ARG B 618 -18.76 9.94 25.66
C ARG B 618 -19.02 11.42 25.44
N LYS B 619 -19.42 11.81 24.23
CA LYS B 619 -19.53 13.21 23.88
C LYS B 619 -20.92 13.80 24.13
N ASN B 620 -21.94 12.97 24.26
CA ASN B 620 -23.31 13.45 24.36
C ASN B 620 -24.03 12.77 25.52
N ARG B 621 -25.03 13.48 26.05
CA ARG B 621 -26.02 12.88 26.93
C ARG B 621 -27.40 12.89 26.28
N GLU B 622 -27.90 14.05 25.86
CA GLU B 622 -29.06 14.12 25.00
C GLU B 622 -28.59 14.23 23.55
N LEU B 623 -29.23 13.47 22.68
CA LEU B 623 -28.82 13.41 21.28
C LEU B 623 -30.01 13.05 20.43
N PHE B 624 -30.07 13.59 19.22
CA PHE B 624 -31.12 13.32 18.27
C PHE B 624 -30.51 12.69 17.02
N VAL B 625 -30.68 11.39 16.86
CA VAL B 625 -30.04 10.64 15.79
C VAL B 625 -31.02 10.58 14.63
N HIS B 626 -30.66 11.22 13.51
CA HIS B 626 -31.50 11.26 12.32
C HIS B 626 -30.97 10.24 11.32
N GLY B 627 -31.54 9.04 11.35
CA GLY B 627 -31.09 7.98 10.46
C GLY B 627 -31.88 7.92 9.17
N LEU B 628 -31.23 7.41 8.14
CA LEU B 628 -31.86 7.19 6.85
C LEU B 628 -32.47 5.79 6.80
N PRO B 629 -33.40 5.55 5.87
CA PRO B 629 -33.95 4.20 5.72
C PRO B 629 -32.86 3.22 5.30
N GLY B 630 -32.80 2.09 6.01
CA GLY B 630 -31.78 1.11 5.74
C GLY B 630 -30.41 1.46 6.27
N SER B 631 -30.29 2.47 7.12
CA SER B 631 -29.01 2.87 7.69
C SER B 631 -28.62 2.07 8.92
N GLY B 632 -29.46 1.15 9.36
CA GLY B 632 -29.16 0.36 10.53
C GLY B 632 -29.53 1.00 11.85
N LYS B 633 -30.46 1.96 11.84
CA LYS B 633 -30.80 2.74 13.02
C LYS B 633 -31.18 1.88 14.21
N THR B 634 -32.08 0.93 14.01
CA THR B 634 -32.52 0.08 15.12
C THR B 634 -31.39 -0.82 15.61
N ILE B 635 -30.50 -1.24 14.72
CA ILE B 635 -29.39 -2.10 15.12
C ILE B 635 -28.43 -1.32 16.02
N MET B 636 -28.19 -0.04 15.71
CA MET B 636 -27.34 0.77 16.57
C MET B 636 -27.97 0.96 17.94
N ALA B 637 -29.29 1.12 17.99
CA ALA B 637 -29.96 1.33 19.27
C ALA B 637 -29.76 0.14 20.20
N MET B 638 -29.88 -1.07 19.67
CA MET B 638 -29.63 -2.26 20.48
C MET B 638 -28.17 -2.34 20.88
N LYS B 639 -27.26 -1.99 19.97
CA LYS B 639 -25.84 -2.02 20.27
C LYS B 639 -25.47 -0.95 21.29
N ILE B 640 -26.06 0.25 21.16
CA ILE B 640 -25.80 1.32 22.13
C ILE B 640 -26.27 0.92 23.51
N MET B 641 -27.48 0.36 23.60
CA MET B 641 -28.04 0.01 24.90
C MET B 641 -27.20 -1.03 25.62
N GLU B 642 -26.48 -1.87 24.87
CA GLU B 642 -25.47 -2.72 25.48
C GLU B 642 -24.27 -1.91 25.93
N LYS B 643 -23.85 -0.93 25.13
CA LYS B 643 -22.71 -0.10 25.49
C LYS B 643 -22.99 0.73 26.73
N ILE B 644 -24.20 1.30 26.83
CA ILE B 644 -24.57 2.06 28.01
C ILE B 644 -24.47 1.20 29.25
N ARG B 645 -24.88 -0.07 29.13
CA ARG B 645 -24.74 -1.00 30.25
C ARG B 645 -23.27 -1.19 30.62
N ASN B 646 -22.40 -1.31 29.62
CA ASN B 646 -20.99 -1.58 29.90
C ASN B 646 -20.26 -0.35 30.40
N VAL B 647 -20.59 0.83 29.88
CA VAL B 647 -19.82 2.03 30.20
C VAL B 647 -20.24 2.60 31.56
N PHE B 648 -21.55 2.75 31.76
CA PHE B 648 -22.03 3.34 33.01
C PHE B 648 -22.31 2.32 34.09
N HIS B 649 -22.13 1.02 33.80
CA HIS B 649 -22.29 -0.07 34.76
C HIS B 649 -23.70 -0.13 35.34
N CYS B 650 -24.68 0.45 34.65
CA CYS B 650 -26.07 0.36 35.10
C CYS B 650 -26.66 -0.99 34.69
N GLU B 651 -27.66 -1.43 35.43
CA GLU B 651 -28.27 -2.72 35.15
C GLU B 651 -29.25 -2.61 33.99
N ALA B 652 -29.75 -3.77 33.55
CA ALA B 652 -30.67 -3.82 32.41
C ALA B 652 -31.97 -3.07 32.70
N HIS B 653 -32.51 -3.22 33.90
CA HIS B 653 -33.78 -2.55 34.21
C HIS B 653 -33.61 -1.05 34.41
N ARG B 654 -32.39 -0.54 34.45
CA ARG B 654 -32.16 0.90 34.52
C ARG B 654 -32.25 1.60 33.17
N ILE B 655 -32.15 0.85 32.08
CA ILE B 655 -32.25 1.41 30.73
C ILE B 655 -33.65 1.14 30.20
N LEU B 656 -34.29 2.16 29.64
CA LEU B 656 -35.66 2.04 29.16
C LEU B 656 -35.67 2.29 27.66
N TYR B 657 -36.24 1.33 26.91
CA TYR B 657 -36.42 1.46 25.48
C TYR B 657 -37.89 1.67 25.18
N VAL B 658 -38.20 2.72 24.42
CA VAL B 658 -39.58 3.09 24.13
C VAL B 658 -39.78 3.08 22.63
N CYS B 659 -40.82 2.37 22.18
CA CYS B 659 -41.14 2.27 20.76
C CYS B 659 -42.65 2.42 20.59
N GLU B 660 -43.06 2.68 19.36
CA GLU B 660 -44.48 2.91 19.08
C GLU B 660 -45.26 1.61 18.91
N ASN B 661 -44.62 0.56 18.39
CA ASN B 661 -45.31 -0.67 18.03
C ASN B 661 -44.99 -1.78 19.01
N GLN B 662 -45.86 -2.80 19.02
CA GLN B 662 -45.75 -3.93 19.93
C GLN B 662 -44.78 -5.01 19.47
N PRO B 663 -44.79 -5.43 18.19
CA PRO B 663 -43.83 -6.47 17.79
C PRO B 663 -42.38 -6.11 18.02
N LEU B 664 -42.02 -4.84 17.77
CA LEU B 664 -40.66 -4.41 18.03
C LEU B 664 -40.35 -4.42 19.51
N ARG B 665 -41.33 -4.09 20.35
CA ARG B 665 -41.14 -4.14 21.80
C ARG B 665 -40.80 -5.55 22.26
N ASN B 666 -41.54 -6.54 21.76
CA ASN B 666 -41.29 -7.93 22.15
C ASN B 666 -39.92 -8.40 21.66
N PHE B 667 -39.54 -7.99 20.45
CA PHE B 667 -38.24 -8.37 19.91
C PHE B 667 -37.11 -7.84 20.78
N ILE B 668 -37.25 -6.60 21.25
CA ILE B 668 -36.22 -6.03 22.12
C ILE B 668 -36.22 -6.71 23.48
N SER B 669 -37.41 -7.00 24.01
CA SER B 669 -37.49 -7.64 25.32
C SER B 669 -36.82 -9.01 25.32
N ASP B 670 -37.03 -9.78 24.25
CA ASP B 670 -36.43 -11.10 24.15
C ASP B 670 -34.90 -11.04 24.11
N ARG B 671 -34.33 -9.92 23.66
CA ARG B 671 -32.88 -9.76 23.66
C ARG B 671 -32.32 -9.54 25.06
N ASN B 672 -33.17 -9.23 26.04
CA ASN B 672 -32.75 -9.05 27.44
C ASN B 672 -31.73 -7.92 27.58
N ILE B 673 -31.75 -6.97 26.64
CA ILE B 673 -30.86 -5.81 26.74
C ILE B 673 -31.29 -4.89 27.87
N CYS B 674 -32.60 -4.65 28.00
CA CYS B 674 -33.10 -3.64 28.92
C CYS B 674 -34.59 -3.86 29.11
N ARG B 675 -35.22 -2.89 29.75
CA ARG B 675 -36.67 -2.83 29.76
C ARG B 675 -37.18 -2.14 28.50
N ALA B 676 -38.14 -2.77 27.83
CA ALA B 676 -38.71 -2.21 26.62
C ALA B 676 -40.19 -2.01 26.80
N GLU B 677 -40.68 -0.81 26.48
CA GLU B 677 -42.08 -0.47 26.65
C GLU B 677 -42.58 0.26 25.42
N THR B 678 -43.89 0.24 25.22
CA THR B 678 -44.52 0.99 24.16
C THR B 678 -44.78 2.42 24.65
N ARG B 679 -45.04 3.33 23.72
CA ARG B 679 -45.29 4.72 24.09
C ARG B 679 -46.48 4.84 25.03
N LYS B 680 -47.57 4.13 24.72
CA LYS B 680 -48.75 4.16 25.58
C LYS B 680 -48.44 3.63 26.97
N THR B 681 -47.68 2.54 27.04
CA THR B 681 -47.24 2.03 28.34
C THR B 681 -46.33 3.03 29.03
N PHE B 682 -45.48 3.71 28.27
CA PHE B 682 -44.55 4.67 28.85
C PHE B 682 -45.29 5.84 29.51
N LEU B 683 -46.35 6.32 28.87
CA LEU B 683 -47.07 7.47 29.39
C LEU B 683 -47.96 7.08 30.58
N ARG B 684 -48.30 5.80 30.71
CA ARG B 684 -49.19 5.38 31.78
C ARG B 684 -48.44 5.02 33.05
N GLU B 685 -47.55 4.04 32.96
CA GLU B 685 -46.88 3.53 34.15
C GLU B 685 -45.89 4.54 34.71
N ASN B 686 -45.34 4.21 35.88
CA ASN B 686 -44.34 5.03 36.54
C ASN B 686 -42.96 4.42 36.36
N PHE B 687 -41.98 5.26 36.08
CA PHE B 687 -40.62 4.84 35.76
C PHE B 687 -39.61 5.58 36.61
N GLU B 688 -39.85 5.66 37.92
CA GLU B 688 -38.95 6.40 38.81
C GLU B 688 -37.55 5.82 38.84
N HIS B 689 -37.41 4.51 38.62
CA HIS B 689 -36.11 3.86 38.80
C HIS B 689 -35.26 3.88 37.54
N ILE B 690 -35.73 4.51 36.47
CA ILE B 690 -34.99 4.52 35.21
C ILE B 690 -33.93 5.62 35.24
N GLN B 691 -32.74 5.29 34.74
CA GLN B 691 -31.65 6.25 34.60
C GLN B 691 -31.50 6.78 33.18
N HIS B 692 -31.58 5.90 32.19
CA HIS B 692 -31.37 6.26 30.79
C HIS B 692 -32.58 5.84 29.97
N ILE B 693 -32.93 6.64 28.98
CA ILE B 693 -34.07 6.37 28.12
C ILE B 693 -33.61 6.44 26.68
N VAL B 694 -33.91 5.41 25.91
CA VAL B 694 -33.64 5.36 24.48
C VAL B 694 -34.96 5.24 23.76
N ILE B 695 -35.20 6.12 22.79
CA ILE B 695 -36.46 6.18 22.07
C ILE B 695 -36.17 5.92 20.60
N ASP B 696 -36.93 5.03 19.98
CA ASP B 696 -36.74 4.67 18.59
C ASP B 696 -38.05 4.82 17.85
N GLU B 697 -37.96 5.10 16.56
CA GLU B 697 -39.11 5.42 15.71
C GLU B 697 -39.93 6.57 16.30
N ALA B 698 -39.24 7.60 16.78
CA ALA B 698 -39.92 8.71 17.43
C ALA B 698 -40.75 9.52 16.45
N GLN B 699 -40.44 9.48 15.16
CA GLN B 699 -41.23 10.24 14.21
C GLN B 699 -42.64 9.68 14.06
N ASN B 700 -42.86 8.43 14.49
CA ASN B 700 -44.16 7.80 14.45
C ASN B 700 -44.95 7.95 15.75
N PHE B 701 -44.37 8.58 16.77
CA PHE B 701 -45.08 8.80 18.01
C PHE B 701 -46.23 9.79 17.79
N ARG B 702 -47.09 9.93 18.79
CA ARG B 702 -48.21 10.85 18.70
C ARG B 702 -48.43 11.51 20.06
N THR B 703 -49.06 12.69 20.02
CA THR B 703 -49.32 13.46 21.23
C THR B 703 -50.69 13.16 21.84
N GLU B 704 -51.49 12.31 21.20
CA GLU B 704 -52.86 12.11 21.64
C GLU B 704 -52.94 11.52 23.05
N ASP B 705 -51.93 10.73 23.45
CA ASP B 705 -51.93 10.12 24.77
C ASP B 705 -51.34 11.03 25.84
N GLY B 706 -50.35 11.84 25.50
CA GLY B 706 -49.69 12.73 26.44
C GLY B 706 -48.38 13.22 25.89
N ASP B 707 -47.77 14.15 26.62
CA ASP B 707 -46.50 14.74 26.20
C ASP B 707 -45.37 13.82 26.62
N TRP B 708 -44.97 12.93 25.71
CA TRP B 708 -43.92 11.97 26.03
C TRP B 708 -42.56 12.64 26.12
N TYR B 709 -42.29 13.64 25.27
CA TYR B 709 -40.97 14.24 25.25
C TYR B 709 -40.66 14.97 26.55
N GLY B 710 -41.63 15.69 27.10
CA GLY B 710 -41.42 16.31 28.40
C GLY B 710 -41.24 15.29 29.50
N LYS B 711 -42.00 14.19 29.44
CA LYS B 711 -41.83 13.12 30.42
C LYS B 711 -40.46 12.48 30.30
N ALA B 712 -39.97 12.31 29.08
CA ALA B 712 -38.65 11.70 28.88
C ALA B 712 -37.55 12.56 29.48
N LYS B 713 -37.64 13.88 29.31
CA LYS B 713 -36.66 14.78 29.89
C LYS B 713 -36.69 14.73 31.41
N SER B 714 -37.90 14.71 31.99
CA SER B 714 -38.03 14.76 33.44
C SER B 714 -37.38 13.56 34.11
N ILE B 715 -37.60 12.36 33.54
CA ILE B 715 -37.04 11.16 34.14
C ILE B 715 -35.52 11.17 34.06
N THR B 716 -34.97 11.58 32.91
CA THR B 716 -33.53 11.54 32.71
C THR B 716 -32.80 12.67 33.44
N ARG B 717 -33.37 13.87 33.48
CA ARG B 717 -32.66 15.00 34.07
C ARG B 717 -32.62 14.95 35.58
N ARG B 718 -33.51 14.20 36.21
CA ARG B 718 -33.48 14.00 37.66
C ARG B 718 -32.76 12.72 38.05
N ALA B 719 -31.99 12.14 37.15
CA ALA B 719 -31.24 10.93 37.45
C ALA B 719 -30.07 11.23 38.37
N LYS B 720 -29.41 10.17 38.81
CA LYS B 720 -28.30 10.31 39.76
C LYS B 720 -27.08 10.93 39.10
N GLY B 721 -26.79 10.55 37.86
CA GLY B 721 -25.64 11.06 37.15
C GLY B 721 -25.93 12.31 36.34
N GLY B 722 -26.57 13.30 36.97
CA GLY B 722 -26.96 14.50 36.28
C GLY B 722 -27.94 14.21 35.16
N PRO B 723 -27.78 14.87 34.02
CA PRO B 723 -28.61 14.55 32.86
C PRO B 723 -28.22 13.21 32.25
N GLY B 724 -29.03 12.19 32.48
CA GLY B 724 -28.74 10.87 31.95
C GLY B 724 -28.95 10.80 30.44
N ILE B 725 -28.60 9.65 29.89
CA ILE B 725 -28.69 9.46 28.45
C ILE B 725 -30.15 9.53 28.02
N LEU B 726 -30.44 10.44 27.09
CA LEU B 726 -31.75 10.52 26.44
C LEU B 726 -31.48 10.65 24.95
N TRP B 727 -31.34 9.51 24.28
CA TRP B 727 -31.07 9.48 22.86
C TRP B 727 -32.37 9.18 22.13
N ILE B 728 -32.66 9.95 21.08
CA ILE B 728 -33.87 9.79 20.29
C ILE B 728 -33.46 9.39 18.89
N PHE B 729 -33.78 8.17 18.50
CA PHE B 729 -33.54 7.68 17.16
C PHE B 729 -34.79 7.90 16.33
N LEU B 730 -34.62 8.49 15.14
CA LEU B 730 -35.79 8.87 14.35
C LEU B 730 -35.39 8.94 12.89
N ASP B 731 -36.40 8.85 12.02
CA ASP B 731 -36.19 8.82 10.57
C ASP B 731 -37.42 9.45 9.93
N TYR B 732 -37.29 10.69 9.47
CA TYR B 732 -38.44 11.40 8.93
C TYR B 732 -38.89 10.87 7.58
N PHE B 733 -38.05 10.10 6.90
CA PHE B 733 -38.48 9.48 5.65
C PHE B 733 -39.54 8.42 5.87
N GLN B 734 -39.60 7.81 7.05
CA GLN B 734 -40.53 6.74 7.37
C GLN B 734 -41.71 7.24 8.19
N THR B 735 -42.19 8.44 7.89
CA THR B 735 -43.31 9.02 8.63
C THR B 735 -44.60 8.38 8.13
N SER B 736 -45.22 7.56 8.97
CA SER B 736 -46.41 6.80 8.58
C SER B 736 -47.71 7.47 8.95
N HIS B 737 -47.68 8.65 9.58
CA HIS B 737 -48.90 9.29 10.05
C HIS B 737 -48.79 10.79 9.87
N LEU B 738 -49.93 11.46 9.89
CA LEU B 738 -50.01 12.89 9.64
C LEU B 738 -50.22 13.72 10.89
N ASP B 739 -50.30 13.10 12.07
CA ASP B 739 -50.50 13.85 13.30
C ASP B 739 -49.20 14.48 13.77
N CYS B 740 -49.24 15.03 14.98
CA CYS B 740 -48.06 15.63 15.60
C CYS B 740 -47.27 14.57 16.34
N SER B 741 -45.97 14.48 16.03
CA SER B 741 -45.14 13.45 16.65
C SER B 741 -44.78 13.78 18.09
N GLY B 742 -44.83 15.05 18.48
CA GLY B 742 -44.45 15.46 19.81
C GLY B 742 -42.99 15.78 19.99
N LEU B 743 -42.18 15.66 18.94
CA LEU B 743 -40.77 16.00 19.01
C LEU B 743 -40.61 17.51 19.15
N PRO B 744 -39.53 17.97 19.76
CA PRO B 744 -39.25 19.40 19.78
C PRO B 744 -38.93 19.90 18.38
N PRO B 745 -39.10 21.19 18.11
CA PRO B 745 -38.90 21.70 16.75
C PRO B 745 -37.50 21.40 16.24
N LEU B 746 -37.36 21.43 14.91
CA LEU B 746 -36.11 20.99 14.28
C LEU B 746 -34.91 21.78 14.78
N SER B 747 -35.10 23.06 15.09
CA SER B 747 -33.99 23.86 15.61
C SER B 747 -33.59 23.45 17.01
N ASP B 748 -34.50 22.82 17.76
CA ASP B 748 -34.21 22.39 19.13
C ASP B 748 -33.66 20.97 19.17
N GLN B 749 -33.68 20.25 18.05
CA GLN B 749 -33.18 18.88 18.00
C GLN B 749 -31.67 18.85 17.83
N TYR B 750 -30.98 19.28 18.89
CA TYR B 750 -29.53 19.28 18.95
C TYR B 750 -29.06 18.75 20.30
N PRO B 751 -27.87 18.12 20.33
CA PRO B 751 -26.96 17.83 19.22
C PRO B 751 -27.50 16.78 18.29
N ARG B 752 -26.83 16.53 17.17
CA ARG B 752 -27.32 15.60 16.16
C ARG B 752 -26.24 14.60 15.78
N GLU B 753 -26.69 13.41 15.42
CA GLU B 753 -25.89 12.44 14.69
C GLU B 753 -26.72 11.96 13.51
N GLU B 754 -26.06 11.69 12.40
CA GLU B 754 -26.77 11.32 11.18
C GLU B 754 -26.19 10.02 10.64
N LEU B 755 -27.05 9.04 10.43
CA LEU B 755 -26.67 7.76 9.82
C LEU B 755 -27.10 7.82 8.36
N THR B 756 -26.14 8.03 7.47
CA THR B 756 -26.46 8.23 6.06
C THR B 756 -26.12 7.05 5.18
N ARG B 757 -25.20 6.19 5.58
CA ARG B 757 -24.79 5.06 4.76
C ARG B 757 -25.79 3.92 4.92
N ILE B 758 -26.32 3.44 3.79
CA ILE B 758 -27.28 2.34 3.79
C ILE B 758 -26.53 1.03 3.90
N VAL B 759 -26.48 0.48 5.11
CA VAL B 759 -25.72 -0.75 5.35
C VAL B 759 -26.60 -1.94 5.69
N ARG B 760 -27.90 -1.86 5.43
CA ARG B 760 -28.83 -2.87 5.89
C ARG B 760 -29.64 -3.51 4.78
N ASN B 761 -29.45 -3.12 3.52
CA ASN B 761 -30.18 -3.70 2.40
C ASN B 761 -29.22 -4.01 1.27
N ALA B 762 -29.61 -4.99 0.45
CA ALA B 762 -28.79 -5.38 -0.70
C ALA B 762 -28.86 -4.32 -1.78
N ASP B 763 -28.00 -4.46 -2.79
CA ASP B 763 -27.84 -3.41 -3.79
C ASP B 763 -29.12 -3.05 -4.55
N PRO B 764 -29.88 -4.00 -5.12
CA PRO B 764 -31.14 -3.60 -5.76
C PRO B 764 -32.13 -2.97 -4.80
N ILE B 765 -32.15 -3.42 -3.55
CA ILE B 765 -33.04 -2.82 -2.56
C ILE B 765 -32.56 -1.42 -2.20
N ALA B 766 -31.25 -1.27 -1.97
CA ALA B 766 -30.72 0.02 -1.58
C ALA B 766 -30.91 1.06 -2.67
N LYS B 767 -30.69 0.67 -3.93
CA LYS B 767 -30.91 1.60 -5.03
C LYS B 767 -32.37 2.01 -5.12
N TYR B 768 -33.28 1.11 -4.72
CA TYR B 768 -34.71 1.45 -4.76
C TYR B 768 -35.07 2.45 -3.68
N LEU B 769 -34.46 2.34 -2.50
CA LEU B 769 -34.76 3.27 -1.42
C LEU B 769 -34.39 4.70 -1.81
N GLN B 770 -33.21 4.87 -2.41
CA GLN B 770 -32.77 6.21 -2.79
C GLN B 770 -33.67 6.81 -3.86
N LYS B 771 -34.16 5.98 -4.79
CA LYS B 771 -35.09 6.47 -5.80
C LYS B 771 -36.38 6.97 -5.16
N GLU B 772 -36.90 6.23 -4.18
CA GLU B 772 -38.12 6.66 -3.50
C GLU B 772 -37.87 7.80 -2.53
N MET B 773 -36.66 7.89 -1.99
CA MET B 773 -36.32 9.00 -1.10
C MET B 773 -36.34 10.32 -1.86
N GLN B 774 -35.92 10.31 -3.12
CA GLN B 774 -35.93 11.52 -3.93
C GLN B 774 -37.35 12.02 -4.19
N VAL B 775 -38.30 11.09 -4.31
CA VAL B 775 -39.69 11.50 -4.57
C VAL B 775 -40.24 12.29 -3.39
N ILE B 776 -39.99 11.83 -2.17
CA ILE B 776 -40.50 12.54 -1.00
C ILE B 776 -39.85 13.90 -0.85
N ARG B 777 -38.56 14.00 -1.20
CA ARG B 777 -37.89 15.30 -1.14
C ARG B 777 -38.59 16.32 -2.03
N SER B 778 -39.09 15.89 -3.19
CA SER B 778 -39.83 16.79 -4.06
C SER B 778 -41.19 17.15 -3.49
N ASN B 779 -41.85 16.23 -2.80
CA ASN B 779 -43.18 16.50 -2.27
C ASN B 779 -43.31 15.99 -0.84
N PRO B 780 -42.67 16.65 0.13
CA PRO B 780 -42.76 16.19 1.52
C PRO B 780 -44.14 16.43 2.10
N SER B 781 -44.48 15.64 3.10
CA SER B 781 -45.75 15.82 3.81
C SER B 781 -45.72 17.12 4.60
N PHE B 782 -46.90 17.68 4.85
CA PHE B 782 -46.96 18.99 5.52
C PHE B 782 -46.52 18.91 6.97
N ASN B 783 -46.73 17.76 7.63
CA ASN B 783 -46.40 17.64 9.05
C ASN B 783 -44.91 17.59 9.31
N ILE B 784 -44.11 17.14 8.34
CA ILE B 784 -42.66 17.03 8.57
C ILE B 784 -42.05 18.43 8.57
N PRO B 785 -41.11 18.72 9.46
CA PRO B 785 -40.42 20.02 9.43
C PRO B 785 -39.65 20.19 8.12
N THR B 786 -39.48 21.45 7.73
CA THR B 786 -38.97 21.79 6.40
C THR B 786 -37.56 21.25 6.16
N GLY B 787 -36.68 21.37 7.14
CA GLY B 787 -35.29 21.00 6.96
C GLY B 787 -34.97 19.52 7.10
N CYS B 788 -35.98 18.68 7.32
CA CYS B 788 -35.73 17.27 7.56
C CYS B 788 -35.28 16.53 6.31
N LEU B 789 -35.91 16.81 5.17
CA LEU B 789 -35.75 15.97 3.99
C LEU B 789 -34.49 16.28 3.19
N GLU B 790 -33.72 17.30 3.56
CA GLU B 790 -32.49 17.62 2.85
C GLU B 790 -31.29 16.80 3.32
N VAL B 791 -31.51 15.77 4.13
CA VAL B 791 -30.43 14.85 4.50
C VAL B 791 -30.19 13.88 3.35
N PHE B 792 -28.94 13.77 2.91
CA PHE B 792 -28.61 12.93 1.78
C PHE B 792 -27.70 11.78 2.19
N PRO B 793 -27.77 10.65 1.51
CA PRO B 793 -26.89 9.52 1.83
C PRO B 793 -25.46 9.83 1.46
N GLU B 794 -24.60 8.82 1.63
CA GLU B 794 -23.19 8.96 1.32
C GLU B 794 -23.02 9.27 -0.17
N ALA B 795 -22.00 10.08 -0.48
CA ALA B 795 -21.80 10.56 -1.84
C ALA B 795 -21.69 9.40 -2.82
N GLU B 796 -20.86 8.41 -2.51
CA GLU B 796 -20.77 7.17 -3.27
C GLU B 796 -20.65 6.02 -2.30
N TRP B 797 -21.62 5.12 -2.33
CA TRP B 797 -21.65 4.01 -1.38
C TRP B 797 -22.40 2.84 -2.01
N SER B 798 -21.77 1.67 -1.99
CA SER B 798 -22.41 0.45 -2.44
C SER B 798 -22.01 -0.67 -1.49
N GLN B 799 -22.99 -1.50 -1.12
CA GLN B 799 -22.77 -2.57 -0.16
C GLN B 799 -22.01 -3.74 -0.77
N GLY B 800 -21.99 -3.87 -2.09
CA GLY B 800 -21.37 -5.03 -2.70
C GLY B 800 -22.10 -6.33 -2.42
N VAL B 801 -23.37 -6.24 -2.01
CA VAL B 801 -24.20 -7.40 -1.72
C VAL B 801 -25.34 -7.39 -2.72
N GLN B 802 -25.47 -8.46 -3.49
CA GLN B 802 -26.49 -8.51 -4.53
C GLN B 802 -27.78 -9.14 -4.01
N GLY B 803 -28.90 -8.62 -4.48
CA GLY B 803 -30.21 -9.09 -4.05
C GLY B 803 -31.21 -9.05 -5.19
N THR B 804 -32.50 -9.10 -4.87
CA THR B 804 -33.55 -9.18 -5.88
C THR B 804 -34.69 -8.27 -5.50
N LEU B 805 -35.15 -7.47 -6.45
CA LEU B 805 -36.34 -6.64 -6.27
C LEU B 805 -37.18 -6.75 -7.53
N ARG B 806 -38.39 -7.31 -7.40
CA ARG B 806 -39.28 -7.52 -8.53
C ARG B 806 -40.66 -6.99 -8.19
N ILE B 807 -41.26 -6.27 -9.13
CA ILE B 807 -42.56 -5.64 -8.95
C ILE B 807 -43.52 -6.25 -9.97
N LYS B 808 -44.62 -6.82 -9.48
CA LYS B 808 -45.62 -7.47 -10.31
C LYS B 808 -46.94 -6.73 -10.12
N LYS B 809 -47.53 -6.25 -11.20
CA LYS B 809 -48.65 -5.33 -11.13
C LYS B 809 -49.81 -5.81 -11.99
N TYR B 810 -51.00 -5.32 -11.64
CA TYR B 810 -52.29 -5.68 -12.23
C TYR B 810 -52.68 -7.14 -12.00
N LEU B 811 -51.91 -7.86 -11.20
CA LEU B 811 -52.29 -9.23 -10.87
C LEU B 811 -53.46 -9.25 -9.90
N THR B 812 -54.37 -10.20 -10.10
CA THR B 812 -55.48 -10.38 -9.17
C THR B 812 -54.98 -11.02 -7.88
N VAL B 813 -55.83 -10.95 -6.84
CA VAL B 813 -55.43 -11.44 -5.53
C VAL B 813 -55.04 -12.91 -5.60
N GLU B 814 -55.86 -13.72 -6.27
CA GLU B 814 -55.50 -15.13 -6.45
C GLU B 814 -54.24 -15.25 -7.30
N GLN B 815 -54.08 -14.41 -8.31
CA GLN B 815 -52.86 -14.41 -9.10
C GLN B 815 -51.66 -13.96 -8.27
N ILE B 816 -51.85 -12.95 -7.42
CA ILE B 816 -50.77 -12.51 -6.54
C ILE B 816 -50.42 -13.61 -5.55
N MET B 817 -51.44 -14.20 -4.92
CA MET B 817 -51.16 -15.09 -3.80
C MET B 817 -50.60 -16.42 -4.27
N THR B 818 -50.82 -16.75 -5.54
CA THR B 818 -50.17 -17.93 -6.12
C THR B 818 -48.68 -17.70 -6.31
N CYS B 819 -48.30 -16.53 -6.82
CA CYS B 819 -46.89 -16.22 -7.01
C CYS B 819 -46.16 -16.19 -5.68
N VAL B 820 -46.83 -15.73 -4.62
CA VAL B 820 -46.24 -15.77 -3.28
C VAL B 820 -45.99 -17.21 -2.86
N ALA B 821 -46.98 -18.08 -3.07
CA ALA B 821 -46.82 -19.48 -2.68
C ALA B 821 -45.80 -20.19 -3.55
N ASP B 822 -45.80 -19.92 -4.85
CA ASP B 822 -44.85 -20.57 -5.75
C ASP B 822 -43.42 -20.15 -5.44
N THR B 823 -43.21 -18.84 -5.21
CA THR B 823 -41.87 -18.34 -4.95
C THR B 823 -41.33 -18.86 -3.63
N CYS B 824 -42.18 -18.94 -2.61
CA CYS B 824 -41.74 -19.49 -1.33
C CYS B 824 -41.32 -20.95 -1.47
N ARG B 825 -42.07 -21.73 -2.26
CA ARG B 825 -41.74 -23.13 -2.45
C ARG B 825 -40.38 -23.29 -3.14
N ARG B 826 -40.13 -22.48 -4.16
CA ARG B 826 -38.83 -22.54 -4.84
C ARG B 826 -37.71 -22.18 -3.88
N PHE B 827 -37.91 -21.15 -3.06
CA PHE B 827 -36.91 -20.79 -2.06
C PHE B 827 -36.76 -21.92 -1.03
N PHE B 828 -37.87 -22.49 -0.58
CA PHE B 828 -37.80 -23.54 0.44
C PHE B 828 -37.15 -24.80 -0.11
N ASP B 829 -37.35 -25.09 -1.40
CA ASP B 829 -36.70 -26.24 -2.01
C ASP B 829 -35.19 -26.10 -2.02
N ARG B 830 -34.69 -24.90 -2.32
CA ARG B 830 -33.26 -24.68 -2.36
C ARG B 830 -32.61 -24.80 -1.00
N GLY B 831 -33.39 -24.80 0.08
CA GLY B 831 -32.87 -24.95 1.43
C GLY B 831 -33.14 -23.78 2.34
N TYR B 832 -33.77 -22.71 1.86
CA TYR B 832 -34.13 -21.60 2.72
C TYR B 832 -35.16 -22.04 3.75
N SER B 833 -35.08 -21.42 4.94
CA SER B 833 -36.01 -21.74 6.01
C SER B 833 -37.16 -20.74 6.03
N PRO B 834 -38.34 -21.16 6.50
CA PRO B 834 -39.49 -20.24 6.51
C PRO B 834 -39.28 -18.99 7.35
N LYS B 835 -38.41 -19.03 8.36
CA LYS B 835 -38.18 -17.87 9.19
C LYS B 835 -37.42 -16.76 8.47
N ASP B 836 -37.15 -16.93 7.18
CA ASP B 836 -36.56 -15.88 6.37
C ASP B 836 -37.57 -15.21 5.46
N VAL B 837 -38.86 -15.47 5.65
CA VAL B 837 -39.90 -14.96 4.77
C VAL B 837 -40.89 -14.13 5.59
N ALA B 838 -41.36 -13.04 4.99
CA ALA B 838 -42.40 -12.22 5.60
C ALA B 838 -43.33 -11.71 4.50
N VAL B 839 -44.62 -11.71 4.80
CA VAL B 839 -45.64 -11.17 3.91
C VAL B 839 -46.29 -9.99 4.60
N LEU B 840 -46.07 -8.80 4.08
CA LEU B 840 -46.51 -7.57 4.71
C LEU B 840 -47.68 -6.99 3.92
N VAL B 841 -48.78 -6.74 4.61
CA VAL B 841 -49.95 -6.15 3.99
C VAL B 841 -50.08 -4.71 4.47
N SER B 842 -51.00 -3.97 3.87
CA SER B 842 -51.10 -2.54 4.15
C SER B 842 -51.56 -2.28 5.58
N THR B 843 -52.63 -2.93 6.02
CA THR B 843 -53.27 -2.60 7.29
C THR B 843 -53.53 -3.87 8.08
N ALA B 844 -53.50 -3.74 9.41
CA ALA B 844 -53.72 -4.88 10.28
C ALA B 844 -55.14 -5.44 10.17
N LYS B 845 -56.12 -4.59 9.82
CA LYS B 845 -57.46 -5.11 9.59
C LYS B 845 -57.51 -5.95 8.32
N GLU B 846 -56.57 -5.73 7.41
CA GLU B 846 -56.53 -6.49 6.17
C GLU B 846 -55.72 -7.78 6.30
N VAL B 847 -55.13 -8.02 7.48
CA VAL B 847 -54.37 -9.25 7.70
C VAL B 847 -55.29 -10.46 7.61
N GLU B 848 -56.45 -10.39 8.27
CA GLU B 848 -57.31 -11.56 8.37
C GLU B 848 -57.88 -11.96 7.00
N HIS B 849 -58.12 -10.98 6.13
CA HIS B 849 -58.56 -11.28 4.77
C HIS B 849 -57.52 -12.08 4.01
N TYR B 850 -56.25 -11.65 4.09
CA TYR B 850 -55.20 -12.29 3.31
C TYR B 850 -54.64 -13.54 3.98
N LYS B 851 -54.78 -13.67 5.30
CA LYS B 851 -54.28 -14.87 5.96
C LYS B 851 -55.03 -16.10 5.50
N TYR B 852 -56.35 -15.98 5.33
CA TYR B 852 -57.13 -17.10 4.79
C TYR B 852 -56.74 -17.40 3.34
N GLU B 853 -56.48 -16.34 2.56
CA GLU B 853 -56.13 -16.53 1.16
C GLU B 853 -54.81 -17.26 1.00
N LEU B 854 -53.81 -16.92 1.82
CA LEU B 854 -52.52 -17.60 1.74
C LEU B 854 -52.64 -19.07 2.12
N LEU B 855 -53.27 -19.35 3.27
CA LEU B 855 -53.43 -20.74 3.70
C LEU B 855 -54.22 -21.53 2.67
N LYS B 856 -55.13 -20.88 1.95
CA LYS B 856 -55.87 -21.56 0.89
C LYS B 856 -54.94 -21.97 -0.25
N ALA B 857 -54.00 -21.10 -0.63
CA ALA B 857 -53.15 -21.38 -1.78
C ALA B 857 -51.83 -22.03 -1.37
N MET B 858 -51.34 -21.72 -0.18
CA MET B 858 -50.05 -22.25 0.24
C MET B 858 -50.14 -23.66 0.79
N ARG B 859 -51.36 -24.13 1.10
CA ARG B 859 -51.51 -25.50 1.61
C ARG B 859 -51.06 -26.52 0.58
N LYS B 860 -51.14 -26.16 -0.70
CA LYS B 860 -50.63 -27.04 -1.76
C LYS B 860 -49.13 -27.20 -1.66
N LYS B 861 -48.45 -26.28 -0.97
CA LYS B 861 -47.01 -26.31 -0.80
C LYS B 861 -46.60 -26.93 0.54
N ARG B 862 -47.49 -27.68 1.17
CA ARG B 862 -47.17 -28.55 2.31
C ARG B 862 -46.85 -27.76 3.58
N VAL B 863 -47.14 -26.46 3.61
CA VAL B 863 -47.03 -25.67 4.83
C VAL B 863 -48.31 -24.86 5.01
N VAL B 864 -48.93 -25.02 6.17
CA VAL B 864 -50.23 -24.40 6.44
C VAL B 864 -50.09 -23.60 7.73
N GLN B 865 -48.89 -23.12 8.01
CA GLN B 865 -48.63 -22.40 9.26
C GLN B 865 -48.17 -20.98 8.98
N LEU B 866 -48.72 -20.04 9.75
CA LEU B 866 -48.32 -18.64 9.68
C LEU B 866 -48.18 -18.11 11.11
N SER B 867 -47.47 -16.99 11.22
CA SER B 867 -47.25 -16.33 12.50
C SER B 867 -47.48 -14.84 12.36
N ASP B 868 -47.75 -14.18 13.47
CA ASP B 868 -47.82 -12.72 13.48
C ASP B 868 -46.47 -12.14 13.88
N ALA B 869 -46.31 -10.84 13.64
CA ALA B 869 -45.05 -10.19 13.92
C ALA B 869 -44.69 -10.18 15.40
N CYS B 870 -45.66 -10.43 16.29
CA CYS B 870 -45.35 -10.50 17.70
C CYS B 870 -44.50 -11.71 18.06
N ASP B 871 -44.48 -12.73 17.21
CA ASP B 871 -43.62 -13.89 17.37
C ASP B 871 -42.61 -13.92 16.23
N MET B 872 -41.33 -13.75 16.57
CA MET B 872 -40.26 -13.72 15.59
C MET B 872 -39.30 -14.90 15.73
N LEU B 873 -39.40 -15.66 16.81
CA LEU B 873 -38.55 -16.83 17.01
C LEU B 873 -39.12 -18.09 16.41
N GLY B 874 -40.44 -18.17 16.24
CA GLY B 874 -41.01 -19.34 15.59
C GLY B 874 -40.58 -19.44 14.15
N ASP B 875 -40.32 -20.67 13.70
CA ASP B 875 -39.89 -20.94 12.33
C ASP B 875 -41.11 -21.03 11.43
N HIS B 876 -41.76 -19.88 11.24
CA HIS B 876 -42.95 -19.79 10.42
C HIS B 876 -42.96 -18.46 9.69
N ILE B 877 -43.70 -18.41 8.58
CA ILE B 877 -43.77 -17.19 7.79
C ILE B 877 -44.59 -16.15 8.55
N VAL B 878 -44.04 -14.94 8.65
CA VAL B 878 -44.69 -13.88 9.39
C VAL B 878 -45.56 -13.07 8.44
N LEU B 879 -46.86 -13.02 8.72
CA LEU B 879 -47.80 -12.20 7.95
C LEU B 879 -48.39 -11.17 8.90
N ASP B 880 -48.24 -9.89 8.53
CA ASP B 880 -48.72 -8.80 9.38
C ASP B 880 -48.72 -7.53 8.54
N SER B 881 -49.04 -6.41 9.19
CA SER B 881 -49.12 -5.13 8.50
C SER B 881 -47.75 -4.50 8.38
N VAL B 882 -47.64 -3.54 7.45
CA VAL B 882 -46.36 -2.86 7.23
C VAL B 882 -45.97 -2.05 8.45
N ARG B 883 -46.90 -1.26 8.97
CA ARG B 883 -46.62 -0.38 10.11
C ARG B 883 -46.30 -1.21 11.34
N ARG B 884 -47.00 -2.32 11.53
CA ARG B 884 -46.78 -3.14 12.71
C ARG B 884 -45.44 -3.87 12.64
N PHE B 885 -44.84 -3.96 11.46
CA PHE B 885 -43.56 -4.66 11.28
C PHE B 885 -42.36 -3.71 11.36
N SER B 886 -42.57 -2.44 11.67
CA SER B 886 -41.49 -1.48 11.72
C SER B 886 -40.49 -1.85 12.82
N GLY B 887 -39.20 -1.69 12.51
CA GLY B 887 -38.13 -2.06 13.42
C GLY B 887 -37.58 -3.44 13.21
N LEU B 888 -38.30 -4.30 12.51
CA LEU B 888 -37.87 -5.67 12.21
C LEU B 888 -37.53 -5.78 10.74
N GLU B 889 -36.88 -6.89 10.37
CA GLU B 889 -36.55 -7.11 8.97
C GLU B 889 -36.36 -8.60 8.71
N ARG B 890 -36.61 -8.98 7.46
CA ARG B 890 -36.53 -10.36 7.00
C ARG B 890 -35.74 -10.38 5.70
N SER B 891 -35.12 -11.53 5.42
CA SER B 891 -34.37 -11.67 4.16
C SER B 891 -35.28 -11.55 2.95
N ILE B 892 -36.44 -12.20 3.00
CA ILE B 892 -37.39 -12.21 1.89
C ILE B 892 -38.69 -11.60 2.37
N VAL B 893 -39.16 -10.57 1.67
CA VAL B 893 -40.36 -9.83 2.05
C VAL B 893 -41.27 -9.73 0.85
N PHE B 894 -42.55 -10.04 1.05
CA PHE B 894 -43.57 -9.85 0.04
C PHE B 894 -44.49 -8.72 0.48
N GLY B 895 -44.61 -7.68 -0.35
CA GLY B 895 -45.49 -6.58 -0.08
C GLY B 895 -46.70 -6.63 -0.98
N ILE B 896 -47.87 -6.78 -0.38
CA ILE B 896 -49.11 -6.99 -1.12
C ILE B 896 -49.99 -5.75 -0.96
N HIS B 897 -50.27 -5.10 -2.08
CA HIS B 897 -51.17 -3.95 -2.18
C HIS B 897 -50.86 -2.88 -1.13
N PRO B 898 -49.75 -2.15 -1.28
CA PRO B 898 -49.50 -1.02 -0.39
C PRO B 898 -50.53 0.09 -0.62
N ARG B 899 -51.23 0.46 0.44
CA ARG B 899 -52.33 1.40 0.32
C ARG B 899 -52.38 2.28 1.56
N THR B 900 -52.92 3.48 1.40
CA THR B 900 -53.07 4.42 2.50
C THR B 900 -54.22 5.36 2.18
N ALA B 901 -54.73 6.01 3.22
CA ALA B 901 -55.85 6.94 3.04
C ALA B 901 -55.40 8.26 2.44
N ASP B 902 -54.12 8.57 2.48
CA ASP B 902 -53.61 9.83 1.94
C ASP B 902 -52.41 9.58 1.05
N PRO B 903 -52.45 9.95 -0.23
CA PRO B 903 -51.31 9.71 -1.11
C PRO B 903 -50.04 10.44 -0.68
N ALA B 904 -50.15 11.49 0.13
CA ALA B 904 -48.96 12.15 0.65
C ALA B 904 -48.14 11.21 1.53
N ILE B 905 -48.77 10.20 2.13
CA ILE B 905 -48.04 9.23 2.92
C ILE B 905 -47.61 8.04 2.08
N LEU B 906 -48.23 7.84 0.92
CA LEU B 906 -47.99 6.62 0.15
C LEU B 906 -46.52 6.39 -0.20
N PRO B 907 -45.74 7.39 -0.62
CA PRO B 907 -44.30 7.15 -0.75
C PRO B 907 -43.65 6.67 0.54
N ASN B 908 -44.10 7.14 1.70
CA ASN B 908 -43.50 6.71 2.96
C ASN B 908 -43.77 5.24 3.24
N VAL B 909 -44.89 4.71 2.75
CA VAL B 909 -45.23 3.32 3.00
C VAL B 909 -44.27 2.40 2.26
N LEU B 910 -43.99 2.71 0.99
CA LEU B 910 -43.09 1.87 0.21
C LEU B 910 -41.68 1.89 0.78
N ILE B 911 -41.21 3.05 1.23
CA ILE B 911 -39.90 3.12 1.88
C ILE B 911 -39.90 2.33 3.17
N CYS B 912 -40.97 2.45 3.96
CA CYS B 912 -41.07 1.66 5.18
C CYS B 912 -41.14 0.17 4.86
N LEU B 913 -41.84 -0.19 3.78
CA LEU B 913 -41.94 -1.58 3.36
C LEU B 913 -40.62 -2.08 2.81
N ALA B 914 -40.01 -1.32 1.90
CA ALA B 914 -38.83 -1.80 1.19
C ALA B 914 -37.65 -1.98 2.14
N SER B 915 -37.52 -1.11 3.14
CA SER B 915 -36.41 -1.23 4.08
C SER B 915 -36.50 -2.48 4.94
N ARG B 916 -37.65 -3.17 4.95
CA ARG B 916 -37.78 -4.40 5.72
C ARG B 916 -37.07 -5.57 5.06
N ALA B 917 -36.91 -5.54 3.73
CA ALA B 917 -36.37 -6.66 2.97
C ALA B 917 -34.86 -6.51 2.84
N LYS B 918 -34.11 -7.38 3.51
CA LYS B 918 -32.66 -7.29 3.43
C LYS B 918 -32.16 -7.63 2.03
N GLN B 919 -32.63 -8.72 1.43
CA GLN B 919 -32.08 -9.14 0.16
C GLN B 919 -33.12 -9.26 -0.94
N HIS B 920 -34.26 -9.88 -0.66
CA HIS B 920 -35.27 -10.16 -1.67
C HIS B 920 -36.54 -9.42 -1.32
N LEU B 921 -37.10 -8.71 -2.29
CA LEU B 921 -38.32 -7.95 -2.10
C LEU B 921 -39.23 -8.14 -3.30
N TYR B 922 -40.50 -8.45 -3.04
CA TYR B 922 -41.50 -8.57 -4.08
C TYR B 922 -42.69 -7.70 -3.69
N ILE B 923 -43.07 -6.78 -4.58
CA ILE B 923 -44.14 -5.83 -4.32
C ILE B 923 -45.23 -6.03 -5.35
N PHE B 924 -46.48 -6.00 -4.89
CA PHE B 924 -47.64 -6.14 -5.75
C PHE B 924 -48.58 -4.97 -5.54
N PRO B 925 -48.30 -3.81 -6.14
CA PRO B 925 -49.11 -2.62 -5.88
C PRO B 925 -50.47 -2.69 -6.56
N TRP B 926 -51.32 -1.73 -6.19
CA TRP B 926 -52.63 -1.63 -6.82
C TRP B 926 -52.50 -1.26 -8.29
N GLY B 927 -53.48 -1.70 -9.08
CA GLY B 927 -53.50 -1.42 -10.50
C GLY B 927 -54.86 -0.99 -11.00
#